data_6IK5
#
_entry.id   6IK5
#
_cell.length_a   92.136
_cell.length_b   95.335
_cell.length_c   158.327
_cell.angle_alpha   90.00
_cell.angle_beta   90.00
_cell.angle_gamma   90.00
#
_symmetry.space_group_name_H-M   'P 21 21 21'
#
loop_
_entity.id
_entity.type
_entity.pdbx_description
1 polymer Beta-galactosidase
2 branched 2-acetamido-2-deoxy-beta-D-glucopyranose-(1-4)-2-acetamido-2-deoxy-beta-D-glucopyranose
3 non-polymer 2-acetamido-2-deoxy-beta-D-glucopyranose
4 non-polymer beta-D-galactopyranose
5 water water
#
_entity_poly.entity_id   1
_entity_poly.type   'polypeptide(L)'
_entity_poly.pdbx_seq_one_letter_code
;EAEAEFSVSYDDRAIIINGKRKILISGSIHYPRSTPQMWPDLIQKAKDGGLDVIETYVFWNGHEPSPGKYNFEGRYDLVR
FIKMVQRAGLYVNLRIGPYVCAEWNFGGFPVWLKYVPGMEFRTNNQPFKVAMQGFVQKIVNMMKSENLFESQGGPIIMAQ
IENEYGPVEWEIGAPGKAYTKWAAQMAVGLKTGVPWIMCKQEDAPDPVIDTCNGFYCEGFRPNKPYKPKMWTEVWTGWYT
KFGGPIPQRPAEDIAFSVARFVQNNGSFFNYYMYHGGTNFGRTSSGLFIATSYDYDAPLDEYGLLNEPKYGHLRDLHKAI
KLSEPALVSSYAAVTSLGSNQEAHVYRSKSGACAAFLSNYDSRYSVKVTFQNRPYNLPPWSISILPDCKTAVYNTAQVNS
QSSSIKMTPAGGGLSWQSYNEETPTADDSDTLTANGLWEQKNVTRDSSDYLWYMTNVNIASNEGFLKNGKDPYLTVMSAG
HVLHVFVNGKLSGTVYGTLDNPKLTYSGNVKLRAGINKISLLSVSVGLPNVGVHYDTWNAGVLGPVTLSGLNEGSRNLAK
QKWSYKVGLKGESLSLHSLSGSSSVEWVRGSLMAQKQPLTWYKATFNAPGGNDPLALDMASMGKGQIWINGEGVGRHWPG
YIAQGDCSKCSYAGTFNEKKCQTNCGQPSQRWYHVPRSWLKPSGNLLVVFEEWGGNPTGISLVRRSRSAAAASFLEQK
;
_entity_poly.pdbx_strand_id   A,B
#
loop_
_chem_comp.id
_chem_comp.type
_chem_comp.name
_chem_comp.formula
GAL D-saccharide, beta linking beta-D-galactopyranose 'C6 H12 O6'
NAG D-saccharide, beta linking 2-acetamido-2-deoxy-beta-D-glucopyranose 'C8 H15 N O6'
#
# COMPACT_ATOMS: atom_id res chain seq x y z
N GLU A 5 -18.07 -18.38 1.97
CA GLU A 5 -17.35 -18.78 3.23
C GLU A 5 -17.03 -17.53 4.07
N PHE A 6 -16.66 -16.46 3.36
CA PHE A 6 -16.29 -15.17 3.94
C PHE A 6 -17.24 -14.12 3.41
N SER A 7 -17.97 -13.44 4.30
CA SER A 7 -18.78 -12.30 3.86
C SER A 7 -18.96 -11.33 5.03
N VAL A 8 -19.26 -10.07 4.70
CA VAL A 8 -19.77 -9.16 5.72
C VAL A 8 -21.03 -8.51 5.19
N SER A 9 -22.10 -8.60 5.99
CA SER A 9 -23.32 -7.87 5.70
C SER A 9 -23.83 -7.25 7.00
N TYR A 10 -25.07 -6.78 6.98
CA TYR A 10 -25.63 -6.26 8.21
C TYR A 10 -27.15 -6.38 8.20
N ASP A 11 -27.75 -6.26 9.38
CA ASP A 11 -29.20 -6.15 9.46
C ASP A 11 -29.54 -5.11 10.53
N ASP A 12 -30.81 -5.12 10.96
CA ASP A 12 -31.32 -4.14 11.91
C ASP A 12 -30.64 -4.37 13.25
N ARG A 13 -30.05 -5.55 13.45
CA ARG A 13 -29.50 -5.91 14.75
C ARG A 13 -27.97 -5.68 14.82
N ALA A 14 -27.22 -6.13 13.80
CA ALA A 14 -25.76 -6.19 13.92
C ALA A 14 -25.08 -6.26 12.57
N ILE A 15 -23.74 -6.04 12.56
CA ILE A 15 -22.91 -6.46 11.47
C ILE A 15 -22.90 -7.99 11.50
N ILE A 16 -22.98 -8.60 10.29
CA ILE A 16 -23.05 -10.05 10.20
C ILE A 16 -21.76 -10.53 9.53
N ILE A 17 -20.95 -11.34 10.24
CA ILE A 17 -19.69 -11.81 9.69
C ILE A 17 -19.79 -13.31 9.44
N ASN A 18 -19.53 -13.71 8.17
CA ASN A 18 -19.59 -15.09 7.73
C ASN A 18 -20.92 -15.71 8.20
N GLY A 19 -21.98 -14.91 8.11
CA GLY A 19 -23.34 -15.36 8.33
C GLY A 19 -23.80 -15.24 9.78
N LYS A 20 -22.92 -14.80 10.70
CA LYS A 20 -23.23 -14.71 12.13
C LYS A 20 -23.25 -13.25 12.63
N ARG A 21 -24.34 -12.84 13.29
CA ARG A 21 -24.39 -11.52 13.92
C ARG A 21 -23.35 -11.49 15.05
N LYS A 22 -22.69 -10.32 15.20
CA LYS A 22 -21.62 -10.11 16.17
C LYS A 22 -21.84 -8.79 16.90
N ILE A 23 -21.62 -8.82 18.22
CA ILE A 23 -21.48 -7.59 19.00
C ILE A 23 -19.97 -7.32 19.01
N LEU A 24 -19.55 -6.33 18.22
CA LEU A 24 -18.12 -6.10 17.98
C LEU A 24 -17.56 -5.04 18.92
N ILE A 25 -16.42 -5.40 19.54
CA ILE A 25 -15.66 -4.54 20.44
C ILE A 25 -14.39 -4.10 19.67
N SER A 26 -14.15 -2.79 19.60
CA SER A 26 -13.09 -2.30 18.73
C SER A 26 -12.24 -1.26 19.48
N GLY A 27 -10.99 -1.05 19.06
CA GLY A 27 -10.29 0.13 19.56
C GLY A 27 -9.42 0.70 18.45
N SER A 28 -9.17 2.01 18.54
CA SER A 28 -8.33 2.70 17.58
C SER A 28 -6.89 2.60 18.01
N ILE A 29 -6.03 2.26 17.04
CA ILE A 29 -4.59 2.36 17.15
C ILE A 29 -4.11 2.94 15.85
N HIS A 30 -3.52 4.14 15.87
CA HIS A 30 -3.12 4.76 14.60
C HIS A 30 -1.69 4.31 14.30
N TYR A 31 -1.50 3.60 13.18
CA TYR A 31 -0.24 2.94 12.86
C TYR A 31 0.95 3.92 12.89
N PRO A 32 0.89 5.16 12.36
CA PRO A 32 2.08 6.03 12.39
C PRO A 32 2.34 6.77 13.70
N ARG A 33 1.48 6.53 14.71
CA ARG A 33 1.68 7.14 16.03
C ARG A 33 2.39 6.14 16.96
N SER A 34 2.88 5.04 16.37
CA SER A 34 3.77 4.10 17.07
C SER A 34 4.79 3.59 16.06
N THR A 35 5.72 2.73 16.50
CA THR A 35 6.70 2.20 15.57
C THR A 35 6.32 0.78 15.21
N PRO A 36 6.82 0.22 14.09
CA PRO A 36 6.55 -1.19 13.78
C PRO A 36 7.06 -2.18 14.83
N GLN A 37 8.03 -1.76 15.66
CA GLN A 37 8.53 -2.62 16.73
C GLN A 37 7.49 -2.63 17.87
N MET A 38 6.64 -1.58 17.98
CA MET A 38 5.63 -1.58 19.03
C MET A 38 4.35 -2.32 18.60
N TRP A 39 4.06 -2.30 17.29
CA TRP A 39 2.75 -2.73 16.82
C TRP A 39 2.37 -4.13 17.31
N PRO A 40 3.22 -5.18 17.21
CA PRO A 40 2.79 -6.52 17.66
C PRO A 40 2.36 -6.55 19.13
N ASP A 41 3.10 -5.83 19.99
CA ASP A 41 2.79 -5.76 21.42
C ASP A 41 1.50 -4.99 21.69
N LEU A 42 1.28 -3.87 20.97
CA LEU A 42 0.05 -3.10 21.18
C LEU A 42 -1.14 -3.99 20.79
N ILE A 43 -1.00 -4.69 19.66
CA ILE A 43 -2.09 -5.53 19.13
C ILE A 43 -2.38 -6.70 20.10
N GLN A 44 -1.31 -7.28 20.68
CA GLN A 44 -1.47 -8.38 21.62
C GLN A 44 -2.18 -7.87 22.88
N LYS A 45 -1.81 -6.67 23.34
CA LYS A 45 -2.49 -6.11 24.51
C LYS A 45 -3.97 -5.82 24.20
N ALA A 46 -4.27 -5.36 22.97
CA ALA A 46 -5.65 -5.08 22.55
C ALA A 46 -6.47 -6.39 22.56
N LYS A 47 -5.83 -7.45 22.06
CA LYS A 47 -6.46 -8.76 22.00
C LYS A 47 -6.71 -9.26 23.43
N ASP A 48 -5.70 -9.16 24.29
CA ASP A 48 -5.82 -9.54 25.70
C ASP A 48 -6.78 -8.61 26.45
N GLY A 49 -7.00 -7.40 25.94
CA GLY A 49 -7.95 -6.51 26.55
C GLY A 49 -9.39 -6.67 26.06
N GLY A 50 -9.64 -7.65 25.18
CA GLY A 50 -11.00 -8.06 24.84
C GLY A 50 -11.50 -7.39 23.56
N LEU A 51 -10.58 -6.82 22.75
CA LEU A 51 -11.00 -6.25 21.46
C LEU A 51 -11.13 -7.34 20.39
N ASP A 52 -12.13 -7.17 19.53
CA ASP A 52 -12.40 -8.00 18.36
C ASP A 52 -11.87 -7.31 17.12
N VAL A 53 -11.66 -5.99 17.22
CA VAL A 53 -11.44 -5.17 16.02
C VAL A 53 -10.39 -4.09 16.35
N ILE A 54 -9.53 -3.77 15.38
CA ILE A 54 -8.68 -2.56 15.46
C ILE A 54 -9.16 -1.60 14.37
N GLU A 55 -9.36 -0.33 14.77
CA GLU A 55 -9.84 0.74 13.91
C GLU A 55 -8.69 1.71 13.67
N THR A 56 -8.46 2.12 12.43
CA THR A 56 -7.43 3.15 12.18
C THR A 56 -7.89 4.01 11.02
N TYR A 57 -7.51 5.29 11.08
CA TYR A 57 -7.53 6.14 9.92
C TYR A 57 -6.36 5.76 8.99
N VAL A 58 -6.45 6.23 7.76
CA VAL A 58 -5.33 6.20 6.85
C VAL A 58 -4.89 7.65 6.74
N PHE A 59 -3.57 7.90 6.64
CA PHE A 59 -3.05 9.24 6.74
C PHE A 59 -2.42 9.70 5.42
N TRP A 60 -3.22 10.37 4.59
CA TRP A 60 -2.88 10.61 3.17
C TRP A 60 -1.55 11.37 3.08
N ASN A 61 -1.46 12.49 3.81
CA ASN A 61 -0.29 13.39 3.74
C ASN A 61 0.97 12.61 4.07
N GLY A 62 0.84 11.56 4.90
CA GLY A 62 1.98 10.72 5.23
C GLY A 62 2.36 9.81 4.06
N HIS A 63 1.35 9.34 3.34
CA HIS A 63 1.53 8.36 2.30
C HIS A 63 1.88 9.00 0.95
N GLU A 64 1.58 10.28 0.77
CA GLU A 64 1.79 10.93 -0.53
C GLU A 64 2.42 12.31 -0.30
N PRO A 65 3.70 12.36 0.11
CA PRO A 65 4.35 13.64 0.40
C PRO A 65 4.44 14.61 -0.78
N SER A 66 4.52 14.09 -2.00
CA SER A 66 4.43 14.90 -3.22
C SER A 66 3.59 14.14 -4.24
N PRO A 67 2.97 14.81 -5.23
CA PRO A 67 1.99 14.14 -6.11
C PRO A 67 2.58 12.90 -6.77
N GLY A 68 1.84 11.79 -6.66
CA GLY A 68 2.15 10.53 -7.31
C GLY A 68 3.37 9.79 -6.73
N LYS A 69 4.02 10.32 -5.69
CA LYS A 69 5.15 9.65 -5.03
C LYS A 69 4.76 9.14 -3.63
N TYR A 70 4.61 7.82 -3.48
CA TYR A 70 3.98 7.28 -2.27
C TYR A 70 5.02 6.79 -1.26
N ASN A 71 4.63 6.84 0.03
CA ASN A 71 5.44 6.28 1.10
C ASN A 71 4.59 5.30 1.90
N PHE A 72 4.95 4.01 1.86
CA PHE A 72 4.34 2.97 2.67
C PHE A 72 5.44 2.17 3.40
N GLU A 73 6.48 2.87 3.83
CA GLU A 73 7.57 2.20 4.56
C GLU A 73 7.61 2.66 6.01
N GLY A 74 8.39 1.94 6.82
CA GLY A 74 8.50 2.22 8.25
C GLY A 74 7.11 2.23 8.92
N ARG A 75 6.88 3.29 9.68
CA ARG A 75 5.66 3.40 10.48
C ARG A 75 4.49 3.80 9.59
N TYR A 76 4.76 3.99 8.29
CA TYR A 76 3.70 4.21 7.32
C TYR A 76 3.40 2.93 6.51
N ASP A 77 3.95 1.79 6.91
CA ASP A 77 3.65 0.50 6.29
C ASP A 77 2.29 -0.01 6.75
N LEU A 78 1.23 0.54 6.16
CA LEU A 78 -0.16 0.24 6.44
C LEU A 78 -0.47 -1.25 6.21
N VAL A 79 0.03 -1.81 5.09
CA VAL A 79 -0.18 -3.22 4.82
C VAL A 79 0.38 -4.09 5.94
N ARG A 80 1.60 -3.82 6.39
CA ARG A 80 2.22 -4.63 7.43
C ARG A 80 1.40 -4.57 8.72
N PHE A 81 0.91 -3.38 9.04
CA PHE A 81 0.14 -3.19 10.28
C PHE A 81 -1.12 -4.07 10.25
N ILE A 82 -1.89 -3.97 9.15
CA ILE A 82 -3.11 -4.74 8.97
C ILE A 82 -2.81 -6.24 9.03
N LYS A 83 -1.69 -6.68 8.43
CA LYS A 83 -1.36 -8.10 8.46
C LYS A 83 -1.04 -8.54 9.89
N MET A 84 -0.46 -7.64 10.71
CA MET A 84 -0.25 -8.01 12.11
C MET A 84 -1.59 -8.18 12.85
N VAL A 85 -2.58 -7.34 12.51
CA VAL A 85 -3.87 -7.43 13.20
C VAL A 85 -4.53 -8.77 12.82
N GLN A 86 -4.43 -9.11 11.53
CA GLN A 86 -4.96 -10.34 10.99
C GLN A 86 -4.33 -11.53 11.71
N ARG A 87 -3.02 -11.45 11.89
CA ARG A 87 -2.27 -12.51 12.52
C ARG A 87 -2.76 -12.75 13.94
N ALA A 88 -3.13 -11.67 14.65
CA ALA A 88 -3.55 -11.80 16.04
C ALA A 88 -4.98 -12.33 16.15
N GLY A 89 -5.68 -12.42 15.02
CA GLY A 89 -7.04 -12.93 14.95
C GLY A 89 -8.07 -11.83 15.16
N LEU A 90 -7.70 -10.58 14.81
CA LEU A 90 -8.61 -9.46 14.97
C LEU A 90 -9.05 -8.95 13.61
N TYR A 91 -10.22 -8.31 13.55
CA TYR A 91 -10.69 -7.63 12.35
C TYR A 91 -10.21 -6.18 12.34
N VAL A 92 -10.46 -5.49 11.24
CA VAL A 92 -10.08 -4.09 11.08
C VAL A 92 -11.27 -3.28 10.58
N ASN A 93 -11.41 -2.05 11.13
CA ASN A 93 -12.26 -1.01 10.57
C ASN A 93 -11.31 0.01 9.95
N LEU A 94 -11.24 0.11 8.61
CA LEU A 94 -10.26 0.99 7.98
C LEU A 94 -10.97 2.30 7.64
N ARG A 95 -10.62 3.38 8.38
CA ARG A 95 -11.24 4.68 8.19
C ARG A 95 -10.43 5.46 7.16
N ILE A 96 -10.79 5.27 5.89
CA ILE A 96 -9.94 5.81 4.84
C ILE A 96 -9.95 7.35 4.79
N GLY A 97 -11.12 7.96 4.98
CA GLY A 97 -11.26 9.41 4.88
C GLY A 97 -11.47 9.86 3.43
N PRO A 98 -10.49 10.54 2.78
CA PRO A 98 -9.17 10.77 3.37
C PRO A 98 -9.03 12.05 4.20
N TYR A 99 -10.08 12.86 4.30
CA TYR A 99 -10.07 13.77 5.44
C TYR A 99 -10.32 12.92 6.69
N VAL A 100 -9.44 13.02 7.71
CA VAL A 100 -9.56 12.14 8.87
C VAL A 100 -9.61 12.92 10.20
N CYS A 101 -9.31 14.22 10.15
CA CYS A 101 -9.31 15.08 11.33
C CYS A 101 -8.21 14.63 12.29
N ALA A 102 -8.56 13.89 13.37
CA ALA A 102 -7.56 13.06 14.08
C ALA A 102 -6.47 13.87 14.78
N GLU A 103 -6.69 15.16 15.06
CA GLU A 103 -5.64 16.04 15.59
C GLU A 103 -4.35 15.84 14.81
N TRP A 104 -4.49 15.64 13.50
CA TRP A 104 -3.36 15.32 12.63
C TRP A 104 -3.15 16.44 11.63
N ASN A 105 -1.89 16.74 11.30
CA ASN A 105 -1.49 17.86 10.45
C ASN A 105 -2.43 18.03 9.25
N PHE A 106 -3.10 19.18 9.16
CA PHE A 106 -3.95 19.56 8.04
C PHE A 106 -5.08 18.55 7.82
N GLY A 107 -5.49 17.80 8.87
CA GLY A 107 -6.61 16.90 8.75
C GLY A 107 -6.31 15.66 7.89
N GLY A 108 -5.03 15.51 7.48
CA GLY A 108 -4.60 14.42 6.64
C GLY A 108 -4.31 14.83 5.19
N PHE A 109 -4.79 16.00 4.77
CA PHE A 109 -4.63 16.43 3.39
C PHE A 109 -3.18 16.84 3.12
N PRO A 110 -2.57 16.34 2.02
CA PRO A 110 -1.24 16.79 1.60
C PRO A 110 -1.31 18.31 1.42
N VAL A 111 -0.30 19.02 1.93
CA VAL A 111 -0.32 20.47 1.77
C VAL A 111 -0.28 20.86 0.28
N TRP A 112 0.47 20.10 -0.51
CA TRP A 112 0.52 20.31 -1.97
C TRP A 112 -0.85 20.28 -2.64
N LEU A 113 -1.82 19.54 -2.06
CA LEU A 113 -3.14 19.40 -2.66
C LEU A 113 -3.81 20.76 -2.75
N LYS A 114 -3.52 21.63 -1.78
CA LYS A 114 -4.16 22.93 -1.65
C LYS A 114 -3.82 23.79 -2.86
N TYR A 115 -2.68 23.55 -3.50
CA TYR A 115 -2.23 24.44 -4.57
C TYR A 115 -2.51 23.90 -5.98
N VAL A 116 -3.31 22.85 -6.09
CA VAL A 116 -3.76 22.41 -7.40
C VAL A 116 -4.73 23.46 -7.96
N PRO A 117 -4.58 23.91 -9.24
CA PRO A 117 -5.48 24.92 -9.81
C PRO A 117 -6.96 24.54 -9.61
N GLY A 118 -7.76 25.48 -9.12
CA GLY A 118 -9.20 25.31 -9.02
C GLY A 118 -9.69 24.48 -7.82
N MET A 119 -8.78 24.15 -6.89
CA MET A 119 -9.02 23.24 -5.78
C MET A 119 -9.87 23.88 -4.68
N GLU A 120 -10.84 23.10 -4.19
CA GLU A 120 -11.58 23.43 -2.98
C GLU A 120 -11.88 22.14 -2.23
N PHE A 121 -11.52 22.07 -0.93
CA PHE A 121 -11.57 20.81 -0.18
C PHE A 121 -12.98 20.54 0.31
N ARG A 122 -13.33 19.25 0.41
CA ARG A 122 -14.52 18.81 1.13
C ARG A 122 -15.77 19.52 0.61
N THR A 123 -15.87 19.57 -0.73
CA THR A 123 -17.07 20.08 -1.40
C THR A 123 -17.16 19.51 -2.83
N ASN A 124 -18.20 19.93 -3.56
CA ASN A 124 -18.54 19.32 -4.83
C ASN A 124 -17.64 19.90 -5.90
N ASN A 125 -16.34 19.66 -5.78
CA ASN A 125 -15.33 20.39 -6.54
C ASN A 125 -14.55 19.35 -7.34
N GLN A 126 -14.42 19.59 -8.66
CA GLN A 126 -13.91 18.56 -9.56
C GLN A 126 -12.47 18.19 -9.23
N PRO A 127 -11.51 19.13 -9.09
CA PRO A 127 -10.13 18.72 -8.76
C PRO A 127 -10.03 17.96 -7.42
N PHE A 128 -10.89 18.30 -6.46
CA PHE A 128 -10.85 17.62 -5.17
C PHE A 128 -11.36 16.18 -5.32
N LYS A 129 -12.51 16.04 -6.01
CA LYS A 129 -13.12 14.73 -6.26
C LYS A 129 -12.13 13.81 -6.97
N VAL A 130 -11.42 14.36 -7.98
CA VAL A 130 -10.45 13.59 -8.72
C VAL A 130 -9.33 13.13 -7.79
N ALA A 131 -8.80 14.04 -6.97
CA ALA A 131 -7.67 13.68 -6.10
C ALA A 131 -8.17 12.74 -5.00
N MET A 132 -9.36 13.02 -4.41
CA MET A 132 -9.85 12.16 -3.33
C MET A 132 -10.17 10.78 -3.86
N GLN A 133 -10.90 10.71 -4.98
CA GLN A 133 -11.23 9.40 -5.53
C GLN A 133 -9.93 8.68 -5.79
N GLY A 134 -8.92 9.44 -6.27
CA GLY A 134 -7.72 8.74 -6.72
C GLY A 134 -6.99 8.06 -5.57
N PHE A 135 -6.94 8.73 -4.43
CA PHE A 135 -6.24 8.16 -3.28
C PHE A 135 -7.07 7.04 -2.63
N VAL A 136 -8.39 7.23 -2.53
CA VAL A 136 -9.24 6.20 -1.94
C VAL A 136 -9.10 4.94 -2.79
N GLN A 137 -9.18 5.10 -4.13
CA GLN A 137 -9.04 3.98 -5.05
C GLN A 137 -7.67 3.33 -4.87
N LYS A 138 -6.65 4.15 -4.64
CA LYS A 138 -5.31 3.62 -4.44
C LYS A 138 -5.29 2.70 -3.22
N ILE A 139 -5.85 3.18 -2.11
CA ILE A 139 -5.88 2.40 -0.89
C ILE A 139 -6.72 1.12 -1.06
N VAL A 140 -7.92 1.26 -1.64
CA VAL A 140 -8.78 0.10 -1.83
C VAL A 140 -8.08 -0.96 -2.71
N ASN A 141 -7.45 -0.53 -3.82
CA ASN A 141 -6.71 -1.47 -4.69
C ASN A 141 -5.57 -2.15 -3.92
N MET A 142 -4.82 -1.40 -3.10
CA MET A 142 -3.72 -2.01 -2.35
C MET A 142 -4.23 -3.07 -1.35
N MET A 143 -5.34 -2.77 -0.63
CA MET A 143 -5.93 -3.75 0.27
C MET A 143 -6.37 -4.97 -0.54
N LYS A 144 -7.10 -4.74 -1.64
CA LYS A 144 -7.56 -5.86 -2.46
C LYS A 144 -6.39 -6.70 -2.95
N SER A 145 -5.31 -6.04 -3.36
CA SER A 145 -4.18 -6.76 -3.93
C SER A 145 -3.52 -7.64 -2.88
N GLU A 146 -3.79 -7.41 -1.59
CA GLU A 146 -3.22 -8.19 -0.51
C GLU A 146 -4.30 -9.04 0.14
N ASN A 147 -5.49 -9.09 -0.47
CA ASN A 147 -6.57 -9.95 0.01
C ASN A 147 -6.95 -9.57 1.45
N LEU A 148 -7.04 -8.27 1.72
CA LEU A 148 -7.17 -7.84 3.12
C LEU A 148 -8.61 -7.51 3.46
N PHE A 149 -9.51 -7.43 2.46
CA PHE A 149 -10.92 -7.32 2.83
C PHE A 149 -11.41 -8.67 3.36
N GLU A 150 -12.40 -8.62 4.26
CA GLU A 150 -12.83 -9.84 4.92
C GLU A 150 -13.47 -10.75 3.88
N SER A 151 -14.21 -10.14 2.95
CA SER A 151 -14.79 -10.85 1.82
C SER A 151 -13.73 -11.67 1.08
N GLN A 152 -12.44 -11.42 1.32
CA GLN A 152 -11.37 -12.11 0.61
C GLN A 152 -10.64 -13.06 1.55
N GLY A 153 -11.11 -13.12 2.81
CA GLY A 153 -10.37 -13.90 3.80
C GLY A 153 -9.46 -13.04 4.66
N GLY A 154 -9.50 -11.71 4.49
CA GLY A 154 -8.61 -10.85 5.28
C GLY A 154 -9.33 -10.32 6.51
N PRO A 155 -8.73 -9.34 7.24
CA PRO A 155 -9.38 -8.72 8.40
C PRO A 155 -10.36 -7.54 8.23
N ILE A 156 -10.29 -6.79 7.13
CA ILE A 156 -11.03 -5.53 7.06
C ILE A 156 -12.53 -5.80 6.88
N ILE A 157 -13.34 -5.45 7.89
CA ILE A 157 -14.75 -5.82 7.84
C ILE A 157 -15.59 -4.61 7.47
N MET A 158 -14.97 -3.42 7.40
CA MET A 158 -15.71 -2.23 7.03
C MET A 158 -14.71 -1.09 6.77
N ALA A 159 -15.16 -0.09 6.00
CA ALA A 159 -14.34 1.09 5.71
C ALA A 159 -15.20 2.33 5.86
N GLN A 160 -14.57 3.45 6.26
CA GLN A 160 -15.21 4.74 6.40
C GLN A 160 -14.74 5.68 5.30
N ILE A 161 -15.70 6.37 4.70
CA ILE A 161 -15.45 7.46 3.76
C ILE A 161 -15.76 8.81 4.43
N GLU A 162 -14.93 9.84 4.15
CA GLU A 162 -14.99 11.14 4.81
C GLU A 162 -14.80 10.95 6.34
N ASN A 163 -15.03 12.03 7.07
CA ASN A 163 -15.08 11.94 8.53
C ASN A 163 -15.89 13.12 9.08
N GLU A 164 -17.00 12.85 9.77
CA GLU A 164 -17.80 13.90 10.41
C GLU A 164 -18.16 15.01 9.41
N TYR A 165 -18.63 14.61 8.23
CA TYR A 165 -18.95 15.59 7.20
C TYR A 165 -20.34 16.22 7.41
N GLY A 166 -21.24 15.51 8.11
CA GLY A 166 -22.61 15.97 8.32
C GLY A 166 -22.72 17.43 8.73
N PRO A 167 -22.03 17.84 9.84
CA PRO A 167 -22.02 19.24 10.27
C PRO A 167 -21.50 20.23 9.22
N VAL A 168 -20.53 19.79 8.39
CA VAL A 168 -19.98 20.65 7.36
C VAL A 168 -21.04 20.84 6.26
N GLU A 169 -21.53 19.71 5.74
CA GLU A 169 -22.62 19.68 4.77
C GLU A 169 -23.72 20.65 5.18
N TRP A 170 -24.09 20.60 6.47
CA TRP A 170 -25.24 21.34 6.97
C TRP A 170 -24.99 22.83 6.84
N GLU A 171 -23.76 23.24 7.15
CA GLU A 171 -23.35 24.63 7.09
C GLU A 171 -23.13 25.11 5.64
N ILE A 172 -22.58 24.27 4.75
CA ILE A 172 -22.20 24.75 3.41
C ILE A 172 -23.32 24.56 2.35
N GLY A 173 -24.38 23.82 2.69
CA GLY A 173 -25.60 23.77 1.88
C GLY A 173 -25.59 22.75 0.73
N ALA A 174 -26.28 23.10 -0.38
CA ALA A 174 -26.48 22.22 -1.52
C ALA A 174 -25.17 21.59 -2.04
N PRO A 175 -24.03 22.30 -2.18
CA PRO A 175 -22.80 21.62 -2.65
C PRO A 175 -22.32 20.54 -1.66
N GLY A 176 -22.67 20.71 -0.38
CA GLY A 176 -22.35 19.67 0.60
C GLY A 176 -23.19 18.41 0.36
N LYS A 177 -24.47 18.61 0.03
CA LYS A 177 -25.37 17.47 -0.20
C LYS A 177 -24.89 16.70 -1.42
N ALA A 178 -24.50 17.43 -2.47
CA ALA A 178 -24.02 16.80 -3.68
C ALA A 178 -22.77 15.97 -3.41
N TYR A 179 -21.80 16.53 -2.67
CA TYR A 179 -20.51 15.88 -2.42
C TYR A 179 -20.69 14.64 -1.53
N THR A 180 -21.56 14.73 -0.51
CA THR A 180 -21.96 13.59 0.30
C THR A 180 -22.39 12.44 -0.61
N LYS A 181 -23.37 12.71 -1.48
CA LYS A 181 -23.92 11.66 -2.33
C LYS A 181 -22.82 11.09 -3.22
N TRP A 182 -21.99 11.98 -3.76
CA TRP A 182 -20.92 11.57 -4.65
C TRP A 182 -19.95 10.64 -3.93
N ALA A 183 -19.57 11.05 -2.70
CA ALA A 183 -18.52 10.37 -1.96
C ALA A 183 -19.00 8.97 -1.62
N ALA A 184 -20.24 8.87 -1.15
CA ALA A 184 -20.83 7.60 -0.76
C ALA A 184 -20.92 6.66 -1.95
N GLN A 185 -21.40 7.18 -3.10
CA GLN A 185 -21.52 6.34 -4.30
C GLN A 185 -20.15 5.91 -4.82
N MET A 186 -19.15 6.82 -4.83
CA MET A 186 -17.79 6.50 -5.27
C MET A 186 -17.18 5.41 -4.41
N ALA A 187 -17.34 5.54 -3.08
CA ALA A 187 -16.82 4.53 -2.18
C ALA A 187 -17.55 3.18 -2.39
N VAL A 188 -18.88 3.17 -2.35
CA VAL A 188 -19.57 1.89 -2.46
C VAL A 188 -19.17 1.24 -3.79
N GLY A 189 -18.92 2.09 -4.78
CA GLY A 189 -18.62 1.65 -6.13
C GLY A 189 -17.28 0.91 -6.30
N LEU A 190 -16.43 0.93 -5.26
CA LEU A 190 -15.11 0.31 -5.35
C LEU A 190 -15.20 -1.18 -5.02
N LYS A 191 -16.42 -1.63 -4.66
CA LYS A 191 -16.72 -3.04 -4.57
C LYS A 191 -15.72 -3.73 -3.63
N THR A 192 -15.71 -3.28 -2.37
CA THR A 192 -14.80 -3.85 -1.40
C THR A 192 -15.33 -5.19 -0.93
N GLY A 193 -16.66 -5.38 -1.05
CA GLY A 193 -17.33 -6.58 -0.59
C GLY A 193 -17.75 -6.49 0.86
N VAL A 194 -17.48 -5.34 1.51
CA VAL A 194 -17.80 -5.20 2.94
C VAL A 194 -18.47 -3.82 3.11
N PRO A 195 -19.20 -3.57 4.22
CA PRO A 195 -19.97 -2.33 4.37
C PRO A 195 -19.09 -1.09 4.43
N TRP A 196 -19.72 0.03 4.09
CA TRP A 196 -19.10 1.34 4.23
C TRP A 196 -19.86 2.07 5.32
N ILE A 197 -19.14 2.93 6.05
CA ILE A 197 -19.74 3.74 7.09
C ILE A 197 -19.36 5.21 6.90
N MET A 198 -20.17 6.07 7.51
CA MET A 198 -19.88 7.51 7.61
C MET A 198 -20.29 7.97 9.00
N CYS A 199 -19.35 8.65 9.70
CA CYS A 199 -19.66 9.04 11.07
C CYS A 199 -20.24 10.46 11.09
N LYS A 200 -21.27 10.69 11.93
CA LYS A 200 -21.96 11.97 11.99
C LYS A 200 -22.40 12.41 10.58
N GLN A 201 -23.40 11.69 10.07
CA GLN A 201 -23.86 11.87 8.69
C GLN A 201 -25.29 11.34 8.62
N GLU A 202 -26.21 12.10 9.21
CA GLU A 202 -27.63 11.71 9.33
C GLU A 202 -28.20 11.31 7.95
N ASP A 203 -27.65 11.88 6.88
CA ASP A 203 -28.22 11.62 5.57
C ASP A 203 -27.39 10.58 4.79
N ALA A 204 -26.48 9.83 5.43
CA ALA A 204 -25.71 8.84 4.68
C ALA A 204 -26.63 8.00 3.79
N PRO A 205 -26.41 7.99 2.46
CA PRO A 205 -27.27 7.23 1.55
C PRO A 205 -27.04 5.72 1.60
N ASP A 206 -28.16 4.97 1.50
CA ASP A 206 -28.03 3.53 1.43
C ASP A 206 -27.01 3.22 0.34
N PRO A 207 -26.16 2.17 0.45
CA PRO A 207 -26.12 1.25 1.59
C PRO A 207 -25.17 1.61 2.73
N VAL A 208 -24.74 2.87 2.77
CA VAL A 208 -23.80 3.30 3.80
C VAL A 208 -24.51 3.34 5.16
N ILE A 209 -23.81 2.88 6.21
CA ILE A 209 -24.31 2.97 7.58
C ILE A 209 -23.78 4.28 8.17
N ASP A 210 -24.68 5.13 8.71
CA ASP A 210 -24.23 6.29 9.46
C ASP A 210 -23.95 5.87 10.89
N THR A 211 -22.93 6.49 11.49
CA THR A 211 -22.53 6.13 12.85
C THR A 211 -22.37 7.36 13.76
N CYS A 212 -22.09 7.10 15.05
CA CYS A 212 -22.13 8.13 16.08
C CYS A 212 -20.75 8.23 16.74
N ASN A 213 -20.30 9.46 16.99
CA ASN A 213 -19.08 9.69 17.78
C ASN A 213 -19.41 10.46 19.05
N GLY A 214 -18.66 10.24 20.14
CA GLY A 214 -18.93 11.09 21.31
C GLY A 214 -18.55 10.44 22.63
N PHE A 215 -18.76 11.17 23.74
CA PHE A 215 -18.56 10.54 25.04
C PHE A 215 -19.69 9.57 25.33
N TYR A 216 -20.91 9.85 24.82
CA TYR A 216 -22.03 8.92 25.00
C TYR A 216 -22.77 8.84 23.66
N CYS A 217 -23.32 7.67 23.31
CA CYS A 217 -24.09 7.60 22.06
C CYS A 217 -25.32 6.69 22.26
N GLU A 218 -25.75 6.47 23.50
CA GLU A 218 -26.80 5.48 23.76
C GLU A 218 -28.13 5.86 23.10
N GLY A 219 -28.43 7.16 22.93
CA GLY A 219 -29.66 7.66 22.32
C GLY A 219 -29.63 7.70 20.78
N PHE A 220 -28.45 7.43 20.18
CA PHE A 220 -28.28 7.50 18.73
C PHE A 220 -29.06 6.39 18.02
N ARG A 221 -29.63 6.72 16.85
CA ARG A 221 -30.23 5.72 15.99
C ARG A 221 -29.73 5.92 14.56
N PRO A 222 -29.29 4.86 13.87
CA PRO A 222 -28.91 5.00 12.46
C PRO A 222 -30.10 5.47 11.63
N ASN A 223 -29.83 5.90 10.39
CA ASN A 223 -30.83 6.63 9.61
C ASN A 223 -31.86 5.70 8.95
N LYS A 224 -31.66 4.39 9.02
CA LYS A 224 -32.72 3.48 8.55
C LYS A 224 -32.89 2.38 9.58
N PRO A 225 -34.10 1.82 9.77
CA PRO A 225 -34.27 0.73 10.74
C PRO A 225 -33.54 -0.55 10.34
N TYR A 226 -33.07 -0.68 9.08
CA TYR A 226 -32.42 -1.90 8.62
C TYR A 226 -30.89 -1.82 8.69
N LYS A 227 -30.40 -0.78 9.37
CA LYS A 227 -28.97 -0.58 9.60
C LYS A 227 -28.69 -0.80 11.08
N PRO A 228 -27.54 -1.40 11.46
CA PRO A 228 -27.20 -1.53 12.87
C PRO A 228 -26.67 -0.22 13.46
N LYS A 229 -26.67 -0.18 14.80
CA LYS A 229 -26.35 0.97 15.60
C LYS A 229 -24.89 0.83 16.02
N MET A 230 -24.07 1.81 15.61
CA MET A 230 -22.63 1.66 15.72
C MET A 230 -22.02 2.94 16.25
N TRP A 231 -21.04 2.79 17.18
CA TRP A 231 -20.40 3.95 17.79
C TRP A 231 -18.92 3.91 17.38
N THR A 232 -18.49 4.79 16.47
CA THR A 232 -17.17 4.67 15.87
C THR A 232 -16.07 5.32 16.74
N GLU A 233 -16.49 6.19 17.67
CA GLU A 233 -15.56 6.86 18.57
C GLU A 233 -16.17 7.01 19.97
N VAL A 234 -15.81 6.08 20.86
CA VAL A 234 -16.07 6.18 22.30
C VAL A 234 -14.86 6.94 22.86
N TRP A 235 -15.02 8.25 23.13
CA TRP A 235 -13.83 9.02 23.49
C TRP A 235 -13.34 8.61 24.90
N THR A 236 -12.06 8.20 24.96
CA THR A 236 -11.52 7.56 26.16
C THR A 236 -10.81 8.58 27.05
N GLY A 237 -10.90 9.83 26.65
CA GLY A 237 -10.13 10.90 27.27
C GLY A 237 -10.29 12.10 26.35
N TRP A 238 -9.21 12.88 26.19
CA TRP A 238 -9.22 13.91 25.16
C TRP A 238 -7.77 14.17 24.80
N TYR A 239 -7.56 14.90 23.73
CA TYR A 239 -6.20 15.16 23.29
C TYR A 239 -5.53 16.21 24.17
N THR A 240 -4.20 16.26 24.09
CA THR A 240 -3.45 17.25 24.86
C THR A 240 -3.01 18.34 23.88
N LYS A 241 -3.29 19.62 24.20
CA LYS A 241 -2.72 20.64 23.33
C LYS A 241 -1.54 21.30 24.07
N PHE A 242 -0.56 21.78 23.30
CA PHE A 242 0.41 22.66 23.93
C PHE A 242 -0.29 23.85 24.57
N GLY A 243 -0.01 24.05 25.86
CA GLY A 243 -0.64 25.13 26.61
C GLY A 243 -1.85 24.63 27.39
N GLY A 244 -2.26 23.39 27.14
CA GLY A 244 -3.40 22.86 27.87
C GLY A 244 -3.01 21.76 28.86
N PRO A 245 -3.99 21.33 29.67
CA PRO A 245 -3.80 20.26 30.63
C PRO A 245 -3.84 18.86 30.00
N ILE A 246 -3.47 17.85 30.81
CA ILE A 246 -3.59 16.45 30.37
C ILE A 246 -4.98 15.95 30.76
N PRO A 247 -5.94 15.81 29.80
CA PRO A 247 -7.33 15.51 30.14
C PRO A 247 -7.48 14.03 30.42
N GLN A 248 -8.28 13.69 31.43
CA GLN A 248 -8.54 12.30 31.72
C GLN A 248 -10.03 12.03 31.60
N ARG A 249 -10.39 10.75 31.36
CA ARG A 249 -11.77 10.33 31.50
C ARG A 249 -11.80 9.05 32.34
N PRO A 250 -12.55 9.07 33.47
CA PRO A 250 -12.56 7.92 34.38
C PRO A 250 -13.11 6.66 33.75
N ALA A 251 -12.46 5.55 34.09
CA ALA A 251 -12.82 4.23 33.58
C ALA A 251 -14.27 3.90 33.89
N GLU A 252 -14.78 4.32 35.09
CA GLU A 252 -16.14 3.92 35.46
C GLU A 252 -17.15 4.59 34.53
N ASP A 253 -16.84 5.82 34.10
CA ASP A 253 -17.76 6.56 33.24
C ASP A 253 -17.71 5.99 31.84
N ILE A 254 -16.50 5.64 31.38
CA ILE A 254 -16.39 5.01 30.07
C ILE A 254 -17.20 3.71 30.09
N ALA A 255 -16.99 2.89 31.12
CA ALA A 255 -17.66 1.60 31.17
C ALA A 255 -19.17 1.80 31.21
N PHE A 256 -19.65 2.76 32.03
CA PHE A 256 -21.07 3.12 32.04
C PHE A 256 -21.58 3.52 30.65
N SER A 257 -20.81 4.37 29.93
CA SER A 257 -21.22 4.83 28.61
C SER A 257 -21.34 3.66 27.62
N VAL A 258 -20.41 2.71 27.71
CA VAL A 258 -20.40 1.55 26.83
C VAL A 258 -21.59 0.64 27.18
N ALA A 259 -21.76 0.32 28.47
CA ALA A 259 -22.93 -0.46 28.88
C ALA A 259 -24.23 0.23 28.45
N ARG A 260 -24.31 1.58 28.57
CA ARG A 260 -25.53 2.31 28.22
C ARG A 260 -25.87 2.12 26.73
N PHE A 261 -24.82 2.11 25.92
CA PHE A 261 -24.95 1.89 24.49
C PHE A 261 -25.35 0.45 24.16
N VAL A 262 -24.65 -0.52 24.74
CA VAL A 262 -24.85 -1.93 24.42
C VAL A 262 -26.24 -2.36 24.91
N GLN A 263 -26.67 -1.81 26.06
CA GLN A 263 -27.95 -2.22 26.62
C GLN A 263 -29.08 -1.69 25.74
N ASN A 264 -28.78 -0.68 24.93
CA ASN A 264 -29.76 -0.08 24.04
C ASN A 264 -29.53 -0.48 22.57
N ASN A 265 -29.36 -1.78 22.33
CA ASN A 265 -29.27 -2.35 20.98
C ASN A 265 -27.98 -1.99 20.25
N GLY A 266 -27.00 -1.35 20.91
CA GLY A 266 -25.81 -1.02 20.12
C GLY A 266 -24.93 -2.25 19.89
N SER A 267 -24.36 -2.42 18.68
CA SER A 267 -23.74 -3.69 18.33
C SER A 267 -22.29 -3.53 17.85
N PHE A 268 -21.82 -2.30 17.68
CA PHE A 268 -20.42 -1.99 17.42
C PHE A 268 -20.03 -0.75 18.22
N PHE A 269 -18.96 -0.86 19.00
CA PHE A 269 -18.41 0.36 19.61
C PHE A 269 -16.88 0.29 19.59
N ASN A 270 -16.25 1.46 19.43
CA ASN A 270 -14.82 1.50 19.22
C ASN A 270 -14.22 2.59 20.12
N TYR A 271 -13.22 2.21 20.92
CA TYR A 271 -12.57 3.19 21.77
C TYR A 271 -11.64 4.06 20.94
N TYR A 272 -11.88 5.40 21.02
CA TYR A 272 -11.01 6.39 20.40
C TYR A 272 -10.43 7.25 21.54
N MET A 273 -9.14 7.04 21.92
CA MET A 273 -8.16 6.12 21.34
C MET A 273 -8.09 4.85 22.20
N TYR A 274 -7.61 3.72 21.61
CA TYR A 274 -7.27 2.55 22.40
C TYR A 274 -5.79 2.59 22.75
N HIS A 275 -4.95 2.82 21.74
CA HIS A 275 -3.60 3.31 21.99
C HIS A 275 -3.49 4.62 21.24
N GLY A 276 -3.11 5.70 21.95
CA GLY A 276 -3.03 7.02 21.35
C GLY A 276 -1.64 7.29 20.81
N GLY A 277 -0.59 7.01 21.58
CA GLY A 277 0.76 7.11 21.02
C GLY A 277 1.27 8.56 20.89
N THR A 278 2.05 8.82 19.83
CA THR A 278 2.91 9.99 19.76
C THR A 278 2.90 10.57 18.34
N ASN A 279 2.91 11.90 18.26
CA ASN A 279 3.03 12.64 17.01
C ASN A 279 4.52 12.87 16.75
N PHE A 280 5.16 11.89 16.12
CA PHE A 280 6.60 11.95 15.90
C PHE A 280 6.90 12.97 14.80
N GLY A 281 8.17 13.41 14.69
CA GLY A 281 8.60 14.21 13.56
C GLY A 281 7.85 15.55 13.53
N ARG A 282 7.61 16.11 12.33
CA ARG A 282 6.99 17.43 12.29
C ARG A 282 5.87 17.48 11.26
N THR A 283 5.38 16.32 10.78
CA THR A 283 4.24 16.30 9.87
C THR A 283 3.12 15.43 10.44
N SER A 284 3.05 15.32 11.77
CA SER A 284 2.04 14.48 12.39
C SER A 284 1.01 15.31 13.13
N SER A 285 1.45 16.10 14.10
CA SER A 285 0.46 16.77 14.93
C SER A 285 -0.28 17.85 14.14
N GLY A 286 -1.56 17.99 14.47
CA GLY A 286 -2.42 19.11 14.06
C GLY A 286 -2.07 20.39 14.83
N LEU A 287 -2.79 21.46 14.50
CA LEU A 287 -2.54 22.78 15.07
C LEU A 287 -2.49 22.77 16.59
N PHE A 288 -1.37 23.20 17.16
CA PHE A 288 -1.10 23.27 18.59
C PHE A 288 -1.29 21.93 19.32
N ILE A 289 -1.31 20.81 18.59
CA ILE A 289 -1.46 19.51 19.23
C ILE A 289 -0.09 19.08 19.79
N ALA A 290 -0.11 18.62 21.05
CA ALA A 290 1.10 18.15 21.72
C ALA A 290 1.74 16.97 21.00
N THR A 291 3.06 16.79 21.20
CA THR A 291 3.74 15.62 20.68
C THR A 291 3.15 14.33 21.26
N SER A 292 2.80 14.32 22.56
CA SER A 292 2.07 13.23 23.17
C SER A 292 0.63 13.16 22.65
N TYR A 293 0.15 11.99 22.16
CA TYR A 293 -1.28 11.82 21.91
C TYR A 293 -1.84 10.78 22.87
N ASP A 294 -1.46 10.89 24.15
CA ASP A 294 -1.71 9.81 25.12
C ASP A 294 -3.21 9.51 25.15
N TYR A 295 -4.03 10.55 25.29
CA TYR A 295 -5.50 10.49 25.25
C TYR A 295 -6.10 9.86 26.50
N ASP A 296 -5.27 9.59 27.53
CA ASP A 296 -5.70 8.76 28.66
C ASP A 296 -6.19 7.39 28.15
N ALA A 297 -5.63 6.93 27.02
CA ALA A 297 -6.11 5.69 26.41
C ALA A 297 -5.83 4.47 27.31
N PRO A 298 -6.61 3.37 27.16
CA PRO A 298 -6.32 2.10 27.84
C PRO A 298 -4.87 1.66 27.76
N LEU A 299 -4.20 1.94 26.62
CA LEU A 299 -2.75 1.73 26.52
C LEU A 299 -2.11 3.10 26.45
N ASP A 300 -1.18 3.39 27.35
CA ASP A 300 -0.63 4.75 27.44
C ASP A 300 0.30 5.02 26.26
N GLU A 301 0.84 6.24 26.19
CA GLU A 301 1.54 6.64 24.97
C GLU A 301 2.69 5.68 24.67
N TYR A 302 3.30 5.18 25.74
CA TYR A 302 4.48 4.34 25.71
C TYR A 302 4.13 2.86 25.49
N GLY A 303 2.83 2.53 25.48
CA GLY A 303 2.41 1.17 25.21
C GLY A 303 2.18 0.36 26.48
N LEU A 304 2.30 1.00 27.65
CA LEU A 304 2.03 0.33 28.92
C LEU A 304 0.52 0.30 29.22
N LEU A 305 0.12 -0.68 30.06
CA LEU A 305 -1.28 -0.73 30.46
C LEU A 305 -1.61 0.46 31.33
N ASN A 306 -2.68 1.17 30.97
CA ASN A 306 -3.22 2.25 31.78
C ASN A 306 -4.26 1.67 32.72
N GLU A 307 -3.80 1.32 33.94
CA GLU A 307 -4.63 0.68 34.95
C GLU A 307 -5.16 1.74 35.89
N PRO A 308 -6.43 1.65 36.34
CA PRO A 308 -7.25 0.46 36.13
C PRO A 308 -8.09 0.44 34.85
N LYS A 309 -8.01 1.48 33.98
CA LYS A 309 -8.92 1.53 32.83
C LYS A 309 -8.82 0.26 31.99
N TYR A 310 -7.57 -0.17 31.70
CA TYR A 310 -7.34 -1.29 30.83
C TYR A 310 -8.06 -2.55 31.32
N GLY A 311 -7.82 -2.90 32.59
CA GLY A 311 -8.43 -4.09 33.20
C GLY A 311 -9.94 -3.96 33.40
N HIS A 312 -10.39 -2.78 33.78
CA HIS A 312 -11.82 -2.56 34.00
C HIS A 312 -12.61 -2.73 32.69
N LEU A 313 -12.07 -2.20 31.58
CA LEU A 313 -12.71 -2.44 30.29
C LEU A 313 -12.50 -3.88 29.82
N ARG A 314 -11.35 -4.53 30.11
CA ARG A 314 -11.18 -5.96 29.83
C ARG A 314 -12.33 -6.77 30.47
N ASP A 315 -12.70 -6.41 31.70
CA ASP A 315 -13.69 -7.16 32.49
C ASP A 315 -15.10 -6.89 31.95
N LEU A 316 -15.34 -5.65 31.53
CA LEU A 316 -16.57 -5.28 30.84
C LEU A 316 -16.73 -6.17 29.59
N HIS A 317 -15.66 -6.25 28.76
CA HIS A 317 -15.66 -7.06 27.56
C HIS A 317 -16.02 -8.52 27.89
N LYS A 318 -15.43 -9.07 28.96
CA LYS A 318 -15.73 -10.45 29.30
C LYS A 318 -17.23 -10.61 29.54
N ALA A 319 -17.85 -9.62 30.23
CA ALA A 319 -19.27 -9.67 30.53
C ALA A 319 -20.08 -9.60 29.26
N ILE A 320 -19.60 -8.79 28.30
CA ILE A 320 -20.36 -8.62 27.08
C ILE A 320 -20.32 -9.95 26.31
N LYS A 321 -19.15 -10.60 26.31
CA LYS A 321 -18.95 -11.84 25.58
C LYS A 321 -19.81 -12.95 26.18
N LEU A 322 -19.98 -12.94 27.50
CA LEU A 322 -20.87 -13.91 28.14
C LEU A 322 -22.30 -13.65 27.72
N SER A 323 -22.61 -12.37 27.48
CA SER A 323 -23.97 -11.95 27.14
C SER A 323 -24.31 -12.15 25.67
N GLU A 324 -23.27 -12.37 24.85
CA GLU A 324 -23.41 -12.18 23.41
C GLU A 324 -24.45 -13.11 22.77
N PRO A 325 -24.53 -14.41 23.08
CA PRO A 325 -25.61 -15.22 22.49
C PRO A 325 -27.00 -14.61 22.68
N ALA A 326 -27.30 -14.14 23.91
CA ALA A 326 -28.55 -13.41 24.12
C ALA A 326 -28.62 -12.13 23.30
N LEU A 327 -27.53 -11.33 23.29
CA LEU A 327 -27.56 -10.06 22.59
C LEU A 327 -27.89 -10.19 21.10
N VAL A 328 -27.36 -11.20 20.43
CA VAL A 328 -27.47 -11.29 18.97
C VAL A 328 -28.77 -11.98 18.53
N SER A 329 -29.51 -12.54 19.47
CA SER A 329 -30.70 -13.30 19.09
C SER A 329 -31.96 -12.75 19.79
N SER A 330 -31.91 -11.51 20.26
CA SER A 330 -33.08 -10.75 20.70
C SER A 330 -32.79 -9.25 20.58
N TYR A 331 -33.76 -8.45 20.99
CA TYR A 331 -33.67 -6.99 20.96
C TYR A 331 -33.91 -6.50 22.38
N ALA A 332 -33.35 -5.32 22.73
CA ALA A 332 -33.47 -4.85 24.10
C ALA A 332 -34.91 -4.53 24.47
N ALA A 333 -35.32 -5.06 25.63
CA ALA A 333 -36.63 -4.81 26.21
C ALA A 333 -36.46 -4.13 27.57
N VAL A 334 -37.03 -2.92 27.66
CA VAL A 334 -36.86 -2.00 28.76
C VAL A 334 -38.02 -2.17 29.74
N THR A 335 -37.65 -2.39 31.00
CA THR A 335 -38.60 -2.29 32.10
C THR A 335 -38.09 -1.25 33.10
N SER A 336 -38.97 -0.32 33.49
CA SER A 336 -38.63 0.75 34.41
C SER A 336 -38.54 0.15 35.82
N LEU A 337 -37.47 0.45 36.58
CA LEU A 337 -37.30 -0.09 37.94
C LEU A 337 -37.57 0.97 39.00
N GLY A 338 -37.45 2.24 38.65
CA GLY A 338 -37.63 3.31 39.61
C GLY A 338 -37.37 4.62 38.90
N SER A 339 -37.48 5.71 39.66
CA SER A 339 -37.24 7.06 39.23
C SER A 339 -36.07 7.14 38.23
N ASN A 340 -34.95 6.51 38.54
CA ASN A 340 -33.77 6.68 37.70
C ASN A 340 -33.09 5.34 37.43
N GLN A 341 -33.91 4.28 37.32
CA GLN A 341 -33.38 2.94 37.26
C GLN A 341 -34.16 2.15 36.20
N GLU A 342 -33.44 1.33 35.39
CA GLU A 342 -34.10 0.55 34.34
C GLU A 342 -33.48 -0.83 34.27
N ALA A 343 -34.22 -1.79 33.70
CA ALA A 343 -33.69 -3.08 33.27
C ALA A 343 -33.84 -3.14 31.75
N HIS A 344 -32.73 -3.43 31.06
CA HIS A 344 -32.72 -3.66 29.63
C HIS A 344 -32.48 -5.16 29.46
N VAL A 345 -33.46 -5.87 28.90
CA VAL A 345 -33.39 -7.31 28.91
C VAL A 345 -33.40 -7.85 27.47
N TYR A 346 -32.51 -8.83 27.22
CA TYR A 346 -32.38 -9.51 25.95
C TYR A 346 -32.74 -10.97 26.17
N ARG A 347 -33.93 -11.35 25.72
CA ARG A 347 -34.46 -12.66 26.06
C ARG A 347 -34.72 -13.39 24.74
N SER A 348 -33.92 -14.45 24.51
CA SER A 348 -33.94 -15.22 23.27
C SER A 348 -34.80 -16.47 23.43
N LYS A 349 -35.37 -16.93 22.31
CA LYS A 349 -36.21 -18.13 22.32
C LYS A 349 -35.35 -19.36 22.64
N SER A 350 -34.02 -19.27 22.45
CA SER A 350 -33.09 -20.34 22.76
C SER A 350 -32.93 -20.54 24.27
N GLY A 351 -33.48 -19.62 25.07
CA GLY A 351 -33.33 -19.69 26.52
C GLY A 351 -32.25 -18.75 27.05
N ALA A 352 -31.35 -18.26 26.17
CA ALA A 352 -30.38 -17.26 26.58
C ALA A 352 -31.10 -15.99 27.01
N CYS A 353 -30.56 -15.35 28.06
CA CYS A 353 -31.13 -14.18 28.66
C CYS A 353 -29.96 -13.37 29.23
N ALA A 354 -29.85 -12.10 28.83
CA ALA A 354 -28.88 -11.22 29.47
C ALA A 354 -29.62 -9.95 29.88
N ALA A 355 -29.24 -9.40 31.04
CA ALA A 355 -29.93 -8.20 31.53
C ALA A 355 -28.91 -7.15 31.95
N PHE A 356 -29.34 -5.89 31.82
CA PHE A 356 -28.56 -4.75 32.25
C PHE A 356 -29.39 -3.91 33.21
N LEU A 357 -28.91 -3.81 34.47
CA LEU A 357 -29.60 -3.05 35.50
C LEU A 357 -28.87 -1.73 35.71
N SER A 358 -29.57 -0.60 35.53
CA SER A 358 -28.97 0.72 35.46
C SER A 358 -29.42 1.58 36.63
N ASN A 359 -28.50 2.44 37.08
CA ASN A 359 -28.86 3.51 38.01
C ASN A 359 -28.27 4.81 37.47
N TYR A 360 -29.12 5.70 36.95
CA TYR A 360 -28.65 6.94 36.35
C TYR A 360 -28.50 8.03 37.39
N ASP A 361 -28.89 7.75 38.64
CA ASP A 361 -28.71 8.73 39.70
C ASP A 361 -27.23 9.05 39.90
N SER A 362 -26.83 10.33 39.89
CA SER A 362 -25.39 10.59 39.91
C SER A 362 -24.88 10.77 41.32
N ARG A 363 -25.76 10.60 42.33
CA ARG A 363 -25.41 10.90 43.72
C ARG A 363 -25.56 9.69 44.62
N TYR A 364 -26.61 8.89 44.44
CA TYR A 364 -26.92 7.86 45.42
C TYR A 364 -26.89 6.47 44.82
N SER A 365 -26.39 5.49 45.61
CA SER A 365 -26.61 4.06 45.40
C SER A 365 -28.09 3.77 45.57
N VAL A 366 -28.56 2.78 44.81
CA VAL A 366 -29.95 2.36 44.88
C VAL A 366 -29.97 0.85 44.79
N LYS A 367 -30.85 0.24 45.61
CA LYS A 367 -31.11 -1.18 45.56
C LYS A 367 -32.37 -1.36 44.71
N VAL A 368 -32.26 -2.22 43.69
CA VAL A 368 -33.38 -2.66 42.87
C VAL A 368 -33.64 -4.14 43.16
N THR A 369 -34.87 -4.56 42.87
CA THR A 369 -35.21 -5.97 42.82
C THR A 369 -35.47 -6.34 41.37
N PHE A 370 -34.77 -7.36 40.90
CA PHE A 370 -34.96 -7.88 39.55
C PHE A 370 -35.05 -9.40 39.60
N GLN A 371 -36.19 -9.94 39.15
CA GLN A 371 -36.43 -11.38 39.15
C GLN A 371 -36.17 -11.97 40.53
N ASN A 372 -36.73 -11.32 41.56
CA ASN A 372 -36.70 -11.89 42.89
C ASN A 372 -35.41 -11.65 43.65
N ARG A 373 -34.41 -11.00 43.03
CA ARG A 373 -33.15 -10.82 43.76
C ARG A 373 -32.87 -9.33 43.92
N PRO A 374 -32.20 -8.92 45.03
CA PRO A 374 -31.82 -7.53 45.21
C PRO A 374 -30.45 -7.30 44.53
N TYR A 375 -30.27 -6.12 43.94
CA TYR A 375 -29.00 -5.74 43.34
C TYR A 375 -28.69 -4.29 43.73
N ASN A 376 -27.52 -4.08 44.33
CA ASN A 376 -27.10 -2.77 44.79
C ASN A 376 -26.35 -2.09 43.65
N LEU A 377 -26.86 -0.94 43.20
CA LEU A 377 -26.27 -0.24 42.07
C LEU A 377 -25.65 1.03 42.59
N PRO A 378 -24.29 1.16 42.59
CA PRO A 378 -23.63 2.41 42.91
C PRO A 378 -24.16 3.51 42.01
N PRO A 379 -23.96 4.80 42.36
CA PRO A 379 -24.39 5.90 41.48
C PRO A 379 -23.78 5.73 40.09
N TRP A 380 -24.57 6.09 39.07
CA TRP A 380 -24.10 6.24 37.69
C TRP A 380 -23.40 4.95 37.26
N SER A 381 -24.13 3.84 37.32
CA SER A 381 -23.53 2.53 37.11
C SER A 381 -24.55 1.62 36.45
N ILE A 382 -24.02 0.56 35.82
CA ILE A 382 -24.87 -0.47 35.21
C ILE A 382 -24.27 -1.81 35.63
N SER A 383 -25.13 -2.73 36.11
CA SER A 383 -24.71 -4.10 36.37
C SER A 383 -25.12 -4.98 35.18
N ILE A 384 -24.25 -5.94 34.82
CA ILE A 384 -24.44 -6.85 33.70
C ILE A 384 -24.61 -8.26 34.23
N LEU A 385 -25.77 -8.85 33.86
CA LEU A 385 -26.21 -10.17 34.28
C LEU A 385 -26.29 -11.06 33.04
N PRO A 386 -25.19 -11.77 32.67
CA PRO A 386 -25.08 -12.41 31.37
C PRO A 386 -26.03 -13.58 31.20
N ASP A 387 -26.63 -14.01 32.31
CA ASP A 387 -27.60 -15.10 32.40
C ASP A 387 -28.89 -14.61 33.06
N CYS A 388 -29.04 -13.29 33.20
CA CYS A 388 -30.19 -12.66 33.83
C CYS A 388 -30.30 -12.95 35.33
N LYS A 389 -29.24 -13.48 35.94
CA LYS A 389 -29.29 -13.75 37.37
C LYS A 389 -28.01 -13.28 38.09
N THR A 390 -26.82 -13.54 37.55
CA THR A 390 -25.61 -13.26 38.30
C THR A 390 -25.01 -11.96 37.79
N ALA A 391 -24.89 -10.96 38.66
CA ALA A 391 -24.30 -9.69 38.26
C ALA A 391 -22.78 -9.83 38.26
N VAL A 392 -22.19 -10.25 37.13
CA VAL A 392 -20.76 -10.58 37.09
C VAL A 392 -19.89 -9.31 37.12
N TYR A 393 -20.49 -8.15 36.83
CA TYR A 393 -19.71 -6.95 36.55
C TYR A 393 -20.61 -5.76 36.80
N ASN A 394 -20.06 -4.69 37.43
CA ASN A 394 -20.77 -3.43 37.52
C ASN A 394 -19.77 -2.35 37.10
N THR A 395 -20.25 -1.38 36.34
CA THR A 395 -19.35 -0.45 35.66
C THR A 395 -18.67 0.49 36.68
N ALA A 396 -19.18 0.58 37.92
CA ALA A 396 -18.58 1.46 38.91
C ALA A 396 -17.76 0.68 39.94
N GLN A 397 -17.73 -0.65 39.81
CA GLN A 397 -17.04 -1.51 40.76
C GLN A 397 -15.79 -2.03 40.09
N VAL A 398 -14.64 -1.41 40.43
CA VAL A 398 -13.43 -1.63 39.65
C VAL A 398 -12.59 -2.67 40.39
N ASN A 399 -12.35 -3.84 39.78
CA ASN A 399 -11.61 -4.90 40.45
C ASN A 399 -10.15 -4.92 40.00
N SER A 400 -9.77 -4.00 39.10
CA SER A 400 -8.37 -3.82 38.75
C SER A 400 -7.74 -2.82 39.68
N GLN A 401 -6.45 -3.05 40.01
CA GLN A 401 -5.72 -2.06 40.77
C GLN A 401 -5.31 -0.94 39.83
N SER A 402 -5.19 0.27 40.39
CA SER A 402 -4.65 1.39 39.63
C SER A 402 -3.13 1.26 39.55
N SER A 403 -2.52 1.79 38.50
CA SER A 403 -1.07 1.84 38.45
C SER A 403 -0.68 3.29 38.20
N SER A 404 0.30 3.80 38.98
CA SER A 404 0.72 5.18 38.91
C SER A 404 2.03 5.28 38.12
N ILE A 405 2.24 6.42 37.48
CA ILE A 405 3.28 6.50 36.45
C ILE A 405 4.54 7.09 37.06
N LYS A 406 5.68 6.46 36.81
CA LYS A 406 6.97 7.00 37.24
C LYS A 406 7.83 7.16 36.02
N MET A 407 8.52 8.29 35.96
CA MET A 407 9.47 8.54 34.90
C MET A 407 10.81 8.80 35.59
N THR A 408 11.66 7.78 35.63
CA THR A 408 12.81 7.83 36.52
C THR A 408 14.06 8.15 35.75
N PRO A 409 14.87 9.18 36.13
CA PRO A 409 16.10 9.49 35.38
C PRO A 409 17.01 8.28 35.24
N ALA A 410 17.60 8.11 34.05
CA ALA A 410 18.52 7.02 33.74
C ALA A 410 19.68 7.57 32.92
N GLY A 411 20.83 6.91 33.00
CA GLY A 411 22.09 7.53 32.60
C GLY A 411 22.46 8.66 33.58
N GLY A 412 22.22 9.90 33.13
CA GLY A 412 22.67 11.11 33.80
C GLY A 412 23.73 11.81 32.95
N GLY A 413 23.70 13.15 32.96
CA GLY A 413 24.77 14.12 32.63
C GLY A 413 25.50 14.09 31.27
N LEU A 414 24.75 14.19 30.16
CA LEU A 414 25.35 14.13 28.83
C LEU A 414 26.34 15.26 28.63
N SER A 415 27.20 15.08 27.63
CA SER A 415 28.25 16.04 27.34
C SER A 415 27.86 16.79 26.06
N TRP A 416 27.53 18.09 26.22
CA TRP A 416 26.84 18.81 25.15
C TRP A 416 27.81 19.69 24.39
N GLN A 417 27.51 19.92 23.09
CA GLN A 417 28.10 21.01 22.33
C GLN A 417 26.96 21.84 21.76
N SER A 418 27.27 23.11 21.47
CA SER A 418 26.22 24.00 20.99
C SER A 418 26.65 24.71 19.72
N TYR A 419 25.64 25.15 18.97
CA TYR A 419 25.87 25.96 17.77
C TYR A 419 24.75 26.97 17.64
N ASN A 420 25.13 28.25 17.52
CA ASN A 420 24.10 29.29 17.49
C ASN A 420 23.69 29.54 16.05
N GLU A 421 22.37 29.54 15.86
CA GLU A 421 21.72 29.80 14.59
C GLU A 421 21.82 31.29 14.28
N GLU A 422 22.31 31.60 13.07
CA GLU A 422 22.39 32.94 12.49
C GLU A 422 21.05 33.66 12.60
N THR A 423 21.06 34.95 12.93
CA THR A 423 19.87 35.74 12.65
C THR A 423 20.07 36.29 11.24
N PRO A 424 19.34 35.82 10.21
CA PRO A 424 19.53 36.37 8.86
C PRO A 424 18.92 37.77 8.77
N THR A 425 19.31 38.50 7.73
CA THR A 425 18.75 39.82 7.52
C THR A 425 18.42 39.98 6.04
N ALA A 426 17.62 40.98 5.70
CA ALA A 426 17.23 41.27 4.33
C ALA A 426 18.47 41.73 3.55
N ASP A 427 19.50 40.89 3.44
CA ASP A 427 20.51 41.09 2.40
C ASP A 427 19.80 40.85 1.06
N ASP A 428 19.59 41.95 0.31
CA ASP A 428 18.92 41.95 -0.99
C ASP A 428 19.49 40.81 -1.85
N SER A 429 20.55 40.18 -1.32
CA SER A 429 21.22 38.94 -1.73
C SER A 429 20.47 37.70 -1.21
N ASP A 430 19.17 37.70 -1.50
CA ASP A 430 18.25 36.64 -1.12
C ASP A 430 17.39 36.29 -2.34
N THR A 431 17.26 34.98 -2.58
CA THR A 431 16.54 34.41 -3.72
C THR A 431 15.04 34.65 -3.56
N LEU A 432 14.59 34.93 -2.33
CA LEU A 432 13.17 35.22 -2.15
C LEU A 432 12.97 36.67 -1.70
N THR A 433 12.75 37.57 -2.68
CA THR A 433 12.24 38.90 -2.39
C THR A 433 10.89 39.09 -3.07
N ALA A 434 9.99 39.87 -2.47
CA ALA A 434 8.72 40.23 -3.06
C ALA A 434 8.34 41.59 -2.48
N ASN A 435 7.48 42.36 -3.16
CA ASN A 435 7.09 43.67 -2.66
C ASN A 435 5.83 43.56 -1.84
N GLY A 436 5.80 42.57 -0.94
CA GLY A 436 4.63 42.40 -0.11
C GLY A 436 4.78 41.17 0.81
N LEU A 437 3.72 40.92 1.58
CA LEU A 437 3.72 39.88 2.61
C LEU A 437 2.93 38.68 2.11
N TRP A 438 3.58 37.50 2.12
CA TRP A 438 3.04 36.28 1.55
C TRP A 438 2.68 35.33 2.69
N GLU A 439 1.66 34.49 2.47
CA GLU A 439 1.16 33.56 3.47
C GLU A 439 2.19 32.43 3.63
N GLN A 440 2.33 31.93 4.89
CA GLN A 440 3.47 31.07 5.17
C GLN A 440 3.37 29.71 4.48
N LYS A 441 2.19 29.05 4.54
CA LYS A 441 2.09 27.75 3.88
C LYS A 441 2.47 27.89 2.41
N ASN A 442 2.03 28.97 1.78
CA ASN A 442 2.29 29.20 0.36
C ASN A 442 3.78 29.24 0.07
N VAL A 443 4.56 29.91 0.95
CA VAL A 443 6.00 30.05 0.75
C VAL A 443 6.75 28.78 1.13
N THR A 444 6.42 28.16 2.29
CA THR A 444 7.21 27.02 2.76
C THR A 444 6.72 25.67 2.24
N ARG A 445 5.48 25.62 1.77
CA ARG A 445 4.73 24.40 1.47
C ARG A 445 4.81 23.39 2.63
N ASP A 446 4.94 23.90 3.87
CA ASP A 446 5.05 23.08 5.08
C ASP A 446 6.29 22.18 5.06
N SER A 447 7.39 22.63 4.41
CA SER A 447 8.63 21.87 4.41
C SER A 447 9.42 22.14 5.68
N SER A 448 9.08 23.24 6.38
CA SER A 448 9.70 23.61 7.65
C SER A 448 8.64 24.33 8.47
N ASP A 449 8.80 24.33 9.80
CA ASP A 449 7.86 25.13 10.58
C ASP A 449 8.23 26.62 10.48
N TYR A 450 9.41 26.94 9.95
CA TYR A 450 10.01 28.26 10.15
C TYR A 450 10.06 29.04 8.84
N LEU A 451 9.62 30.33 8.89
CA LEU A 451 9.79 31.21 7.74
C LEU A 451 10.27 32.58 8.24
N TRP A 452 11.42 33.06 7.70
CA TRP A 452 11.89 34.39 8.02
C TRP A 452 11.25 35.39 7.05
N TYR A 453 10.59 36.40 7.63
CA TYR A 453 10.15 37.56 6.89
C TYR A 453 11.04 38.72 7.30
N MET A 454 11.74 39.34 6.33
CA MET A 454 12.78 40.31 6.68
C MET A 454 12.66 41.57 5.80
N THR A 455 12.86 42.73 6.44
CA THR A 455 12.89 44.01 5.73
C THR A 455 13.83 44.96 6.44
N ASN A 456 14.41 45.90 5.68
CA ASN A 456 15.23 46.98 6.24
C ASN A 456 14.40 48.26 6.32
N VAL A 457 14.62 49.06 7.38
CA VAL A 457 13.94 50.34 7.56
C VAL A 457 15.02 51.39 7.79
N ASN A 458 15.00 52.42 6.93
CA ASN A 458 15.96 53.51 7.05
C ASN A 458 15.42 54.59 8.00
N ILE A 459 16.24 54.97 9.00
CA ILE A 459 15.87 56.03 9.93
C ILE A 459 16.71 57.29 9.65
N ALA A 460 16.04 58.43 9.41
CA ALA A 460 16.75 59.68 9.17
C ALA A 460 17.48 60.15 10.45
N SER A 461 18.65 60.81 10.28
CA SER A 461 19.46 61.22 11.41
C SER A 461 18.73 62.24 12.27
N ASN A 462 17.72 62.88 11.70
CA ASN A 462 17.03 64.00 12.31
C ASN A 462 15.72 63.56 12.98
N GLU A 463 15.49 62.24 13.12
CA GLU A 463 14.28 61.82 13.79
C GLU A 463 14.23 62.34 15.22
N GLY A 464 13.05 62.81 15.65
CA GLY A 464 12.90 63.38 16.98
C GLY A 464 13.20 62.37 18.09
N PHE A 465 12.88 61.08 17.85
CA PHE A 465 13.10 60.10 18.91
C PHE A 465 14.58 59.97 19.24
N LEU A 466 15.44 60.27 18.25
CA LEU A 466 16.88 60.19 18.49
C LEU A 466 17.35 61.32 19.39
N LYS A 467 16.62 62.45 19.45
CA LYS A 467 17.02 63.55 20.32
C LYS A 467 16.41 63.37 21.71
N ASN A 468 15.13 62.97 21.75
CA ASN A 468 14.42 62.87 23.01
C ASN A 468 14.65 61.46 23.56
N GLY A 469 14.49 61.28 24.86
CA GLY A 469 14.60 59.94 25.42
C GLY A 469 13.45 59.06 24.95
N LYS A 470 13.59 58.43 23.78
CA LYS A 470 12.48 57.66 23.23
C LYS A 470 12.91 56.63 22.17
N ASP A 471 12.10 55.57 22.07
CA ASP A 471 12.17 54.59 20.99
C ASP A 471 10.86 54.64 20.23
N PRO A 472 10.84 54.41 18.90
CA PRO A 472 9.59 54.23 18.16
C PRO A 472 8.95 52.87 18.48
N TYR A 473 7.73 52.67 17.97
CA TYR A 473 6.87 51.54 18.33
C TYR A 473 6.61 50.72 17.07
N LEU A 474 6.94 49.42 17.10
CA LEU A 474 6.65 48.52 16.00
C LEU A 474 5.42 47.66 16.35
N THR A 475 4.45 47.56 15.43
CA THR A 475 3.33 46.63 15.50
C THR A 475 3.47 45.65 14.34
N VAL A 476 3.40 44.36 14.70
CA VAL A 476 3.44 43.31 13.69
C VAL A 476 2.23 42.44 14.00
N MET A 477 1.32 42.35 13.02
CA MET A 477 0.26 41.38 13.19
C MET A 477 0.53 40.17 12.30
N SER A 478 0.22 38.98 12.84
CA SER A 478 0.45 37.72 12.16
C SER A 478 -0.78 36.85 12.33
N ALA A 479 -1.02 36.00 11.32
CA ALA A 479 -2.00 34.93 11.42
C ALA A 479 -1.52 33.78 12.32
N GLY A 480 -0.24 33.80 12.70
CA GLY A 480 0.32 32.93 13.72
C GLY A 480 1.40 31.99 13.16
N HIS A 481 2.02 31.13 14.01
CA HIS A 481 1.46 30.75 15.31
C HIS A 481 2.37 31.19 16.47
N VAL A 482 3.66 31.47 16.13
CA VAL A 482 4.62 32.05 17.06
C VAL A 482 5.35 33.08 16.23
N LEU A 483 5.77 34.16 16.87
CA LEU A 483 6.52 35.21 16.19
C LEU A 483 7.65 35.66 17.08
N HIS A 484 8.86 35.71 16.48
CA HIS A 484 10.01 36.27 17.15
C HIS A 484 10.44 37.52 16.39
N VAL A 485 10.59 38.63 17.13
CA VAL A 485 10.91 39.89 16.46
C VAL A 485 12.35 40.27 16.76
N PHE A 486 13.20 40.28 15.72
CA PHE A 486 14.61 40.57 15.86
C PHE A 486 14.86 41.92 15.20
N VAL A 487 15.60 42.76 15.91
CA VAL A 487 15.90 44.12 15.44
C VAL A 487 17.42 44.26 15.52
N ASN A 488 18.06 44.44 14.36
CA ASN A 488 19.48 44.64 14.29
C ASN A 488 20.15 43.43 14.94
N GLY A 489 19.61 42.25 14.65
CA GLY A 489 20.25 41.01 15.05
C GLY A 489 19.89 40.57 16.46
N LYS A 490 19.24 41.43 17.25
CA LYS A 490 18.95 41.05 18.63
C LYS A 490 17.45 40.75 18.82
N LEU A 491 17.12 39.67 19.53
CA LEU A 491 15.72 39.34 19.80
C LEU A 491 15.10 40.45 20.64
N SER A 492 14.07 41.08 20.09
CA SER A 492 13.37 42.14 20.77
C SER A 492 12.19 41.58 21.58
N GLY A 493 11.47 40.60 21.04
CA GLY A 493 10.46 39.89 21.82
C GLY A 493 9.86 38.71 21.06
N THR A 494 9.04 37.93 21.78
CA THR A 494 8.42 36.74 21.24
C THR A 494 6.97 36.76 21.71
N VAL A 495 6.05 36.40 20.80
CA VAL A 495 4.66 36.21 21.16
C VAL A 495 4.22 34.91 20.53
N TYR A 496 3.18 34.33 21.13
CA TYR A 496 2.72 33.05 20.60
C TYR A 496 1.24 32.91 20.91
N GLY A 497 0.56 32.08 20.10
CA GLY A 497 -0.88 31.93 20.11
C GLY A 497 -1.34 30.73 20.93
N THR A 498 -2.61 30.38 20.71
CA THR A 498 -3.20 29.18 21.29
C THR A 498 -3.95 28.41 20.19
N LEU A 499 -4.41 27.19 20.52
CA LEU A 499 -5.10 26.41 19.52
C LEU A 499 -6.28 27.21 19.00
N ASP A 500 -7.06 27.80 19.92
CA ASP A 500 -8.28 28.46 19.50
C ASP A 500 -8.01 29.82 18.88
N ASN A 501 -6.87 30.41 19.24
CA ASN A 501 -6.57 31.77 18.79
C ASN A 501 -5.12 31.83 18.35
N PRO A 502 -4.76 31.30 17.15
CA PRO A 502 -3.36 31.29 16.72
C PRO A 502 -2.82 32.65 16.32
N LYS A 503 -3.71 33.64 16.13
CA LYS A 503 -3.31 34.96 15.64
C LYS A 503 -2.55 35.70 16.71
N LEU A 504 -1.66 36.61 16.28
CA LEU A 504 -0.66 37.27 17.11
C LEU A 504 -0.62 38.75 16.78
N THR A 505 -0.28 39.55 17.79
CA THR A 505 0.13 40.94 17.57
C THR A 505 1.36 41.17 18.42
N TYR A 506 2.47 41.60 17.81
CA TYR A 506 3.55 42.08 18.64
C TYR A 506 3.44 43.60 18.59
N SER A 507 3.49 44.24 19.76
CA SER A 507 3.56 45.69 19.77
C SER A 507 4.52 46.11 20.87
N GLY A 508 5.56 46.86 20.51
CA GLY A 508 6.59 47.15 21.49
C GLY A 508 7.50 48.27 21.00
N ASN A 509 8.13 48.96 21.95
CA ASN A 509 9.20 49.89 21.61
C ASN A 509 10.39 49.08 21.10
N VAL A 510 11.03 49.58 20.03
CA VAL A 510 12.15 48.90 19.38
C VAL A 510 13.30 49.89 19.31
N LYS A 511 14.51 49.36 19.50
CA LYS A 511 15.73 50.16 19.63
C LYS A 511 16.28 50.46 18.24
N LEU A 512 15.53 51.25 17.46
CA LEU A 512 16.02 51.62 16.14
C LEU A 512 17.03 52.74 16.38
N ARG A 513 18.01 52.83 15.47
CA ARG A 513 19.01 53.87 15.54
C ARG A 513 19.02 54.56 14.18
N ALA A 514 19.85 55.60 14.02
CA ALA A 514 19.90 56.30 12.74
C ALA A 514 20.42 55.33 11.67
N GLY A 515 19.99 55.56 10.43
CA GLY A 515 20.50 54.77 9.31
C GLY A 515 19.66 53.49 9.16
N ILE A 516 20.25 52.47 8.53
CA ILE A 516 19.47 51.32 8.12
C ILE A 516 19.30 50.43 9.34
N ASN A 517 18.07 49.96 9.53
CA ASN A 517 17.77 49.04 10.62
C ASN A 517 17.25 47.75 10.01
N LYS A 518 17.64 46.63 10.62
CA LYS A 518 17.30 45.34 10.04
C LYS A 518 16.22 44.68 10.89
N ILE A 519 15.03 44.44 10.30
CA ILE A 519 13.97 43.76 11.00
C ILE A 519 13.91 42.34 10.44
N SER A 520 14.00 41.35 11.33
CA SER A 520 13.93 39.96 10.90
C SER A 520 12.87 39.32 11.78
N LEU A 521 11.78 38.83 11.18
CA LEU A 521 10.69 38.20 11.90
C LEU A 521 10.72 36.71 11.60
N LEU A 522 10.86 35.92 12.66
CA LEU A 522 10.85 34.49 12.49
C LEU A 522 9.42 34.06 12.86
N SER A 523 8.73 33.50 11.85
CA SER A 523 7.36 33.05 11.98
C SER A 523 7.37 31.53 12.02
N VAL A 524 6.56 30.96 12.94
CA VAL A 524 6.65 29.54 13.22
C VAL A 524 5.24 28.97 13.21
N SER A 525 5.03 27.88 12.46
CA SER A 525 3.76 27.17 12.55
C SER A 525 3.93 26.02 13.56
N VAL A 526 2.85 25.61 14.25
CA VAL A 526 2.98 24.54 15.25
C VAL A 526 1.96 23.47 14.92
N GLY A 527 2.16 22.81 13.77
CA GLY A 527 1.12 21.96 13.18
C GLY A 527 0.11 22.81 12.44
N LEU A 528 -0.62 22.17 11.50
CA LEU A 528 -1.61 22.93 10.74
C LEU A 528 -3.02 22.53 11.12
N PRO A 529 -3.99 23.45 10.98
CA PRO A 529 -5.38 23.20 11.35
C PRO A 529 -5.90 21.91 10.73
N ASN A 530 -6.79 21.24 11.46
CA ASN A 530 -7.21 19.90 11.07
C ASN A 530 -8.72 19.72 11.20
N VAL A 531 -9.42 20.79 11.60
CA VAL A 531 -10.87 20.70 11.75
C VAL A 531 -11.48 22.09 11.58
N GLY A 532 -12.73 22.14 11.13
CA GLY A 532 -13.40 23.42 10.97
C GLY A 532 -13.86 23.64 9.54
N VAL A 533 -15.02 24.28 9.36
CA VAL A 533 -15.45 24.57 7.99
C VAL A 533 -14.45 25.53 7.37
N HIS A 534 -13.92 25.17 6.20
CA HIS A 534 -12.93 25.95 5.44
C HIS A 534 -11.58 26.06 6.15
N TYR A 535 -11.25 25.08 7.02
CA TYR A 535 -10.04 25.26 7.83
C TYR A 535 -8.81 25.40 6.93
N ASP A 536 -8.86 24.81 5.74
CA ASP A 536 -7.68 24.81 4.88
C ASP A 536 -7.46 26.17 4.23
N THR A 537 -8.46 27.04 4.36
CA THR A 537 -8.33 28.41 3.86
C THR A 537 -7.66 29.34 4.87
N TRP A 538 -7.54 28.93 6.12
CA TRP A 538 -7.00 29.85 7.13
C TRP A 538 -5.50 30.04 6.94
N ASN A 539 -5.01 31.25 7.26
CA ASN A 539 -3.65 31.63 6.95
C ASN A 539 -2.76 31.35 8.16
N ALA A 540 -1.44 31.30 7.90
CA ALA A 540 -0.38 31.33 8.88
C ALA A 540 0.63 32.35 8.38
N GLY A 541 1.47 32.85 9.29
CA GLY A 541 2.53 33.77 8.93
C GLY A 541 2.08 35.24 8.96
N VAL A 542 3.07 36.09 8.68
CA VAL A 542 2.97 37.50 8.93
C VAL A 542 2.32 38.11 7.68
N LEU A 543 1.04 38.38 7.76
CA LEU A 543 0.38 38.97 6.60
C LEU A 543 0.16 40.45 6.92
N GLY A 544 0.56 40.84 8.14
CA GLY A 544 0.40 42.23 8.58
C GLY A 544 -0.95 42.54 9.19
N PRO A 545 -1.23 43.82 9.48
CA PRO A 545 -0.32 44.90 9.08
C PRO A 545 0.96 44.96 9.92
N VAL A 546 1.97 45.67 9.38
CA VAL A 546 3.26 45.88 10.03
C VAL A 546 3.54 47.39 9.99
N THR A 547 3.58 48.04 11.15
CA THR A 547 3.74 49.49 11.21
C THR A 547 4.74 49.94 12.27
N LEU A 548 5.46 51.03 11.94
CA LEU A 548 6.35 51.75 12.84
C LEU A 548 5.74 53.13 13.13
N SER A 549 5.51 53.43 14.41
CA SER A 549 5.01 54.75 14.78
C SER A 549 6.04 55.57 15.57
N GLY A 550 5.84 56.90 15.61
CA GLY A 550 6.68 57.72 16.45
C GLY A 550 7.79 58.40 15.65
N LEU A 551 7.65 58.43 14.31
CA LEU A 551 8.65 59.08 13.47
C LEU A 551 8.18 60.52 13.20
N ASN A 552 9.09 61.38 12.72
CA ASN A 552 8.75 62.72 12.25
C ASN A 552 7.63 62.68 11.20
N GLU A 553 7.73 61.79 10.20
CA GLU A 553 6.59 61.49 9.33
C GLU A 553 5.57 60.91 10.31
N GLY A 554 4.40 60.44 9.98
CA GLY A 554 3.81 59.93 11.21
C GLY A 554 4.20 58.48 11.50
N SER A 555 3.42 57.58 10.90
CA SER A 555 3.60 56.14 10.97
C SER A 555 4.02 55.69 9.59
N ARG A 556 4.77 54.59 9.55
CA ARG A 556 5.28 54.05 8.30
C ARG A 556 4.80 52.62 8.19
N ASN A 557 3.81 52.38 7.32
CA ASN A 557 3.33 51.02 7.03
C ASN A 557 4.40 50.33 6.18
N LEU A 558 4.86 49.13 6.59
CA LEU A 558 5.96 48.46 5.89
C LEU A 558 5.50 47.36 4.94
N ALA A 559 4.17 47.15 4.85
CA ALA A 559 3.63 45.96 4.19
C ALA A 559 3.93 45.93 2.69
N LYS A 560 4.22 47.08 2.05
CA LYS A 560 4.40 47.11 0.60
C LYS A 560 5.88 47.31 0.21
N GLN A 561 6.76 47.48 1.21
CA GLN A 561 8.19 47.56 0.91
C GLN A 561 8.72 46.18 0.48
N LYS A 562 9.98 46.12 0.05
CA LYS A 562 10.62 44.85 -0.30
C LYS A 562 10.76 43.97 0.94
N TRP A 563 10.12 42.80 0.92
CA TRP A 563 10.32 41.74 1.91
C TRP A 563 11.21 40.63 1.35
N SER A 564 12.16 40.15 2.18
CA SER A 564 13.04 39.03 1.88
C SER A 564 12.63 37.84 2.73
N TYR A 565 12.73 36.65 2.13
CA TYR A 565 12.18 35.43 2.73
C TYR A 565 13.28 34.40 2.79
N LYS A 566 13.39 33.71 3.92
CA LYS A 566 14.26 32.55 3.97
C LYS A 566 13.43 31.43 4.59
N VAL A 567 13.32 30.31 3.86
CA VAL A 567 12.50 29.19 4.29
C VAL A 567 13.40 28.34 5.18
N GLY A 568 12.93 28.11 6.41
CA GLY A 568 13.62 27.15 7.25
C GLY A 568 14.78 27.79 7.98
N LEU A 569 15.44 26.96 8.79
CA LEU A 569 16.57 27.39 9.57
C LEU A 569 17.85 27.03 8.85
N LYS A 570 18.91 27.74 9.22
CA LYS A 570 20.23 27.42 8.68
C LYS A 570 20.60 25.99 9.07
N GLY A 571 20.36 25.63 10.32
CA GLY A 571 20.66 24.27 10.76
C GLY A 571 19.84 23.21 10.01
N GLU A 572 18.66 23.58 9.50
CA GLU A 572 17.91 22.63 8.69
C GLU A 572 18.57 22.53 7.32
N SER A 573 18.98 23.67 6.75
CA SER A 573 19.65 23.57 5.45
C SER A 573 20.97 22.80 5.53
N LEU A 574 21.63 22.81 6.69
CA LEU A 574 22.94 22.20 6.88
C LEU A 574 22.80 20.80 7.47
N SER A 575 21.55 20.33 7.65
CA SER A 575 21.19 18.99 8.13
C SER A 575 21.88 18.67 9.44
N LEU A 576 21.87 19.65 10.38
CA LEU A 576 22.53 19.44 11.68
C LEU A 576 21.89 18.30 12.47
N HIS A 577 20.66 17.88 12.13
CA HIS A 577 20.01 16.80 12.87
C HIS A 577 20.58 15.43 12.46
N SER A 578 21.33 15.38 11.34
CA SER A 578 21.71 14.15 10.64
C SER A 578 22.90 13.45 11.29
N LEU A 579 22.88 12.11 11.32
CA LEU A 579 24.01 11.23 11.61
C LEU A 579 25.24 11.56 10.77
N SER A 580 25.12 11.78 9.44
CA SER A 580 26.29 12.28 8.69
C SER A 580 26.88 13.57 9.28
N GLY A 581 26.00 14.45 9.76
CA GLY A 581 26.38 15.79 10.18
C GLY A 581 25.62 16.84 9.35
N SER A 582 25.10 17.84 10.05
CA SER A 582 24.31 18.89 9.45
C SER A 582 25.22 20.03 9.02
N SER A 583 25.91 19.85 7.88
CA SER A 583 26.86 20.79 7.30
C SER A 583 27.93 21.18 8.32
N SER A 584 28.27 20.25 9.20
CA SER A 584 29.27 20.48 10.24
C SER A 584 29.03 21.81 10.94
N VAL A 585 30.07 22.66 11.04
CA VAL A 585 30.00 23.96 11.71
C VAL A 585 30.85 23.94 12.98
N GLU A 586 31.09 25.12 13.55
CA GLU A 586 31.92 25.32 14.73
C GLU A 586 31.05 25.04 15.96
N TRP A 587 31.07 23.80 16.44
CA TRP A 587 30.36 23.49 17.68
C TRP A 587 31.21 23.98 18.83
N VAL A 588 30.58 24.46 19.91
CA VAL A 588 31.26 24.97 21.08
C VAL A 588 30.95 24.06 22.25
N ARG A 589 31.99 23.77 23.04
CA ARG A 589 31.87 22.87 24.17
C ARG A 589 32.44 23.55 25.41
N GLY A 590 32.03 23.10 26.60
CA GLY A 590 32.59 23.60 27.85
C GLY A 590 32.06 24.98 28.23
N SER A 591 32.97 25.83 28.72
CA SER A 591 32.61 27.07 29.41
C SER A 591 31.93 28.06 28.47
N LEU A 592 32.32 28.06 27.19
CA LEU A 592 31.77 29.02 26.24
C LEU A 592 30.44 28.53 25.64
N MET A 593 29.91 27.41 26.14
CA MET A 593 28.74 26.80 25.53
C MET A 593 27.52 27.71 25.71
N ALA A 594 26.81 27.97 24.60
CA ALA A 594 25.60 28.81 24.59
C ALA A 594 24.55 28.23 25.54
N GLN A 595 23.95 29.12 26.34
CA GLN A 595 23.04 28.74 27.41
C GLN A 595 21.88 29.73 27.41
N LYS A 596 20.65 29.21 27.56
CA LYS A 596 19.46 30.05 27.58
C LYS A 596 19.63 31.15 26.54
N GLN A 597 19.89 30.73 25.31
CA GLN A 597 20.00 31.60 24.16
C GLN A 597 18.99 31.11 23.12
N PRO A 598 18.32 32.03 22.38
CA PRO A 598 17.37 31.60 21.36
C PRO A 598 18.10 31.09 20.13
N LEU A 599 17.44 30.19 19.39
CA LEU A 599 17.92 29.62 18.15
C LEU A 599 19.30 29.00 18.35
N THR A 600 19.39 27.99 19.21
CA THR A 600 20.64 27.30 19.48
C THR A 600 20.40 25.80 19.22
N TRP A 601 21.32 25.18 18.46
CA TRP A 601 21.37 23.74 18.28
C TRP A 601 22.24 23.15 19.39
N TYR A 602 21.84 21.97 19.91
CA TYR A 602 22.67 21.27 20.88
C TYR A 602 22.80 19.83 20.43
N LYS A 603 23.96 19.22 20.72
CA LYS A 603 24.08 17.81 20.40
C LYS A 603 24.97 17.10 21.41
N ALA A 604 24.69 15.80 21.60
CA ALA A 604 25.35 14.94 22.57
C ALA A 604 25.28 13.52 22.02
N THR A 605 26.28 12.71 22.39
CA THR A 605 26.32 11.31 22.00
C THR A 605 26.16 10.51 23.27
N PHE A 606 25.38 9.41 23.25
CA PHE A 606 25.02 8.76 24.51
C PHE A 606 24.89 7.25 24.29
N ASN A 607 25.14 6.47 25.35
CA ASN A 607 24.86 5.04 25.31
C ASN A 607 23.39 4.83 25.70
N ALA A 608 22.75 3.83 25.09
CA ALA A 608 21.37 3.51 25.45
C ALA A 608 21.33 3.06 26.90
N PRO A 609 20.34 3.55 27.67
CA PRO A 609 20.06 3.00 29.00
C PRO A 609 19.77 1.50 28.95
N GLY A 610 19.97 0.80 30.08
CA GLY A 610 19.55 -0.59 30.20
C GLY A 610 18.04 -0.75 30.15
N GLY A 611 17.59 -2.01 30.00
CA GLY A 611 16.22 -2.41 30.31
C GLY A 611 15.39 -2.63 29.05
N ASN A 612 14.19 -3.19 29.23
CA ASN A 612 13.25 -3.36 28.13
C ASN A 612 12.20 -2.25 28.15
N ASP A 613 12.34 -1.32 29.09
CA ASP A 613 11.20 -0.48 29.44
C ASP A 613 11.20 0.77 28.57
N PRO A 614 10.04 1.44 28.41
CA PRO A 614 10.01 2.62 27.55
C PRO A 614 10.85 3.78 28.07
N LEU A 615 11.28 4.59 27.11
CA LEU A 615 12.21 5.70 27.34
C LEU A 615 11.56 7.04 26.94
N ALA A 616 12.01 8.12 27.61
CA ALA A 616 11.68 9.46 27.13
C ALA A 616 12.86 10.37 27.45
N LEU A 617 12.80 11.58 26.89
CA LEU A 617 13.67 12.67 27.34
C LEU A 617 12.86 13.62 28.23
N ASP A 618 13.41 13.92 29.41
CA ASP A 618 12.90 14.97 30.27
C ASP A 618 13.42 16.32 29.75
N MET A 619 12.50 17.09 29.14
CA MET A 619 12.88 18.35 28.50
C MET A 619 12.50 19.57 29.35
N ALA A 620 12.27 19.39 30.67
CA ALA A 620 11.73 20.49 31.47
C ALA A 620 12.70 21.68 31.51
N SER A 621 14.00 21.43 31.36
CA SER A 621 14.94 22.53 31.42
C SER A 621 15.03 23.32 30.10
N MET A 622 14.24 22.91 29.10
CA MET A 622 14.29 23.46 27.75
C MET A 622 13.04 24.30 27.48
N GLY A 623 12.91 24.82 26.26
CA GLY A 623 11.88 25.82 25.98
C GLY A 623 10.95 25.36 24.87
N LYS A 624 11.47 25.38 23.63
CA LYS A 624 10.62 24.95 22.53
C LYS A 624 11.58 24.58 21.41
N GLY A 625 11.28 23.51 20.68
CA GLY A 625 12.04 23.29 19.46
C GLY A 625 11.79 21.89 18.89
N GLN A 626 12.82 21.27 18.32
CA GLN A 626 12.65 19.92 17.78
C GLN A 626 13.74 19.00 18.31
N ILE A 627 13.42 17.67 18.34
CA ILE A 627 14.34 16.66 18.85
C ILE A 627 14.53 15.60 17.76
N TRP A 628 15.81 15.18 17.57
CA TRP A 628 16.13 14.05 16.71
C TRP A 628 17.06 13.09 17.44
N ILE A 629 16.85 11.79 17.21
CA ILE A 629 17.75 10.77 17.77
C ILE A 629 18.23 9.95 16.59
N ASN A 630 19.56 9.91 16.35
CA ASN A 630 20.11 9.11 15.25
C ASN A 630 19.48 9.55 13.94
N GLY A 631 19.17 10.86 13.87
CA GLY A 631 18.65 11.50 12.67
C GLY A 631 17.12 11.41 12.52
N GLU A 632 16.47 10.65 13.41
CA GLU A 632 15.03 10.44 13.30
C GLU A 632 14.29 11.46 14.17
N GLY A 633 13.24 12.07 13.61
CA GLY A 633 12.52 13.12 14.31
C GLY A 633 11.62 12.56 15.42
N VAL A 634 12.01 12.82 16.68
CA VAL A 634 11.25 12.42 17.86
C VAL A 634 9.96 13.26 17.99
N GLY A 635 9.99 14.48 17.46
CA GLY A 635 8.85 15.37 17.54
C GLY A 635 9.21 16.76 18.06
N ARG A 636 8.26 17.71 18.02
CA ARG A 636 8.45 19.02 18.62
C ARG A 636 8.46 18.90 20.14
N HIS A 637 9.26 19.74 20.78
CA HIS A 637 9.11 19.95 22.22
C HIS A 637 8.63 21.36 22.48
N TRP A 638 7.76 21.53 23.50
CA TRP A 638 7.38 22.86 23.94
C TRP A 638 7.10 22.83 25.44
N PRO A 639 8.07 22.39 26.29
CA PRO A 639 7.89 22.37 27.73
C PRO A 639 7.75 23.77 28.30
N GLY A 640 8.17 24.77 27.50
CA GLY A 640 8.00 26.15 27.96
C GLY A 640 6.54 26.60 27.94
N TYR A 641 5.65 25.88 27.22
CA TYR A 641 4.25 26.26 27.18
C TYR A 641 3.55 25.59 28.35
N ILE A 642 3.32 26.36 29.44
CA ILE A 642 2.72 25.80 30.65
C ILE A 642 1.25 25.46 30.47
N ALA A 643 0.79 24.34 31.06
CA ALA A 643 -0.63 23.96 31.02
C ALA A 643 -1.48 24.97 31.79
N GLN A 644 -2.48 25.58 31.14
CA GLN A 644 -3.50 26.32 31.87
C GLN A 644 -4.85 25.64 31.70
N GLY A 645 -5.65 25.67 32.74
CA GLY A 645 -6.97 25.05 32.69
C GLY A 645 -7.59 25.05 34.07
N ASP A 646 -8.72 24.36 34.21
CA ASP A 646 -9.30 24.10 35.51
C ASP A 646 -9.04 22.65 35.89
N CYS A 647 -8.17 22.41 36.86
CA CYS A 647 -7.80 21.06 37.23
C CYS A 647 -8.49 20.65 38.53
N SER A 648 -9.81 20.84 38.60
CA SER A 648 -10.61 20.44 39.76
C SER A 648 -10.69 18.92 39.87
N LYS A 649 -10.71 18.42 41.12
CA LYS A 649 -10.88 16.99 41.33
C LYS A 649 -12.22 16.56 40.78
N CYS A 650 -12.30 15.31 40.31
CA CYS A 650 -13.57 14.91 39.71
C CYS A 650 -13.98 13.55 40.21
N SER A 651 -15.29 13.30 40.10
CA SER A 651 -15.90 12.01 40.36
C SER A 651 -16.22 11.39 39.01
N TYR A 652 -16.18 10.06 38.92
CA TYR A 652 -16.67 9.40 37.71
C TYR A 652 -18.16 9.71 37.46
N ALA A 653 -18.92 10.05 38.52
CA ALA A 653 -20.37 10.01 38.37
C ALA A 653 -20.88 11.28 37.68
N GLY A 654 -21.88 11.10 36.81
CA GLY A 654 -22.60 12.17 36.14
C GLY A 654 -21.98 12.52 34.79
N THR A 655 -22.64 13.37 34.01
CA THR A 655 -22.28 13.55 32.60
C THR A 655 -20.86 14.05 32.46
N PHE A 656 -20.02 13.29 31.74
CA PHE A 656 -18.66 13.71 31.48
C PHE A 656 -18.58 14.76 30.37
N ASN A 657 -17.56 15.64 30.43
CA ASN A 657 -17.17 16.50 29.31
C ASN A 657 -15.66 16.59 29.36
N GLU A 658 -15.02 17.04 28.28
CA GLU A 658 -13.57 16.90 28.19
C GLU A 658 -12.81 17.75 29.21
N LYS A 659 -13.48 18.70 29.89
CA LYS A 659 -12.79 19.54 30.87
C LYS A 659 -13.03 19.04 32.29
N LYS A 660 -13.75 17.91 32.48
CA LYS A 660 -14.21 17.61 33.82
C LYS A 660 -13.07 17.05 34.70
N CYS A 661 -12.13 16.34 34.07
CA CYS A 661 -11.06 15.65 34.81
C CYS A 661 -9.69 16.06 34.26
N GLN A 662 -9.35 17.35 34.33
CA GLN A 662 -8.07 17.80 33.78
C GLN A 662 -6.97 17.72 34.85
N THR A 663 -5.74 17.42 34.43
CA THR A 663 -4.64 17.23 35.36
C THR A 663 -3.45 18.02 34.83
N ASN A 664 -2.41 18.27 35.65
CA ASN A 664 -1.12 18.78 35.19
C ASN A 664 -1.15 20.32 35.03
N CYS A 665 -2.22 20.99 35.48
CA CYS A 665 -2.29 22.44 35.40
C CYS A 665 -1.05 23.02 36.11
N GLY A 666 -0.47 24.07 35.52
CA GLY A 666 0.69 24.72 36.11
C GLY A 666 2.00 23.96 35.91
N GLN A 667 1.97 22.84 35.14
CA GLN A 667 3.19 22.13 34.74
C GLN A 667 3.45 22.38 33.26
N PRO A 668 4.65 22.06 32.73
CA PRO A 668 4.81 22.04 31.27
C PRO A 668 3.73 21.14 30.66
N SER A 669 3.02 21.66 29.63
CA SER A 669 1.94 20.94 28.99
C SER A 669 2.45 19.58 28.48
N GLN A 670 3.73 19.52 28.07
CA GLN A 670 4.38 18.23 27.90
C GLN A 670 5.84 18.39 28.32
N ARG A 671 6.26 17.55 29.28
CA ARG A 671 7.62 17.61 29.78
C ARG A 671 8.46 16.46 29.23
N TRP A 672 7.85 15.28 29.07
CA TRP A 672 8.55 14.06 28.66
C TRP A 672 8.25 13.77 27.20
N TYR A 673 9.31 13.48 26.44
CA TYR A 673 9.21 13.20 25.00
C TYR A 673 9.65 11.78 24.71
N HIS A 674 8.69 11.01 24.21
CA HIS A 674 8.88 9.57 24.01
C HIS A 674 9.99 9.28 23.01
N VAL A 675 10.95 8.40 23.37
CA VAL A 675 12.03 7.99 22.47
C VAL A 675 11.89 6.48 22.28
N PRO A 676 11.44 6.00 21.09
CA PRO A 676 11.29 4.55 20.90
C PRO A 676 12.63 3.82 21.08
N ARG A 677 12.64 2.74 21.85
CA ARG A 677 13.87 1.99 22.11
C ARG A 677 14.53 1.49 20.82
N SER A 678 13.69 1.13 19.84
CA SER A 678 14.15 0.56 18.59
C SER A 678 14.95 1.59 17.78
N TRP A 679 14.88 2.87 18.17
CA TRP A 679 15.61 3.90 17.43
C TRP A 679 17.05 4.01 17.90
N LEU A 680 17.41 3.27 18.96
CA LEU A 680 18.70 3.40 19.61
C LEU A 680 19.58 2.24 19.19
N LYS A 681 20.88 2.46 19.35
CA LYS A 681 21.85 1.38 19.36
C LYS A 681 22.55 1.37 20.72
N PRO A 682 23.36 0.33 21.03
CA PRO A 682 23.97 0.23 22.34
C PRO A 682 24.80 1.46 22.70
N SER A 683 25.53 2.00 21.73
CA SER A 683 26.42 3.10 22.05
C SER A 683 26.49 4.02 20.83
N GLY A 684 26.94 5.27 21.01
CA GLY A 684 27.16 6.16 19.88
C GLY A 684 25.84 6.75 19.36
N ASN A 685 24.82 6.85 20.24
CA ASN A 685 23.56 7.46 19.79
C ASN A 685 23.73 8.96 19.72
N LEU A 686 23.16 9.59 18.68
CA LEU A 686 23.31 11.02 18.50
C LEU A 686 21.98 11.69 18.84
N LEU A 687 22.00 12.58 19.84
CA LEU A 687 20.85 13.38 20.22
C LEU A 687 21.13 14.80 19.73
N VAL A 688 20.23 15.32 18.88
CA VAL A 688 20.27 16.71 18.44
C VAL A 688 18.97 17.39 18.85
N VAL A 689 19.12 18.55 19.50
CA VAL A 689 17.98 19.34 19.92
C VAL A 689 18.14 20.69 19.21
N PHE A 690 17.12 21.09 18.46
CA PHE A 690 17.07 22.52 18.14
C PHE A 690 16.25 23.24 19.22
N GLU A 691 16.86 24.24 19.88
CA GLU A 691 16.19 25.04 20.91
C GLU A 691 15.87 26.44 20.40
N GLU A 692 14.58 26.65 20.14
CA GLU A 692 14.09 27.87 19.50
C GLU A 692 14.08 29.02 20.50
N TRP A 693 13.70 28.71 21.75
CA TRP A 693 13.40 29.70 22.76
C TRP A 693 14.61 29.97 23.64
N GLY A 694 15.19 28.91 24.20
CA GLY A 694 16.24 29.09 25.19
C GLY A 694 16.09 28.02 26.25
N GLY A 695 17.20 27.36 26.58
CA GLY A 695 17.16 26.25 27.51
C GLY A 695 18.53 25.99 28.10
N ASN A 696 18.57 25.16 29.14
CA ASN A 696 19.81 24.65 29.70
C ASN A 696 19.90 23.16 29.41
N PRO A 697 20.66 22.73 28.39
CA PRO A 697 20.65 21.34 27.96
C PRO A 697 21.26 20.43 29.02
N THR A 698 22.03 21.00 29.96
CA THR A 698 22.65 20.19 31.00
C THR A 698 21.58 19.52 31.87
N GLY A 699 20.36 20.07 31.82
CA GLY A 699 19.23 19.59 32.61
C GLY A 699 18.42 18.48 31.92
N ILE A 700 18.76 18.18 30.67
CA ILE A 700 18.13 17.13 29.91
C ILE A 700 18.55 15.77 30.47
N SER A 701 17.56 14.89 30.67
CA SER A 701 17.89 13.55 31.08
C SER A 701 17.02 12.56 30.30
N LEU A 702 17.59 11.40 30.02
CA LEU A 702 16.74 10.27 29.65
C LEU A 702 16.04 9.77 30.90
N VAL A 703 14.83 9.24 30.72
CA VAL A 703 14.04 8.71 31.82
C VAL A 703 13.49 7.36 31.35
N ARG A 704 13.24 6.46 32.31
CA ARG A 704 12.65 5.16 32.05
C ARG A 704 11.28 5.12 32.71
N ARG A 705 10.29 4.57 31.98
CA ARG A 705 8.93 4.58 32.51
C ARG A 705 8.57 3.25 33.14
N SER A 706 7.87 3.35 34.29
CA SER A 706 7.25 2.17 34.89
C SER A 706 5.92 2.55 35.50
N ARG A 707 5.09 1.54 35.77
CA ARG A 707 3.83 1.77 36.46
C ARG A 707 3.66 0.59 37.40
N SER A 708 3.40 0.88 38.67
CA SER A 708 3.18 -0.20 39.62
C SER A 708 1.82 0.04 40.30
N ALA A 709 1.16 -1.04 40.73
CA ALA A 709 -0.07 -0.90 41.50
C ALA A 709 0.16 0.01 42.71
N GLU B 5 -21.92 -24.59 -43.65
CA GLU B 5 -21.53 -25.99 -43.22
C GLU B 5 -20.99 -25.92 -41.79
N PHE B 6 -20.23 -24.88 -41.50
CA PHE B 6 -19.62 -24.75 -40.20
C PHE B 6 -20.14 -23.45 -39.57
N SER B 7 -20.31 -23.43 -38.24
CA SER B 7 -20.81 -22.21 -37.61
C SER B 7 -20.52 -22.22 -36.12
N VAL B 8 -20.44 -21.02 -35.53
CA VAL B 8 -20.43 -20.87 -34.07
C VAL B 8 -21.48 -19.83 -33.70
N SER B 9 -22.37 -20.22 -32.79
CA SER B 9 -23.43 -19.40 -32.28
C SER B 9 -23.42 -19.56 -30.77
N TYR B 10 -24.38 -18.93 -30.09
CA TYR B 10 -24.53 -19.20 -28.66
C TYR B 10 -25.98 -19.00 -28.23
N ASP B 11 -26.35 -19.56 -27.09
CA ASP B 11 -27.61 -19.20 -26.46
C ASP B 11 -27.36 -19.06 -24.95
N ASP B 12 -28.42 -19.15 -24.15
CA ASP B 12 -28.34 -18.92 -22.71
C ASP B 12 -27.58 -20.06 -22.04
N ARG B 13 -27.49 -21.19 -22.75
CA ARG B 13 -26.90 -22.39 -22.19
C ARG B 13 -25.43 -22.56 -22.54
N ALA B 14 -25.07 -22.37 -23.82
CA ALA B 14 -23.70 -22.73 -24.19
C ALA B 14 -23.28 -22.05 -25.48
N ILE B 15 -21.97 -22.10 -25.80
CA ILE B 15 -21.53 -21.90 -27.19
C ILE B 15 -22.04 -23.09 -28.01
N ILE B 16 -22.37 -22.84 -29.29
CA ILE B 16 -23.02 -23.82 -30.17
C ILE B 16 -22.12 -23.94 -31.40
N ILE B 17 -21.49 -25.10 -31.56
CA ILE B 17 -20.52 -25.33 -32.62
C ILE B 17 -21.14 -26.29 -33.64
N ASN B 18 -21.30 -25.83 -34.89
CA ASN B 18 -21.84 -26.66 -35.98
C ASN B 18 -23.18 -27.21 -35.53
N GLY B 19 -23.91 -26.36 -34.82
CA GLY B 19 -25.30 -26.59 -34.43
C GLY B 19 -25.47 -27.42 -33.17
N LYS B 20 -24.37 -27.68 -32.44
CA LYS B 20 -24.46 -28.50 -31.23
C LYS B 20 -23.93 -27.71 -30.01
N ARG B 21 -24.74 -27.61 -28.95
CA ARG B 21 -24.25 -27.04 -27.71
C ARG B 21 -23.11 -27.88 -27.16
N LYS B 22 -22.13 -27.21 -26.57
CA LYS B 22 -21.01 -27.92 -26.01
C LYS B 22 -20.58 -27.29 -24.68
N ILE B 23 -20.20 -28.16 -23.76
CA ILE B 23 -19.57 -27.69 -22.54
C ILE B 23 -18.06 -27.75 -22.82
N LEU B 24 -17.42 -26.58 -22.97
CA LEU B 24 -16.07 -26.52 -23.47
C LEU B 24 -15.03 -26.38 -22.34
N ILE B 25 -14.04 -27.27 -22.40
CA ILE B 25 -12.94 -27.34 -21.47
C ILE B 25 -11.71 -26.76 -22.20
N SER B 26 -11.11 -25.73 -21.62
CA SER B 26 -10.08 -24.99 -22.34
C SER B 26 -8.83 -24.84 -21.47
N GLY B 27 -7.70 -24.52 -22.10
CA GLY B 27 -6.54 -24.19 -21.29
C GLY B 27 -5.57 -23.30 -22.07
N SER B 28 -4.93 -22.37 -21.32
CA SER B 28 -4.04 -21.40 -21.94
C SER B 28 -2.67 -21.99 -22.19
N ILE B 29 -2.20 -21.80 -23.43
CA ILE B 29 -0.81 -22.08 -23.77
C ILE B 29 -0.34 -20.91 -24.62
N HIS B 30 0.62 -20.14 -24.15
CA HIS B 30 1.07 -18.96 -24.89
C HIS B 30 2.20 -19.34 -25.86
N TYR B 31 1.97 -19.19 -27.16
CA TYR B 31 2.91 -19.72 -28.17
C TYR B 31 4.34 -19.21 -27.97
N PRO B 32 4.63 -17.93 -27.61
CA PRO B 32 6.03 -17.53 -27.47
C PRO B 32 6.71 -17.89 -26.15
N ARG B 33 5.99 -18.56 -25.24
CA ARG B 33 6.50 -19.01 -23.97
C ARG B 33 7.03 -20.46 -24.06
N SER B 34 7.06 -21.00 -25.29
CA SER B 34 7.67 -22.29 -25.60
C SER B 34 8.28 -22.20 -26.99
N THR B 35 8.87 -23.31 -27.49
CA THR B 35 9.46 -23.29 -28.82
C THR B 35 8.58 -24.07 -29.79
N PRO B 36 8.67 -23.80 -31.11
CA PRO B 36 7.81 -24.49 -32.06
C PRO B 36 7.97 -26.00 -31.97
N GLN B 37 9.18 -26.48 -31.60
CA GLN B 37 9.42 -27.90 -31.47
C GLN B 37 8.68 -28.53 -30.28
N MET B 38 8.34 -27.72 -29.26
CA MET B 38 7.58 -28.16 -28.10
C MET B 38 6.07 -28.14 -28.33
N TRP B 39 5.60 -27.22 -29.19
CA TRP B 39 4.18 -27.01 -29.33
C TRP B 39 3.37 -28.32 -29.53
N PRO B 40 3.73 -29.25 -30.46
CA PRO B 40 2.89 -30.43 -30.73
C PRO B 40 2.77 -31.33 -29.50
N ASP B 41 3.87 -31.45 -28.75
CA ASP B 41 3.90 -32.21 -27.52
C ASP B 41 2.97 -31.58 -26.47
N LEU B 42 3.09 -30.26 -26.26
CA LEU B 42 2.25 -29.59 -25.26
C LEU B 42 0.77 -29.74 -25.62
N ILE B 43 0.47 -29.55 -26.92
CA ILE B 43 -0.89 -29.65 -27.44
C ILE B 43 -1.44 -31.08 -27.28
N GLN B 44 -0.60 -32.09 -27.57
CA GLN B 44 -1.01 -33.48 -27.37
C GLN B 44 -1.32 -33.75 -25.90
N LYS B 45 -0.43 -33.29 -25.00
CA LYS B 45 -0.66 -33.43 -23.56
C LYS B 45 -1.95 -32.75 -23.11
N ALA B 46 -2.23 -31.54 -23.66
CA ALA B 46 -3.50 -30.88 -23.40
C ALA B 46 -4.70 -31.74 -23.82
N LYS B 47 -4.64 -32.30 -25.04
CA LYS B 47 -5.70 -33.15 -25.56
C LYS B 47 -5.89 -34.35 -24.64
N ASP B 48 -4.80 -35.04 -24.31
CA ASP B 48 -4.85 -36.22 -23.46
C ASP B 48 -5.30 -35.85 -22.05
N GLY B 49 -5.11 -34.57 -21.65
CA GLY B 49 -5.58 -34.13 -20.34
C GLY B 49 -7.04 -33.66 -20.37
N GLY B 50 -7.71 -33.80 -21.51
CA GLY B 50 -9.15 -33.62 -21.51
C GLY B 50 -9.58 -32.24 -22.01
N LEU B 51 -8.68 -31.48 -22.68
CA LEU B 51 -9.08 -30.16 -23.14
C LEU B 51 -9.71 -30.25 -24.53
N ASP B 52 -10.70 -29.36 -24.76
CA ASP B 52 -11.31 -29.24 -26.07
C ASP B 52 -10.79 -28.03 -26.85
N VAL B 53 -10.16 -27.07 -26.13
CA VAL B 53 -9.84 -25.75 -26.64
C VAL B 53 -8.45 -25.36 -26.10
N ILE B 54 -7.67 -24.68 -26.95
CA ILE B 54 -6.47 -23.99 -26.45
C ILE B 54 -6.69 -22.49 -26.53
N GLU B 55 -6.33 -21.75 -25.47
CA GLU B 55 -6.57 -20.31 -25.44
C GLU B 55 -5.19 -19.65 -25.41
N THR B 56 -5.03 -18.55 -26.16
CA THR B 56 -3.77 -17.83 -26.11
C THR B 56 -4.04 -16.36 -26.41
N TYR B 57 -3.21 -15.51 -25.83
CA TYR B 57 -3.19 -14.12 -26.22
C TYR B 57 -2.39 -14.02 -27.51
N VAL B 58 -2.47 -12.83 -28.13
CA VAL B 58 -1.53 -12.49 -29.20
C VAL B 58 -0.63 -11.41 -28.61
N PHE B 59 0.66 -11.44 -28.94
CA PHE B 59 1.67 -10.61 -28.29
C PHE B 59 2.18 -9.57 -29.27
N TRP B 60 1.50 -8.40 -29.27
CA TRP B 60 1.73 -7.36 -30.26
C TRP B 60 3.21 -6.92 -30.33
N ASN B 61 3.83 -6.67 -29.16
CA ASN B 61 5.19 -6.14 -29.14
C ASN B 61 6.18 -7.16 -29.73
N GLY B 62 5.87 -8.45 -29.62
CA GLY B 62 6.70 -9.46 -30.26
C GLY B 62 6.54 -9.48 -31.78
N HIS B 63 5.33 -9.22 -32.26
CA HIS B 63 5.00 -9.23 -33.67
C HIS B 63 5.37 -7.93 -34.37
N GLU B 64 5.49 -6.82 -33.64
CA GLU B 64 5.71 -5.55 -34.32
C GLU B 64 6.79 -4.75 -33.61
N PRO B 65 8.07 -5.20 -33.66
CA PRO B 65 9.16 -4.59 -32.89
C PRO B 65 9.51 -3.17 -33.32
N SER B 66 9.13 -2.80 -34.55
CA SER B 66 9.20 -1.41 -34.97
C SER B 66 8.06 -1.17 -35.96
N PRO B 67 7.56 0.07 -36.19
CA PRO B 67 6.28 0.25 -36.86
C PRO B 67 6.32 -0.29 -38.28
N GLY B 68 5.31 -1.10 -38.63
CA GLY B 68 5.17 -1.62 -39.98
C GLY B 68 6.16 -2.75 -40.27
N LYS B 69 6.96 -3.14 -39.28
CA LYS B 69 7.93 -4.21 -39.46
C LYS B 69 7.52 -5.39 -38.59
N TYR B 70 7.16 -6.51 -39.24
CA TYR B 70 6.44 -7.56 -38.52
C TYR B 70 7.33 -8.78 -38.34
N ASN B 71 7.05 -9.54 -37.27
CA ASN B 71 7.76 -10.76 -36.98
C ASN B 71 6.76 -11.86 -36.64
N PHE B 72 6.65 -12.84 -37.55
CA PHE B 72 5.84 -14.03 -37.35
C PHE B 72 6.73 -15.25 -37.54
N GLU B 73 8.01 -15.15 -37.14
CA GLU B 73 8.94 -16.27 -37.33
C GLU B 73 9.22 -16.98 -36.02
N GLY B 74 9.56 -18.27 -36.12
CA GLY B 74 10.02 -19.01 -34.95
C GLY B 74 8.87 -19.21 -33.94
N ARG B 75 9.18 -18.99 -32.67
CA ARG B 75 8.13 -19.09 -31.65
C ARG B 75 7.10 -17.95 -31.73
N TYR B 76 7.27 -16.98 -32.63
CA TYR B 76 6.22 -15.99 -32.91
C TYR B 76 5.40 -16.34 -34.16
N ASP B 77 5.57 -17.58 -34.66
CA ASP B 77 4.75 -17.99 -35.78
C ASP B 77 3.38 -18.41 -35.27
N LEU B 78 2.52 -17.40 -35.05
CA LEU B 78 1.18 -17.58 -34.51
C LEU B 78 0.35 -18.47 -35.43
N VAL B 79 0.48 -18.30 -36.76
CA VAL B 79 -0.34 -19.12 -37.64
C VAL B 79 0.06 -20.59 -37.47
N ARG B 80 1.37 -20.88 -37.44
CA ARG B 80 1.85 -22.25 -37.25
C ARG B 80 1.24 -22.85 -35.99
N PHE B 81 1.27 -22.10 -34.89
CA PHE B 81 0.74 -22.58 -33.61
C PHE B 81 -0.75 -22.90 -33.74
N ILE B 82 -1.53 -21.99 -34.32
CA ILE B 82 -2.96 -22.21 -34.44
C ILE B 82 -3.23 -23.43 -35.33
N LYS B 83 -2.45 -23.60 -36.40
CA LYS B 83 -2.61 -24.80 -37.23
C LYS B 83 -2.27 -26.09 -36.47
N MET B 84 -1.28 -26.00 -35.56
CA MET B 84 -0.93 -27.18 -34.75
C MET B 84 -2.05 -27.57 -33.79
N VAL B 85 -2.76 -26.57 -33.27
CA VAL B 85 -3.90 -26.85 -32.41
C VAL B 85 -5.01 -27.52 -33.22
N GLN B 86 -5.26 -26.99 -34.41
CA GLN B 86 -6.26 -27.58 -35.31
C GLN B 86 -5.90 -29.03 -35.63
N ARG B 87 -4.61 -29.30 -35.88
CA ARG B 87 -4.21 -30.68 -36.17
C ARG B 87 -4.49 -31.65 -35.02
N ALA B 88 -4.48 -31.12 -33.80
CA ALA B 88 -4.80 -31.94 -32.64
C ALA B 88 -6.30 -32.15 -32.42
N GLY B 89 -7.14 -31.55 -33.29
CA GLY B 89 -8.58 -31.58 -33.17
C GLY B 89 -9.11 -30.72 -32.01
N LEU B 90 -8.32 -29.73 -31.57
CA LEU B 90 -8.81 -28.80 -30.56
C LEU B 90 -9.23 -27.48 -31.21
N TYR B 91 -10.07 -26.71 -30.51
CA TYR B 91 -10.51 -25.41 -30.94
C TYR B 91 -9.55 -24.37 -30.37
N VAL B 92 -9.73 -23.11 -30.81
CA VAL B 92 -8.90 -22.04 -30.29
C VAL B 92 -9.77 -20.89 -29.77
N ASN B 93 -9.39 -20.35 -28.58
CA ASN B 93 -9.89 -19.03 -28.17
C ASN B 93 -8.75 -18.02 -28.36
N LEU B 94 -8.85 -17.15 -29.38
CA LEU B 94 -7.73 -16.26 -29.68
C LEU B 94 -7.99 -14.94 -28.95
N ARG B 95 -7.19 -14.65 -27.91
CA ARG B 95 -7.38 -13.44 -27.14
C ARG B 95 -6.50 -12.33 -27.75
N ILE B 96 -7.07 -11.57 -28.68
CA ILE B 96 -6.20 -10.72 -29.49
C ILE B 96 -5.72 -9.53 -28.66
N GLY B 97 -6.58 -8.99 -27.79
CA GLY B 97 -6.17 -7.83 -26.98
C GLY B 97 -6.42 -6.53 -27.76
N PRO B 98 -5.37 -5.76 -28.15
CA PRO B 98 -3.97 -6.20 -28.02
C PRO B 98 -3.27 -5.78 -26.74
N TYR B 99 -3.99 -5.09 -25.83
CA TYR B 99 -3.57 -5.11 -24.45
C TYR B 99 -3.91 -6.50 -23.93
N VAL B 100 -2.91 -7.20 -23.39
CA VAL B 100 -3.12 -8.61 -23.02
C VAL B 100 -2.70 -8.83 -21.56
N CYS B 101 -2.00 -7.87 -20.93
CA CYS B 101 -1.57 -8.01 -19.53
C CYS B 101 -0.57 -9.17 -19.42
N ALA B 102 -1.00 -10.35 -18.93
CA ALA B 102 -0.28 -11.61 -19.19
C ALA B 102 1.10 -11.67 -18.53
N GLU B 103 1.36 -10.80 -17.55
CA GLU B 103 2.67 -10.64 -16.94
C GLU B 103 3.74 -10.52 -18.02
N TRP B 104 3.37 -9.79 -19.08
CA TRP B 104 4.17 -9.73 -20.30
C TRP B 104 4.63 -8.28 -20.45
N ASN B 105 5.85 -8.07 -20.99
CA ASN B 105 6.49 -6.76 -21.08
C ASN B 105 5.52 -5.70 -21.59
N PHE B 106 5.27 -4.64 -20.80
CA PHE B 106 4.45 -3.49 -21.19
C PHE B 106 3.01 -3.90 -21.56
N GLY B 107 2.55 -5.05 -21.01
CA GLY B 107 1.18 -5.52 -21.25
C GLY B 107 0.94 -5.91 -22.71
N GLY B 108 2.01 -6.07 -23.51
CA GLY B 108 1.83 -6.44 -24.91
C GLY B 108 2.09 -5.27 -25.87
N PHE B 109 1.99 -4.04 -25.37
CA PHE B 109 2.16 -2.90 -26.27
C PHE B 109 3.62 -2.76 -26.71
N PRO B 110 3.88 -2.51 -28.00
CA PRO B 110 5.22 -2.11 -28.45
C PRO B 110 5.58 -0.80 -27.73
N VAL B 111 6.84 -0.74 -27.26
CA VAL B 111 7.28 0.45 -26.53
C VAL B 111 7.25 1.67 -27.45
N TRP B 112 7.52 1.46 -28.74
CA TRP B 112 7.55 2.58 -29.69
C TRP B 112 6.18 3.28 -29.79
N LEU B 113 5.10 2.53 -29.52
CA LEU B 113 3.74 3.04 -29.61
C LEU B 113 3.54 4.21 -28.65
N LYS B 114 4.24 4.17 -27.51
CA LYS B 114 4.10 5.18 -26.46
C LYS B 114 4.50 6.56 -26.99
N TYR B 115 5.45 6.58 -27.93
CA TYR B 115 6.07 7.84 -28.37
C TYR B 115 5.43 8.37 -29.67
N VAL B 116 4.39 7.73 -30.17
CA VAL B 116 3.62 8.30 -31.27
C VAL B 116 2.99 9.63 -30.82
N PRO B 117 3.14 10.75 -31.58
CA PRO B 117 2.57 12.03 -31.17
C PRO B 117 1.09 11.92 -30.80
N GLY B 118 0.73 12.49 -29.64
CA GLY B 118 -0.64 12.57 -29.16
C GLY B 118 -1.23 11.23 -28.67
N MET B 119 -0.37 10.21 -28.48
CA MET B 119 -0.79 8.87 -28.07
C MET B 119 -1.26 8.90 -26.61
N GLU B 120 -2.32 8.14 -26.32
CA GLU B 120 -2.71 7.81 -24.97
C GLU B 120 -3.28 6.39 -25.01
N PHE B 121 -2.76 5.49 -24.16
CA PHE B 121 -3.14 4.08 -24.21
C PHE B 121 -4.52 3.81 -23.59
N ARG B 122 -5.30 2.87 -24.17
CA ARG B 122 -6.49 2.27 -23.54
C ARG B 122 -7.50 3.31 -23.10
N THR B 123 -7.83 4.17 -24.06
CA THR B 123 -8.92 5.11 -23.89
C THR B 123 -9.33 5.58 -25.28
N ASN B 124 -10.29 6.53 -25.30
CA ASN B 124 -10.84 6.89 -26.59
C ASN B 124 -9.95 7.88 -27.32
N ASN B 125 -8.73 7.44 -27.64
CA ASN B 125 -7.65 8.28 -28.15
C ASN B 125 -7.44 7.92 -29.62
N GLN B 126 -7.36 8.91 -30.49
CA GLN B 126 -7.34 8.62 -31.93
C GLN B 126 -6.08 7.87 -32.38
N PRO B 127 -4.84 8.36 -32.13
CA PRO B 127 -3.63 7.59 -32.49
C PRO B 127 -3.63 6.13 -31.95
N PHE B 128 -4.17 5.95 -30.75
CA PHE B 128 -4.26 4.63 -30.15
C PHE B 128 -5.23 3.75 -30.91
N LYS B 129 -6.41 4.29 -31.21
CA LYS B 129 -7.42 3.50 -31.89
C LYS B 129 -6.94 3.09 -33.28
N VAL B 130 -6.28 4.04 -33.97
CA VAL B 130 -5.78 3.74 -35.29
C VAL B 130 -4.78 2.57 -35.25
N ALA B 131 -3.81 2.66 -34.34
CA ALA B 131 -2.79 1.62 -34.22
C ALA B 131 -3.45 0.30 -33.79
N MET B 132 -4.28 0.36 -32.73
CA MET B 132 -4.96 -0.84 -32.26
C MET B 132 -5.82 -1.48 -33.35
N GLN B 133 -6.73 -0.70 -33.98
CA GLN B 133 -7.54 -1.26 -35.04
C GLN B 133 -6.65 -1.84 -36.15
N GLY B 134 -5.53 -1.17 -36.45
CA GLY B 134 -4.72 -1.68 -37.57
C GLY B 134 -4.13 -3.06 -37.25
N PHE B 135 -3.67 -3.26 -36.03
CA PHE B 135 -3.07 -4.55 -35.67
C PHE B 135 -4.15 -5.64 -35.52
N VAL B 136 -5.28 -5.35 -34.85
CA VAL B 136 -6.31 -6.35 -34.73
C VAL B 136 -6.80 -6.78 -36.12
N GLN B 137 -7.01 -5.79 -37.01
CA GLN B 137 -7.47 -6.10 -38.34
C GLN B 137 -6.43 -6.96 -39.06
N LYS B 138 -5.15 -6.63 -38.89
CA LYS B 138 -4.10 -7.45 -39.49
C LYS B 138 -4.20 -8.92 -39.05
N ILE B 139 -4.35 -9.14 -37.76
CA ILE B 139 -4.41 -10.49 -37.19
C ILE B 139 -5.67 -11.22 -37.66
N VAL B 140 -6.83 -10.55 -37.62
CA VAL B 140 -8.07 -11.18 -38.03
C VAL B 140 -7.97 -11.58 -39.51
N ASN B 141 -7.44 -10.67 -40.34
CA ASN B 141 -7.32 -10.96 -41.77
C ASN B 141 -6.32 -12.10 -42.02
N MET B 142 -5.28 -12.21 -41.19
CA MET B 142 -4.35 -13.32 -41.35
C MET B 142 -5.09 -14.63 -41.10
N MET B 143 -5.94 -14.66 -40.05
CA MET B 143 -6.65 -15.89 -39.75
C MET B 143 -7.72 -16.16 -40.80
N LYS B 144 -8.46 -15.14 -41.24
CA LYS B 144 -9.50 -15.37 -42.24
C LYS B 144 -8.91 -15.85 -43.58
N SER B 145 -7.71 -15.38 -43.93
CA SER B 145 -7.12 -15.72 -45.22
C SER B 145 -6.93 -17.23 -45.38
N GLU B 146 -6.72 -17.94 -44.25
CA GLU B 146 -6.57 -19.40 -44.28
C GLU B 146 -7.72 -20.09 -43.56
N ASN B 147 -8.88 -19.47 -43.56
CA ASN B 147 -10.07 -20.16 -43.07
C ASN B 147 -9.83 -20.67 -41.64
N LEU B 148 -9.16 -19.88 -40.79
CA LEU B 148 -8.84 -20.37 -39.44
C LEU B 148 -9.94 -20.11 -38.43
N PHE B 149 -10.98 -19.36 -38.78
CA PHE B 149 -12.11 -19.29 -37.86
C PHE B 149 -12.99 -20.50 -38.11
N GLU B 150 -13.70 -20.91 -37.06
CA GLU B 150 -14.48 -22.13 -37.12
C GLU B 150 -15.63 -21.97 -38.11
N SER B 151 -16.10 -20.73 -38.30
CA SER B 151 -17.10 -20.42 -39.32
C SER B 151 -16.67 -20.86 -40.73
N GLN B 152 -15.35 -20.99 -40.97
CA GLN B 152 -14.75 -21.31 -42.26
C GLN B 152 -14.12 -22.71 -42.22
N GLY B 153 -14.37 -23.44 -41.15
CA GLY B 153 -13.89 -24.80 -40.93
C GLY B 153 -12.60 -24.88 -40.12
N GLY B 154 -12.10 -23.74 -39.61
CA GLY B 154 -10.84 -23.73 -38.87
C GLY B 154 -11.07 -23.89 -37.37
N PRO B 155 -10.04 -23.74 -36.52
CA PRO B 155 -10.20 -23.99 -35.09
C PRO B 155 -10.72 -22.84 -34.24
N ILE B 156 -10.59 -21.56 -34.67
CA ILE B 156 -10.87 -20.46 -33.74
C ILE B 156 -12.38 -20.30 -33.59
N ILE B 157 -12.88 -20.52 -32.35
CA ILE B 157 -14.29 -20.50 -32.06
C ILE B 157 -14.72 -19.19 -31.41
N MET B 158 -13.75 -18.33 -31.03
CA MET B 158 -14.12 -17.07 -30.38
C MET B 158 -12.85 -16.26 -30.25
N ALA B 159 -13.01 -14.96 -30.04
CA ALA B 159 -11.86 -14.09 -29.91
C ALA B 159 -12.17 -13.02 -28.86
N GLN B 160 -11.11 -12.55 -28.17
CA GLN B 160 -11.28 -11.55 -27.14
C GLN B 160 -10.67 -10.23 -27.62
N ILE B 161 -11.43 -9.16 -27.39
CA ILE B 161 -10.89 -7.82 -27.65
C ILE B 161 -10.64 -7.15 -26.30
N GLU B 162 -9.55 -6.36 -26.18
CA GLU B 162 -9.11 -5.81 -24.91
C GLU B 162 -8.80 -6.94 -23.94
N ASN B 163 -8.59 -6.59 -22.65
CA ASN B 163 -8.38 -7.55 -21.55
C ASN B 163 -8.67 -6.84 -20.23
N GLU B 164 -9.71 -7.29 -19.50
CA GLU B 164 -10.01 -6.75 -18.18
C GLU B 164 -10.08 -5.21 -18.18
N TYR B 165 -10.87 -4.67 -19.11
CA TYR B 165 -10.86 -3.22 -19.21
C TYR B 165 -11.89 -2.63 -18.25
N GLY B 166 -12.90 -3.44 -17.82
CA GLY B 166 -13.97 -2.88 -17.00
C GLY B 166 -13.41 -2.12 -15.79
N PRO B 167 -12.43 -2.68 -15.04
CA PRO B 167 -11.87 -1.92 -13.91
C PRO B 167 -11.10 -0.64 -14.25
N VAL B 168 -10.57 -0.54 -15.49
CA VAL B 168 -9.91 0.68 -15.92
C VAL B 168 -10.96 1.77 -16.08
N GLU B 169 -12.07 1.42 -16.75
CA GLU B 169 -13.15 2.38 -17.00
C GLU B 169 -13.70 2.82 -15.65
N TRP B 170 -13.67 1.93 -14.66
CA TRP B 170 -14.15 2.35 -13.35
C TRP B 170 -13.37 3.55 -12.84
N GLU B 171 -12.09 3.67 -13.24
CA GLU B 171 -11.31 4.79 -12.77
C GLU B 171 -11.38 5.92 -13.78
N ILE B 172 -11.37 5.64 -15.08
CA ILE B 172 -11.16 6.76 -15.98
C ILE B 172 -12.48 7.35 -16.51
N GLY B 173 -13.59 6.66 -16.29
CA GLY B 173 -14.89 7.28 -16.55
C GLY B 173 -15.33 7.21 -18.02
N ALA B 174 -16.09 8.23 -18.46
CA ALA B 174 -16.85 8.12 -19.71
C ALA B 174 -15.95 7.89 -20.92
N PRO B 175 -14.77 8.54 -21.07
CA PRO B 175 -13.94 8.27 -22.26
C PRO B 175 -13.60 6.79 -22.34
N GLY B 176 -13.45 6.15 -21.17
CA GLY B 176 -13.27 4.71 -21.15
C GLY B 176 -14.53 3.94 -21.60
N LYS B 177 -15.71 4.41 -21.18
CA LYS B 177 -16.96 3.77 -21.62
C LYS B 177 -17.06 3.86 -23.14
N ALA B 178 -16.65 5.01 -23.70
CA ALA B 178 -16.75 5.21 -25.14
C ALA B 178 -15.76 4.28 -25.85
N TYR B 179 -14.57 4.16 -25.25
CA TYR B 179 -13.52 3.31 -25.82
C TYR B 179 -14.01 1.87 -25.81
N THR B 180 -14.63 1.45 -24.71
CA THR B 180 -15.18 0.08 -24.64
C THR B 180 -16.15 -0.20 -25.78
N LYS B 181 -17.10 0.72 -26.01
CA LYS B 181 -18.09 0.57 -27.07
C LYS B 181 -17.45 0.55 -28.45
N TRP B 182 -16.47 1.44 -28.65
CA TRP B 182 -15.70 1.48 -29.90
C TRP B 182 -15.01 0.14 -30.16
N ALA B 183 -14.29 -0.37 -29.15
CA ALA B 183 -13.47 -1.57 -29.35
C ALA B 183 -14.38 -2.75 -29.73
N ALA B 184 -15.49 -2.90 -29.02
CA ALA B 184 -16.44 -4.00 -29.26
C ALA B 184 -17.01 -3.91 -30.66
N GLN B 185 -17.48 -2.70 -31.07
CA GLN B 185 -18.08 -2.51 -32.39
C GLN B 185 -17.02 -2.71 -33.49
N MET B 186 -15.80 -2.20 -33.29
CA MET B 186 -14.71 -2.37 -34.26
C MET B 186 -14.39 -3.87 -34.41
N ALA B 187 -14.27 -4.57 -33.27
CA ALA B 187 -13.96 -6.00 -33.33
C ALA B 187 -15.06 -6.75 -34.10
N VAL B 188 -16.32 -6.55 -33.70
CA VAL B 188 -17.44 -7.31 -34.28
C VAL B 188 -17.48 -7.02 -35.78
N GLY B 189 -17.18 -5.75 -36.13
CA GLY B 189 -17.21 -5.29 -37.51
C GLY B 189 -16.14 -5.91 -38.41
N LEU B 190 -15.18 -6.63 -37.83
CA LEU B 190 -14.18 -7.37 -38.61
C LEU B 190 -14.71 -8.66 -39.23
N LYS B 191 -15.92 -9.08 -38.82
CA LYS B 191 -16.68 -10.20 -39.37
C LYS B 191 -15.87 -11.51 -39.37
N THR B 192 -15.58 -12.01 -38.17
CA THR B 192 -14.87 -13.27 -38.04
C THR B 192 -15.81 -14.45 -38.27
N GLY B 193 -17.11 -14.20 -38.08
CA GLY B 193 -18.09 -15.26 -38.15
C GLY B 193 -18.28 -16.04 -36.83
N VAL B 194 -17.54 -15.64 -35.79
CA VAL B 194 -17.64 -16.32 -34.50
C VAL B 194 -17.75 -15.28 -33.38
N PRO B 195 -18.20 -15.71 -32.17
CA PRO B 195 -18.38 -14.78 -31.06
C PRO B 195 -17.15 -13.98 -30.67
N TRP B 196 -17.39 -12.77 -30.16
CA TRP B 196 -16.37 -11.95 -29.52
C TRP B 196 -16.69 -11.90 -28.03
N ILE B 197 -15.63 -11.94 -27.21
CA ILE B 197 -15.75 -11.89 -25.76
C ILE B 197 -14.89 -10.75 -25.24
N MET B 198 -15.20 -10.30 -24.01
CA MET B 198 -14.40 -9.37 -23.24
C MET B 198 -14.45 -9.83 -21.78
N CYS B 199 -13.27 -9.98 -21.17
CA CYS B 199 -13.25 -10.43 -19.78
C CYS B 199 -13.35 -9.25 -18.82
N LYS B 200 -14.10 -9.46 -17.71
CA LYS B 200 -14.35 -8.41 -16.72
C LYS B 200 -14.84 -7.14 -17.41
N GLN B 201 -16.04 -7.21 -17.99
CA GLN B 201 -16.55 -6.11 -18.81
C GLN B 201 -18.06 -6.18 -18.73
N GLU B 202 -18.58 -5.82 -17.54
CA GLU B 202 -20.01 -5.96 -17.27
C GLU B 202 -20.86 -5.17 -18.26
N ASP B 203 -20.29 -4.15 -18.93
CA ASP B 203 -21.06 -3.33 -19.87
C ASP B 203 -20.80 -3.73 -21.33
N ALA B 204 -20.20 -4.92 -21.59
CA ALA B 204 -19.94 -5.34 -22.98
C ALA B 204 -21.23 -5.26 -23.81
N PRO B 205 -21.26 -4.51 -24.93
CA PRO B 205 -22.47 -4.41 -25.73
C PRO B 205 -22.70 -5.66 -26.58
N ASP B 206 -23.98 -6.00 -26.76
CA ASP B 206 -24.36 -7.05 -27.66
C ASP B 206 -23.63 -6.79 -28.99
N PRO B 207 -23.18 -7.82 -29.73
CA PRO B 207 -23.35 -9.22 -29.35
C PRO B 207 -22.17 -9.82 -28.57
N VAL B 208 -21.28 -8.99 -28.03
CA VAL B 208 -20.13 -9.48 -27.26
C VAL B 208 -20.61 -10.15 -25.99
N ILE B 209 -19.93 -11.24 -25.62
CA ILE B 209 -20.21 -11.96 -24.38
C ILE B 209 -19.23 -11.47 -23.33
N ASP B 210 -19.72 -10.98 -22.17
CA ASP B 210 -18.76 -10.68 -21.10
C ASP B 210 -18.42 -11.95 -20.32
N THR B 211 -17.19 -12.02 -19.80
CA THR B 211 -16.76 -13.28 -19.19
C THR B 211 -16.08 -12.94 -17.86
N CYS B 212 -15.72 -14.00 -17.11
CA CYS B 212 -15.27 -13.86 -15.74
C CYS B 212 -13.85 -14.41 -15.64
N ASN B 213 -13.02 -13.76 -14.83
CA ASN B 213 -11.72 -14.33 -14.50
C ASN B 213 -11.59 -14.42 -12.99
N GLY B 214 -10.84 -15.40 -12.50
CA GLY B 214 -10.64 -15.47 -11.05
C GLY B 214 -10.27 -16.86 -10.56
N PHE B 215 -10.06 -16.99 -9.24
CA PHE B 215 -9.88 -18.31 -8.63
C PHE B 215 -11.23 -19.04 -8.60
N TYR B 216 -12.32 -18.27 -8.50
CA TYR B 216 -13.66 -18.86 -8.48
C TYR B 216 -14.60 -17.95 -9.28
N CYS B 217 -15.54 -18.51 -10.05
CA CYS B 217 -16.42 -17.65 -10.83
C CYS B 217 -17.84 -18.21 -10.78
N GLU B 218 -18.19 -19.09 -9.81
CA GLU B 218 -19.47 -19.82 -9.86
C GLU B 218 -20.70 -18.89 -9.73
N GLY B 219 -20.54 -17.70 -9.12
CA GLY B 219 -21.59 -16.71 -8.92
C GLY B 219 -21.77 -15.73 -10.10
N PHE B 220 -20.84 -15.76 -11.05
CA PHE B 220 -20.88 -14.81 -12.15
C PHE B 220 -22.08 -15.11 -13.05
N ARG B 221 -22.69 -14.06 -13.58
CA ARG B 221 -23.65 -14.19 -14.67
C ARG B 221 -23.29 -13.18 -15.75
N PRO B 222 -23.38 -13.53 -17.05
CA PRO B 222 -23.13 -12.59 -18.14
C PRO B 222 -24.22 -11.52 -18.16
N ASN B 223 -23.97 -10.46 -18.93
CA ASN B 223 -24.75 -9.24 -18.80
C ASN B 223 -26.10 -9.33 -19.53
N LYS B 224 -26.42 -10.47 -20.14
CA LYS B 224 -27.76 -10.68 -20.70
C LYS B 224 -28.13 -12.15 -20.55
N PRO B 225 -29.45 -12.46 -20.38
CA PRO B 225 -29.89 -13.85 -20.16
C PRO B 225 -29.70 -14.78 -21.35
N TYR B 226 -29.43 -14.19 -22.54
CA TYR B 226 -29.29 -14.95 -23.77
C TYR B 226 -27.81 -15.07 -24.15
N LYS B 227 -26.90 -14.80 -23.20
CA LYS B 227 -25.50 -15.12 -23.39
C LYS B 227 -25.07 -16.24 -22.45
N PRO B 228 -24.13 -17.13 -22.87
CA PRO B 228 -23.71 -18.24 -22.03
C PRO B 228 -22.69 -17.79 -20.99
N LYS B 229 -22.48 -18.63 -19.98
CA LYS B 229 -21.68 -18.22 -18.85
C LYS B 229 -20.30 -18.83 -19.04
N MET B 230 -19.28 -17.97 -19.09
CA MET B 230 -17.97 -18.44 -19.50
C MET B 230 -16.89 -17.87 -18.58
N TRP B 231 -15.89 -18.71 -18.28
CA TRP B 231 -14.85 -18.35 -17.33
C TRP B 231 -13.52 -18.39 -18.08
N THR B 232 -13.04 -17.21 -18.47
CA THR B 232 -11.91 -17.22 -19.40
C THR B 232 -10.57 -17.46 -18.70
N GLU B 233 -10.50 -17.30 -17.38
CA GLU B 233 -9.26 -17.64 -16.67
C GLU B 233 -9.57 -18.25 -15.30
N VAL B 234 -9.48 -19.58 -15.23
CA VAL B 234 -9.42 -20.30 -13.96
C VAL B 234 -7.95 -20.30 -13.54
N TRP B 235 -7.57 -19.48 -12.54
CA TRP B 235 -6.14 -19.39 -12.26
C TRP B 235 -5.67 -20.66 -11.57
N THR B 236 -4.63 -21.26 -12.14
CA THR B 236 -4.23 -22.60 -11.69
C THR B 236 -3.12 -22.53 -10.64
N GLY B 237 -2.77 -21.30 -10.28
CA GLY B 237 -1.63 -21.02 -9.43
C GLY B 237 -1.43 -19.50 -9.41
N TRP B 238 -0.18 -19.06 -9.51
CA TRP B 238 0.02 -17.63 -9.72
C TRP B 238 1.41 -17.48 -10.33
N TYR B 239 1.74 -16.26 -10.73
CA TYR B 239 3.05 -16.12 -11.36
C TYR B 239 4.13 -15.98 -10.29
N THR B 240 5.37 -16.15 -10.72
CA THR B 240 6.49 -16.01 -9.80
C THR B 240 7.16 -14.68 -10.09
N LYS B 241 7.43 -13.94 -9.02
CA LYS B 241 8.15 -12.68 -9.13
C LYS B 241 9.60 -12.95 -8.75
N PHE B 242 10.54 -12.29 -9.47
CA PHE B 242 11.86 -12.19 -8.86
C PHE B 242 11.72 -11.56 -7.46
N GLY B 243 12.39 -12.17 -6.49
CA GLY B 243 12.27 -11.76 -5.10
C GLY B 243 11.02 -12.30 -4.40
N GLY B 244 10.24 -13.14 -5.10
CA GLY B 244 9.06 -13.69 -4.45
C GLY B 244 9.16 -15.21 -4.40
N PRO B 245 8.22 -15.86 -3.68
CA PRO B 245 8.20 -17.32 -3.61
C PRO B 245 7.58 -17.98 -4.85
N ILE B 246 7.51 -19.31 -4.81
CA ILE B 246 6.89 -20.14 -5.84
C ILE B 246 5.48 -20.47 -5.36
N PRO B 247 4.45 -19.88 -5.99
CA PRO B 247 3.08 -20.07 -5.53
C PRO B 247 2.48 -21.34 -6.12
N GLN B 248 1.66 -21.99 -5.32
CA GLN B 248 1.00 -23.20 -5.78
C GLN B 248 -0.49 -23.00 -5.54
N ARG B 249 -1.32 -23.76 -6.28
CA ARG B 249 -2.72 -23.86 -5.94
C ARG B 249 -3.08 -25.33 -5.96
N PRO B 250 -3.65 -25.85 -4.87
CA PRO B 250 -3.97 -27.28 -4.79
C PRO B 250 -4.95 -27.75 -5.87
N ALA B 251 -4.63 -28.92 -6.45
CA ALA B 251 -5.48 -29.54 -7.45
C ALA B 251 -6.93 -29.65 -6.97
N GLU B 252 -7.12 -30.00 -5.70
CA GLU B 252 -8.47 -30.27 -5.19
C GLU B 252 -9.30 -28.98 -5.12
N ASP B 253 -8.64 -27.84 -4.88
CA ASP B 253 -9.33 -26.56 -4.87
C ASP B 253 -9.63 -26.07 -6.28
N ILE B 254 -8.72 -26.27 -7.24
CA ILE B 254 -9.06 -26.00 -8.65
C ILE B 254 -10.26 -26.85 -9.07
N ALA B 255 -10.17 -28.16 -8.83
CA ALA B 255 -11.28 -29.02 -9.29
C ALA B 255 -12.59 -28.57 -8.67
N PHE B 256 -12.58 -28.31 -7.37
CA PHE B 256 -13.78 -27.84 -6.68
C PHE B 256 -14.32 -26.57 -7.36
N SER B 257 -13.42 -25.63 -7.69
CA SER B 257 -13.89 -24.37 -8.28
C SER B 257 -14.53 -24.59 -9.65
N VAL B 258 -13.95 -25.53 -10.44
CA VAL B 258 -14.43 -25.83 -11.78
C VAL B 258 -15.80 -26.51 -11.64
N ALA B 259 -15.90 -27.48 -10.74
CA ALA B 259 -17.18 -28.15 -10.51
C ALA B 259 -18.24 -27.17 -10.04
N ARG B 260 -17.86 -26.25 -9.17
CA ARG B 260 -18.83 -25.25 -8.67
C ARG B 260 -19.39 -24.38 -9.82
N PHE B 261 -18.53 -24.04 -10.77
CA PHE B 261 -18.96 -23.23 -11.92
C PHE B 261 -19.79 -24.06 -12.90
N VAL B 262 -19.35 -25.27 -13.26
CA VAL B 262 -20.09 -26.09 -14.22
C VAL B 262 -21.43 -26.51 -13.59
N GLN B 263 -21.47 -26.69 -12.26
CA GLN B 263 -22.74 -27.18 -11.71
C GLN B 263 -23.75 -26.04 -11.76
N ASN B 264 -23.25 -24.81 -11.87
CA ASN B 264 -24.09 -23.63 -11.83
C ASN B 264 -24.22 -23.05 -13.25
N ASN B 265 -24.53 -23.93 -14.22
CA ASN B 265 -24.81 -23.55 -15.60
C ASN B 265 -23.57 -23.07 -16.35
N GLY B 266 -22.37 -23.22 -15.77
CA GLY B 266 -21.20 -22.72 -16.51
C GLY B 266 -20.88 -23.61 -17.72
N SER B 267 -20.54 -23.01 -18.88
CA SER B 267 -20.46 -23.81 -20.09
C SER B 267 -19.10 -23.72 -20.80
N PHE B 268 -18.26 -22.75 -20.40
CA PHE B 268 -16.90 -22.65 -20.92
C PHE B 268 -16.00 -22.26 -19.77
N PHE B 269 -14.94 -23.04 -19.53
CA PHE B 269 -13.94 -22.61 -18.56
C PHE B 269 -12.55 -22.93 -19.10
N ASN B 270 -11.58 -22.06 -18.79
CA ASN B 270 -10.26 -22.13 -19.36
C ASN B 270 -9.22 -21.97 -18.26
N TYR B 271 -8.31 -22.95 -18.14
CA TYR B 271 -7.24 -22.93 -17.15
C TYR B 271 -6.18 -21.92 -17.60
N TYR B 272 -5.93 -20.94 -16.73
CA TYR B 272 -4.89 -19.91 -16.92
C TYR B 272 -3.87 -20.13 -15.78
N MET B 273 -2.71 -20.77 -16.02
CA MET B 273 -2.21 -21.28 -17.30
C MET B 273 -2.44 -22.78 -17.32
N TYR B 274 -2.43 -23.35 -18.53
CA TYR B 274 -2.43 -24.81 -18.63
C TYR B 274 -0.97 -25.26 -18.82
N HIS B 275 -0.26 -24.61 -19.76
CA HIS B 275 1.20 -24.63 -19.81
C HIS B 275 1.62 -23.18 -19.68
N GLY B 276 2.42 -22.86 -18.65
CA GLY B 276 2.90 -21.50 -18.44
C GLY B 276 4.20 -21.23 -19.19
N GLY B 277 5.17 -22.14 -19.09
CA GLY B 277 6.34 -21.97 -19.94
C GLY B 277 7.30 -20.92 -19.37
N THR B 278 8.02 -20.28 -20.27
CA THR B 278 9.16 -19.45 -19.92
C THR B 278 9.08 -18.09 -20.59
N ASN B 279 9.55 -17.06 -19.87
CA ASN B 279 9.72 -15.73 -20.41
C ASN B 279 11.14 -15.66 -21.00
N PHE B 280 11.31 -16.05 -22.26
CA PHE B 280 12.67 -16.02 -22.83
C PHE B 280 13.12 -14.60 -23.16
N GLY B 281 14.41 -14.43 -23.45
CA GLY B 281 14.95 -13.15 -23.89
C GLY B 281 14.67 -12.04 -22.88
N ARG B 282 14.62 -10.78 -23.35
CA ARG B 282 14.44 -9.65 -22.48
C ARG B 282 13.22 -8.80 -22.91
N THR B 283 12.39 -9.32 -23.83
CA THR B 283 11.13 -8.63 -24.16
C THR B 283 9.92 -9.52 -23.94
N SER B 284 9.89 -10.29 -22.85
CA SER B 284 8.81 -11.22 -22.54
C SER B 284 8.25 -10.87 -21.18
N SER B 285 9.07 -10.95 -20.13
CA SER B 285 8.55 -10.76 -18.78
C SER B 285 8.09 -9.32 -18.54
N GLY B 286 6.96 -9.20 -17.81
CA GLY B 286 6.57 -7.91 -17.28
C GLY B 286 7.39 -7.53 -16.06
N LEU B 287 6.98 -6.44 -15.42
CA LEU B 287 7.75 -5.85 -14.32
C LEU B 287 7.96 -6.89 -13.20
N PHE B 288 9.25 -7.16 -12.89
CA PHE B 288 9.70 -8.06 -11.82
C PHE B 288 9.14 -9.48 -11.98
N ILE B 289 8.72 -9.84 -13.19
CA ILE B 289 8.23 -11.20 -13.42
C ILE B 289 9.46 -12.07 -13.64
N ALA B 290 9.51 -13.23 -12.98
CA ALA B 290 10.64 -14.14 -13.13
C ALA B 290 10.63 -14.75 -14.54
N THR B 291 11.77 -15.32 -14.94
CA THR B 291 11.92 -15.96 -16.22
C THR B 291 11.03 -17.20 -16.25
N SER B 292 10.94 -17.91 -15.15
CA SER B 292 10.01 -19.03 -15.05
C SER B 292 8.56 -18.48 -14.99
N TYR B 293 7.70 -18.90 -15.94
CA TYR B 293 6.27 -18.65 -15.84
C TYR B 293 5.54 -19.96 -15.55
N ASP B 294 6.11 -20.77 -14.64
CA ASP B 294 5.62 -22.14 -14.41
C ASP B 294 4.14 -22.15 -14.04
N TYR B 295 3.77 -21.26 -13.12
CA TYR B 295 2.39 -20.97 -12.73
C TYR B 295 1.79 -22.12 -11.88
N ASP B 296 2.60 -23.14 -11.54
CA ASP B 296 2.04 -24.38 -10.98
C ASP B 296 1.06 -25.00 -11.97
N ALA B 297 1.30 -24.77 -13.28
CA ALA B 297 0.29 -25.14 -14.28
C ALA B 297 0.20 -26.67 -14.38
N PRO B 298 -0.91 -27.25 -14.89
CA PRO B 298 -0.92 -28.69 -15.17
C PRO B 298 0.26 -29.25 -15.99
N LEU B 299 0.79 -28.45 -16.94
CA LEU B 299 2.05 -28.79 -17.59
C LEU B 299 3.08 -27.82 -17.05
N ASP B 300 4.16 -28.36 -16.48
CA ASP B 300 5.13 -27.48 -15.84
C ASP B 300 5.90 -26.73 -16.89
N GLU B 301 6.85 -25.90 -16.44
CA GLU B 301 7.55 -24.97 -17.33
C GLU B 301 8.19 -25.72 -18.49
N TYR B 302 8.67 -26.93 -18.21
CA TYR B 302 9.50 -27.69 -19.14
C TYR B 302 8.62 -28.55 -20.03
N GLY B 303 7.31 -28.53 -19.79
CA GLY B 303 6.42 -29.34 -20.61
C GLY B 303 6.06 -30.69 -19.97
N LEU B 304 6.55 -30.95 -18.73
CA LEU B 304 6.29 -32.22 -18.09
C LEU B 304 4.97 -32.18 -17.32
N LEU B 305 4.36 -33.37 -17.13
CA LEU B 305 3.09 -33.44 -16.41
C LEU B 305 3.29 -33.07 -14.96
N ASN B 306 2.57 -32.03 -14.52
CA ASN B 306 2.62 -31.66 -13.10
C ASN B 306 1.57 -32.48 -12.36
N GLU B 307 1.99 -33.60 -11.76
CA GLU B 307 1.08 -34.56 -11.13
C GLU B 307 1.08 -34.27 -9.64
N PRO B 308 -0.05 -34.43 -8.93
CA PRO B 308 -1.26 -35.08 -9.48
C PRO B 308 -2.25 -34.13 -10.18
N LYS B 309 -1.92 -32.85 -10.25
CA LYS B 309 -2.89 -31.90 -10.78
C LYS B 309 -3.35 -32.29 -12.21
N TYR B 310 -2.40 -32.59 -13.11
CA TYR B 310 -2.75 -32.94 -14.49
C TYR B 310 -3.78 -34.06 -14.54
N GLY B 311 -3.49 -35.14 -13.79
CA GLY B 311 -4.31 -36.34 -13.82
C GLY B 311 -5.65 -36.15 -13.11
N HIS B 312 -5.64 -35.35 -12.05
CA HIS B 312 -6.84 -35.07 -11.28
C HIS B 312 -7.82 -34.24 -12.10
N LEU B 313 -7.28 -33.31 -12.90
CA LEU B 313 -8.14 -32.52 -13.76
C LEU B 313 -8.54 -33.37 -14.95
N ARG B 314 -7.64 -34.22 -15.45
CA ARG B 314 -8.02 -35.14 -16.53
C ARG B 314 -9.25 -35.94 -16.07
N ASP B 315 -9.25 -36.42 -14.82
CA ASP B 315 -10.35 -37.25 -14.29
C ASP B 315 -11.65 -36.43 -14.17
N LEU B 316 -11.53 -35.17 -13.72
CA LEU B 316 -12.65 -34.24 -13.72
C LEU B 316 -13.24 -34.10 -15.12
N HIS B 317 -12.38 -33.86 -16.13
CA HIS B 317 -12.84 -33.72 -17.51
C HIS B 317 -13.63 -34.93 -17.96
N LYS B 318 -13.14 -36.12 -17.61
CA LYS B 318 -13.82 -37.34 -18.01
C LYS B 318 -15.23 -37.37 -17.40
N ALA B 319 -15.34 -36.95 -16.13
CA ALA B 319 -16.63 -36.94 -15.47
C ALA B 319 -17.57 -35.93 -16.11
N ILE B 320 -17.01 -34.78 -16.54
CA ILE B 320 -17.85 -33.77 -17.19
C ILE B 320 -18.32 -34.29 -18.55
N LYS B 321 -17.42 -34.95 -19.31
CA LYS B 321 -17.79 -35.47 -20.62
C LYS B 321 -18.89 -36.52 -20.49
N LEU B 322 -18.81 -37.35 -19.45
CA LEU B 322 -19.88 -38.34 -19.22
C LEU B 322 -21.22 -37.66 -18.97
N SER B 323 -21.20 -36.47 -18.36
CA SER B 323 -22.36 -35.71 -17.92
C SER B 323 -22.90 -34.83 -19.05
N GLU B 324 -22.09 -34.66 -20.11
CA GLU B 324 -22.34 -33.56 -21.05
C GLU B 324 -23.69 -33.67 -21.74
N PRO B 325 -24.15 -34.86 -22.23
CA PRO B 325 -25.45 -34.92 -22.90
C PRO B 325 -26.54 -34.34 -21.99
N ALA B 326 -26.45 -34.62 -20.67
CA ALA B 326 -27.42 -34.06 -19.74
C ALA B 326 -27.17 -32.56 -19.55
N LEU B 327 -25.89 -32.18 -19.37
CA LEU B 327 -25.61 -30.74 -19.23
C LEU B 327 -26.21 -29.91 -20.36
N VAL B 328 -26.09 -30.39 -21.61
CA VAL B 328 -26.46 -29.49 -22.70
C VAL B 328 -27.95 -29.54 -23.05
N SER B 329 -28.70 -30.45 -22.44
CA SER B 329 -30.11 -30.61 -22.79
C SER B 329 -31.00 -30.28 -21.59
N SER B 330 -30.46 -29.60 -20.58
CA SER B 330 -31.20 -29.12 -19.40
C SER B 330 -30.51 -27.90 -18.79
N TYR B 331 -31.10 -27.33 -17.73
CA TYR B 331 -30.50 -26.27 -16.93
C TYR B 331 -30.30 -26.81 -15.52
N ALA B 332 -29.36 -26.20 -14.80
CA ALA B 332 -29.05 -26.56 -13.43
C ALA B 332 -30.26 -26.24 -12.53
N ALA B 333 -30.76 -27.26 -11.85
CA ALA B 333 -31.77 -27.08 -10.81
C ALA B 333 -31.18 -27.46 -9.46
N VAL B 334 -31.26 -26.52 -8.50
CA VAL B 334 -30.64 -26.72 -7.20
C VAL B 334 -31.70 -27.15 -6.17
N THR B 335 -31.31 -28.11 -5.35
CA THR B 335 -32.03 -28.54 -4.16
C THR B 335 -31.06 -28.50 -2.98
N SER B 336 -31.48 -27.90 -1.85
CA SER B 336 -30.64 -27.88 -0.66
C SER B 336 -30.52 -29.30 -0.10
N LEU B 337 -29.31 -29.65 0.33
CA LEU B 337 -29.10 -30.94 1.00
C LEU B 337 -28.86 -30.71 2.49
N GLY B 338 -28.66 -29.46 2.88
CA GLY B 338 -28.28 -29.22 4.27
C GLY B 338 -27.70 -27.82 4.41
N SER B 339 -27.16 -27.53 5.59
CA SER B 339 -26.90 -26.13 5.85
C SER B 339 -25.76 -25.59 4.97
N ASN B 340 -24.87 -26.46 4.45
CA ASN B 340 -23.90 -25.93 3.50
C ASN B 340 -23.64 -26.96 2.40
N GLN B 341 -24.71 -27.61 1.92
CA GLN B 341 -24.61 -28.68 0.95
C GLN B 341 -25.76 -28.51 -0.01
N GLU B 342 -25.51 -28.79 -1.31
CA GLU B 342 -26.52 -28.67 -2.34
C GLU B 342 -26.40 -29.78 -3.37
N ALA B 343 -27.50 -30.03 -4.09
CA ALA B 343 -27.46 -30.85 -5.28
C ALA B 343 -27.85 -29.95 -6.43
N HIS B 344 -27.03 -29.99 -7.49
CA HIS B 344 -27.36 -29.33 -8.74
C HIS B 344 -27.57 -30.43 -9.77
N VAL B 345 -28.78 -30.47 -10.33
CA VAL B 345 -29.17 -31.64 -11.10
C VAL B 345 -29.60 -31.14 -12.48
N TYR B 346 -29.11 -31.83 -13.52
CA TYR B 346 -29.46 -31.53 -14.91
C TYR B 346 -30.23 -32.73 -15.43
N ARG B 347 -31.54 -32.54 -15.58
CA ARG B 347 -32.43 -33.65 -15.83
C ARG B 347 -33.13 -33.31 -17.14
N SER B 348 -32.86 -34.13 -18.14
CA SER B 348 -33.23 -33.88 -19.52
C SER B 348 -34.54 -34.60 -19.81
N LYS B 349 -35.30 -34.11 -20.79
CA LYS B 349 -36.50 -34.81 -21.23
C LYS B 349 -36.14 -36.21 -21.73
N SER B 350 -34.94 -36.35 -22.31
CA SER B 350 -34.40 -37.58 -22.87
C SER B 350 -34.23 -38.69 -21.83
N GLY B 351 -34.22 -38.33 -20.54
CA GLY B 351 -33.91 -39.29 -19.49
C GLY B 351 -32.44 -39.23 -19.05
N ALA B 352 -31.60 -38.51 -19.81
CA ALA B 352 -30.26 -38.20 -19.33
C ALA B 352 -30.39 -37.42 -18.01
N CYS B 353 -29.49 -37.67 -17.07
CA CYS B 353 -29.54 -36.94 -15.82
C CYS B 353 -28.13 -36.91 -15.27
N ALA B 354 -27.63 -35.73 -14.91
CA ALA B 354 -26.34 -35.63 -14.24
C ALA B 354 -26.55 -34.80 -12.99
N ALA B 355 -25.80 -35.13 -11.92
CA ALA B 355 -25.96 -34.48 -10.62
C ALA B 355 -24.60 -34.14 -10.03
N PHE B 356 -24.55 -32.94 -9.43
CA PHE B 356 -23.39 -32.52 -8.67
C PHE B 356 -23.83 -32.39 -7.19
N LEU B 357 -23.16 -33.13 -6.29
CA LEU B 357 -23.42 -33.04 -4.86
C LEU B 357 -22.25 -32.32 -4.18
N SER B 358 -22.59 -31.21 -3.50
CA SER B 358 -21.59 -30.27 -3.00
C SER B 358 -21.56 -30.17 -1.48
N ASN B 359 -20.34 -29.98 -0.95
CA ASN B 359 -20.16 -29.63 0.46
C ASN B 359 -19.28 -28.38 0.53
N TYR B 360 -19.86 -27.25 0.92
CA TYR B 360 -19.12 -26.00 0.92
C TYR B 360 -18.44 -25.78 2.27
N ASP B 361 -18.73 -26.65 3.23
CA ASP B 361 -18.09 -26.57 4.55
C ASP B 361 -16.59 -26.80 4.39
N SER B 362 -15.75 -25.82 4.80
CA SER B 362 -14.32 -26.00 4.61
C SER B 362 -13.66 -26.84 5.72
N ARG B 363 -14.39 -27.20 6.81
CA ARG B 363 -13.77 -27.90 7.94
C ARG B 363 -14.22 -29.35 8.07
N TYR B 364 -15.49 -29.61 7.77
CA TYR B 364 -16.14 -30.88 8.12
C TYR B 364 -16.68 -31.59 6.87
N SER B 365 -16.48 -32.93 6.86
CA SER B 365 -17.17 -33.88 6.00
C SER B 365 -18.66 -33.91 6.34
N VAL B 366 -19.47 -34.13 5.28
CA VAL B 366 -20.90 -34.33 5.48
C VAL B 366 -21.30 -35.49 4.58
N LYS B 367 -22.12 -36.39 5.13
CA LYS B 367 -22.72 -37.44 4.34
C LYS B 367 -24.13 -36.98 4.04
N VAL B 368 -24.47 -36.93 2.74
CA VAL B 368 -25.80 -36.51 2.34
C VAL B 368 -26.54 -37.74 1.83
N THR B 369 -27.86 -37.63 1.82
CA THR B 369 -28.71 -38.62 1.18
C THR B 369 -29.33 -38.00 -0.07
N PHE B 370 -29.09 -38.63 -1.23
CA PHE B 370 -29.59 -38.18 -2.52
C PHE B 370 -30.23 -39.36 -3.25
N GLN B 371 -31.52 -39.23 -3.58
CA GLN B 371 -32.29 -40.32 -4.19
C GLN B 371 -32.00 -41.68 -3.55
N ASN B 372 -32.19 -41.73 -2.22
CA ASN B 372 -32.10 -42.93 -1.39
C ASN B 372 -30.67 -43.43 -1.14
N ARG B 373 -29.62 -42.77 -1.65
CA ARG B 373 -28.31 -43.34 -1.42
C ARG B 373 -27.43 -42.36 -0.65
N PRO B 374 -26.52 -42.86 0.23
CA PRO B 374 -25.55 -42.02 0.94
C PRO B 374 -24.37 -41.67 0.04
N TYR B 375 -23.98 -40.38 0.09
CA TYR B 375 -22.73 -39.93 -0.47
C TYR B 375 -21.98 -39.14 0.61
N ASN B 376 -20.73 -39.54 0.89
CA ASN B 376 -19.87 -38.85 1.85
C ASN B 376 -19.12 -37.76 1.08
N LEU B 377 -19.24 -36.50 1.53
CA LEU B 377 -18.54 -35.43 0.84
C LEU B 377 -17.47 -34.87 1.75
N PRO B 378 -16.16 -35.07 1.43
CA PRO B 378 -15.10 -34.40 2.16
C PRO B 378 -15.38 -32.90 2.19
N PRO B 379 -14.72 -32.19 3.12
CA PRO B 379 -14.85 -30.72 3.21
C PRO B 379 -14.49 -30.11 1.86
N TRP B 380 -15.25 -29.08 1.46
CA TRP B 380 -14.83 -28.28 0.31
C TRP B 380 -14.69 -29.16 -0.93
N SER B 381 -15.77 -29.87 -1.27
CA SER B 381 -15.69 -30.84 -2.35
C SER B 381 -17.04 -31.01 -3.04
N ILE B 382 -17.00 -31.55 -4.27
CA ILE B 382 -18.17 -31.87 -5.07
C ILE B 382 -17.96 -33.25 -5.68
N SER B 383 -19.00 -34.09 -5.57
CA SER B 383 -19.07 -35.35 -6.28
C SER B 383 -19.92 -35.21 -7.54
N ILE B 384 -19.48 -35.85 -8.65
CA ILE B 384 -20.16 -35.76 -9.94
C ILE B 384 -20.74 -37.15 -10.23
N LEU B 385 -22.04 -37.19 -10.49
CA LEU B 385 -22.82 -38.39 -10.76
C LEU B 385 -23.34 -38.26 -12.19
N PRO B 386 -22.60 -38.74 -13.22
CA PRO B 386 -22.98 -38.47 -14.62
C PRO B 386 -24.29 -39.09 -15.09
N ASP B 387 -24.82 -40.02 -14.27
CA ASP B 387 -26.09 -40.71 -14.47
C ASP B 387 -27.02 -40.49 -13.27
N CYS B 388 -26.68 -39.53 -12.39
CA CYS B 388 -27.44 -39.22 -11.19
C CYS B 388 -27.46 -40.37 -10.18
N LYS B 389 -26.57 -41.34 -10.31
CA LYS B 389 -26.54 -42.45 -9.36
C LYS B 389 -25.14 -42.64 -8.82
N THR B 390 -24.20 -42.90 -9.71
CA THR B 390 -22.90 -43.36 -9.26
C THR B 390 -21.96 -42.16 -9.32
N ALA B 391 -21.37 -41.84 -8.18
CA ALA B 391 -20.38 -40.78 -8.09
C ALA B 391 -19.05 -41.28 -8.64
N VAL B 392 -18.74 -40.93 -9.90
CA VAL B 392 -17.50 -41.45 -10.50
C VAL B 392 -16.29 -40.61 -10.07
N TYR B 393 -16.54 -39.42 -9.51
CA TYR B 393 -15.44 -38.50 -9.23
C TYR B 393 -15.85 -37.58 -8.07
N ASN B 394 -14.88 -37.27 -7.20
CA ASN B 394 -15.04 -36.23 -6.18
C ASN B 394 -13.81 -35.33 -6.24
N THR B 395 -14.02 -34.02 -6.22
CA THR B 395 -12.95 -33.06 -6.42
C THR B 395 -11.86 -33.14 -5.35
N ALA B 396 -12.20 -33.70 -4.17
CA ALA B 396 -11.20 -33.83 -3.11
C ALA B 396 -10.52 -35.21 -3.09
N GLN B 397 -10.98 -36.12 -3.95
CA GLN B 397 -10.46 -37.49 -3.91
C GLN B 397 -9.53 -37.62 -5.10
N VAL B 398 -8.22 -37.52 -4.83
CA VAL B 398 -7.24 -37.49 -5.89
C VAL B 398 -6.73 -38.92 -6.13
N ASN B 399 -7.03 -39.47 -7.32
CA ASN B 399 -6.64 -40.81 -7.67
C ASN B 399 -5.38 -40.83 -8.54
N SER B 400 -4.91 -39.65 -8.99
CA SER B 400 -3.62 -39.56 -9.68
C SER B 400 -2.50 -39.57 -8.64
N GLN B 401 -1.34 -40.13 -9.01
CA GLN B 401 -0.17 -40.20 -8.15
C GLN B 401 0.62 -38.89 -8.31
N SER B 402 1.19 -38.38 -7.21
CA SER B 402 2.03 -37.20 -7.24
C SER B 402 3.31 -37.49 -8.00
N SER B 403 3.96 -36.43 -8.48
CA SER B 403 5.35 -36.53 -8.86
C SER B 403 6.10 -35.30 -8.36
N SER B 404 7.40 -35.52 -8.10
CA SER B 404 8.31 -34.49 -7.63
C SER B 404 9.40 -34.26 -8.68
N ILE B 405 10.06 -33.12 -8.56
CA ILE B 405 10.96 -32.65 -9.59
C ILE B 405 12.34 -33.17 -9.27
N LYS B 406 13.06 -33.66 -10.28
CA LYS B 406 14.48 -33.91 -10.13
C LYS B 406 15.26 -33.17 -11.21
N MET B 407 16.33 -32.49 -10.76
CA MET B 407 17.25 -31.80 -11.65
C MET B 407 18.60 -32.51 -11.52
N THR B 408 18.89 -33.38 -12.49
CA THR B 408 20.04 -34.26 -12.43
C THR B 408 21.22 -33.62 -13.16
N PRO B 409 22.38 -33.45 -12.48
CA PRO B 409 23.56 -32.89 -13.13
C PRO B 409 23.88 -33.63 -14.42
N ALA B 410 24.30 -32.87 -15.44
CA ALA B 410 24.69 -33.48 -16.72
C ALA B 410 25.95 -32.82 -17.27
N GLY B 411 27.10 -33.50 -17.16
CA GLY B 411 28.35 -32.97 -17.69
C GLY B 411 29.11 -32.13 -16.67
N GLY B 412 28.69 -30.85 -16.52
CA GLY B 412 29.26 -29.89 -15.59
C GLY B 412 30.69 -29.47 -15.95
N GLY B 413 31.25 -28.51 -15.19
CA GLY B 413 32.64 -28.09 -15.28
C GLY B 413 33.06 -27.59 -16.66
N LEU B 414 32.45 -26.49 -17.12
CA LEU B 414 32.78 -25.95 -18.43
C LEU B 414 34.07 -25.14 -18.35
N SER B 415 34.66 -24.85 -19.51
CA SER B 415 35.86 -24.04 -19.57
C SER B 415 35.47 -22.59 -19.88
N TRP B 416 35.66 -21.70 -18.90
CA TRP B 416 35.12 -20.34 -18.93
C TRP B 416 36.18 -19.30 -19.33
N GLN B 417 35.76 -18.35 -20.18
CA GLN B 417 36.48 -17.12 -20.50
C GLN B 417 35.62 -15.93 -20.06
N SER B 418 36.25 -14.75 -19.87
CA SER B 418 35.56 -13.59 -19.31
C SER B 418 35.88 -12.30 -20.06
N TYR B 419 34.94 -11.35 -19.99
CA TYR B 419 35.09 -10.02 -20.54
C TYR B 419 34.42 -9.02 -19.62
N ASN B 420 35.21 -8.04 -19.21
CA ASN B 420 34.77 -7.10 -18.18
C ASN B 420 34.12 -5.91 -18.87
N GLU B 421 32.93 -5.52 -18.39
CA GLU B 421 32.39 -4.21 -18.78
C GLU B 421 33.15 -3.15 -18.00
N GLU B 422 33.34 -1.98 -18.62
CA GLU B 422 33.87 -0.82 -17.94
C GLU B 422 32.72 0.09 -17.48
N THR B 423 32.98 0.82 -16.40
CA THR B 423 32.06 1.82 -15.88
C THR B 423 32.35 3.13 -16.58
N PRO B 424 31.45 3.67 -17.43
CA PRO B 424 31.72 4.93 -18.12
C PRO B 424 31.55 6.12 -17.18
N THR B 425 32.18 7.25 -17.54
CA THR B 425 32.09 8.49 -16.79
C THR B 425 31.72 9.57 -17.78
N ALA B 426 31.10 10.64 -17.30
CA ALA B 426 30.78 11.80 -18.11
C ALA B 426 32.08 12.41 -18.64
N ASP B 427 32.00 13.06 -19.81
CA ASP B 427 33.05 13.99 -20.22
C ASP B 427 32.61 15.41 -19.94
N ASP B 428 32.94 16.31 -20.90
CA ASP B 428 32.35 17.62 -21.14
C ASP B 428 32.26 17.91 -22.64
N SER B 429 31.90 16.87 -23.41
CA SER B 429 31.73 16.91 -24.86
C SER B 429 30.76 15.82 -25.35
N ASP B 430 30.38 14.91 -24.44
CA ASP B 430 29.41 13.84 -24.65
C ASP B 430 28.20 14.27 -25.49
N THR B 431 27.79 13.42 -26.43
CA THR B 431 26.78 13.79 -27.41
C THR B 431 25.35 13.79 -26.86
N LEU B 432 24.97 12.73 -26.12
CA LEU B 432 23.62 12.61 -25.54
C LEU B 432 23.64 13.10 -24.09
N THR B 433 23.10 14.33 -23.87
CA THR B 433 23.22 15.12 -22.65
C THR B 433 22.05 16.09 -22.50
N ALA B 434 21.69 16.41 -21.25
CA ALA B 434 20.63 17.38 -21.00
C ALA B 434 20.86 18.05 -19.66
N ASN B 435 20.19 19.21 -19.52
CA ASN B 435 20.13 19.96 -18.26
C ASN B 435 19.20 19.27 -17.29
N GLY B 436 19.44 17.98 -17.03
CA GLY B 436 18.72 17.26 -15.99
C GLY B 436 18.49 15.79 -16.36
N LEU B 437 17.52 15.20 -15.67
CA LEU B 437 17.33 13.76 -15.63
C LEU B 437 16.20 13.43 -16.58
N TRP B 438 16.44 12.47 -17.46
CA TRP B 438 15.43 12.04 -18.40
C TRP B 438 14.94 10.67 -17.93
N GLU B 439 13.72 10.32 -18.33
CA GLU B 439 13.13 9.06 -17.91
C GLU B 439 13.71 7.91 -18.75
N GLN B 440 13.92 6.71 -18.14
CA GLN B 440 14.68 5.63 -18.77
C GLN B 440 14.07 5.14 -20.10
N LYS B 441 12.76 4.81 -20.11
CA LYS B 441 12.17 4.28 -21.32
C LYS B 441 12.33 5.28 -22.47
N ASN B 442 12.14 6.56 -22.15
CA ASN B 442 12.29 7.64 -23.11
C ASN B 442 13.67 7.56 -23.78
N VAL B 443 14.71 7.31 -22.99
CA VAL B 443 16.07 7.34 -23.55
C VAL B 443 16.42 6.05 -24.28
N THR B 444 16.13 4.88 -23.68
CA THR B 444 16.56 3.60 -24.22
C THR B 444 15.56 3.06 -25.25
N ARG B 445 14.33 3.59 -25.20
CA ARG B 445 13.17 2.98 -25.85
C ARG B 445 13.10 1.46 -25.62
N ASP B 446 13.53 0.98 -24.44
CA ASP B 446 13.51 -0.42 -24.08
C ASP B 446 14.39 -1.30 -24.99
N SER B 447 15.50 -0.75 -25.55
CA SER B 447 16.36 -1.52 -26.42
C SER B 447 17.39 -2.30 -25.59
N SER B 448 17.45 -1.98 -24.28
CA SER B 448 18.35 -2.62 -23.33
C SER B 448 17.75 -2.41 -21.95
N ASP B 449 18.09 -3.28 -21.00
CA ASP B 449 17.64 -3.04 -19.63
C ASP B 449 18.46 -1.91 -18.99
N TYR B 450 19.57 -1.48 -19.62
CA TYR B 450 20.57 -0.70 -18.91
C TYR B 450 20.67 0.70 -19.47
N LEU B 451 20.71 1.68 -18.56
CA LEU B 451 20.99 3.06 -18.91
C LEU B 451 21.96 3.62 -17.89
N TRP B 452 23.07 4.20 -18.39
CA TRP B 452 23.98 4.95 -17.55
C TRP B 452 23.56 6.42 -17.52
N TYR B 453 23.39 6.97 -16.30
CA TYR B 453 23.19 8.37 -16.00
C TYR B 453 24.50 8.87 -15.39
N MET B 454 25.13 9.85 -16.03
CA MET B 454 26.48 10.23 -15.62
C MET B 454 26.56 11.73 -15.44
N THR B 455 27.33 12.16 -14.42
CA THR B 455 27.50 13.58 -14.22
C THR B 455 28.81 13.85 -13.51
N ASN B 456 29.15 15.14 -13.45
CA ASN B 456 30.35 15.63 -12.80
C ASN B 456 29.94 16.33 -11.51
N VAL B 457 30.68 16.08 -10.43
CA VAL B 457 30.52 16.85 -9.21
C VAL B 457 31.82 17.61 -8.88
N ASN B 458 31.74 18.95 -8.96
CA ASN B 458 32.90 19.79 -8.67
C ASN B 458 32.92 20.15 -7.20
N ILE B 459 34.03 19.83 -6.51
CA ILE B 459 34.17 20.10 -5.08
C ILE B 459 35.23 21.20 -4.90
N ALA B 460 34.83 22.29 -4.24
CA ALA B 460 35.68 23.44 -3.92
C ALA B 460 36.72 23.02 -2.88
N SER B 461 37.93 23.59 -2.98
CA SER B 461 38.97 23.06 -2.12
C SER B 461 38.76 23.45 -0.65
N ASN B 462 37.85 24.41 -0.39
CA ASN B 462 37.59 24.91 0.95
C ASN B 462 36.45 24.13 1.61
N GLU B 463 36.03 22.99 1.04
CA GLU B 463 34.91 22.25 1.62
C GLU B 463 35.22 21.79 3.05
N GLY B 464 34.25 22.01 3.97
CA GLY B 464 34.32 21.56 5.34
C GLY B 464 34.78 20.11 5.49
N PHE B 465 34.25 19.19 4.65
CA PHE B 465 34.55 17.79 4.83
C PHE B 465 36.01 17.46 4.52
N LEU B 466 36.62 18.25 3.64
CA LEU B 466 38.03 18.08 3.32
C LEU B 466 38.95 18.41 4.50
N LYS B 467 38.61 19.42 5.31
CA LYS B 467 39.33 19.85 6.50
C LYS B 467 39.28 18.79 7.60
N ASN B 468 38.16 18.06 7.75
CA ASN B 468 38.17 16.85 8.55
C ASN B 468 38.21 15.63 7.62
N GLY B 469 38.35 14.44 8.20
CA GLY B 469 38.38 13.23 7.38
C GLY B 469 36.96 12.76 7.06
N LYS B 470 36.00 13.70 7.05
CA LYS B 470 34.61 13.36 6.83
C LYS B 470 34.27 13.25 5.34
N ASP B 471 33.17 12.54 5.05
CA ASP B 471 32.73 12.29 3.69
C ASP B 471 31.35 12.92 3.54
N PRO B 472 31.04 13.54 2.37
CA PRO B 472 29.70 14.05 2.09
C PRO B 472 28.70 12.89 1.93
N TYR B 473 27.42 13.23 1.75
CA TYR B 473 26.41 12.19 1.84
C TYR B 473 25.56 12.28 0.58
N LEU B 474 25.44 11.16 -0.16
CA LEU B 474 24.70 11.19 -1.42
C LEU B 474 23.38 10.46 -1.23
N THR B 475 22.28 11.09 -1.69
CA THR B 475 20.99 10.43 -1.77
C THR B 475 20.59 10.39 -3.25
N VAL B 476 20.27 9.18 -3.76
CA VAL B 476 19.78 9.06 -5.13
C VAL B 476 18.42 8.34 -5.10
N MET B 477 17.38 9.08 -5.51
CA MET B 477 16.08 8.48 -5.72
C MET B 477 15.86 8.16 -7.19
N SER B 478 15.29 6.97 -7.43
CA SER B 478 15.05 6.41 -8.74
C SER B 478 13.64 5.82 -8.76
N ALA B 479 12.98 5.98 -9.92
CA ALA B 479 11.74 5.30 -10.22
C ALA B 479 11.95 3.78 -10.36
N GLY B 480 13.22 3.32 -10.41
CA GLY B 480 13.54 1.89 -10.36
C GLY B 480 14.19 1.40 -11.66
N HIS B 481 14.52 0.10 -11.74
CA HIS B 481 14.12 -0.95 -10.81
C HIS B 481 15.30 -1.50 -10.01
N VAL B 482 16.53 -1.31 -10.54
CA VAL B 482 17.75 -1.60 -9.81
C VAL B 482 18.63 -0.38 -10.06
N LEU B 483 19.50 -0.06 -9.09
CA LEU B 483 20.42 1.06 -9.24
C LEU B 483 21.77 0.66 -8.66
N HIS B 484 22.83 0.87 -9.45
CA HIS B 484 24.20 0.75 -8.99
C HIS B 484 24.85 2.12 -9.02
N VAL B 485 25.40 2.55 -7.88
CA VAL B 485 25.96 3.89 -7.76
C VAL B 485 27.48 3.75 -7.78
N PHE B 486 28.13 4.40 -8.76
CA PHE B 486 29.59 4.39 -8.84
C PHE B 486 30.10 5.79 -8.62
N VAL B 487 31.04 5.93 -7.68
CA VAL B 487 31.61 7.23 -7.43
C VAL B 487 33.09 7.13 -7.72
N ASN B 488 33.59 8.02 -8.60
CA ASN B 488 35.03 8.05 -8.87
C ASN B 488 35.52 6.67 -9.34
N GLY B 489 34.68 6.00 -10.15
CA GLY B 489 35.08 4.76 -10.78
C GLY B 489 34.85 3.51 -9.93
N LYS B 490 34.38 3.69 -8.67
CA LYS B 490 34.25 2.60 -7.73
C LYS B 490 32.78 2.36 -7.37
N LEU B 491 32.38 1.09 -7.25
CA LEU B 491 30.99 0.81 -6.89
C LEU B 491 30.79 1.16 -5.42
N SER B 492 29.81 2.02 -5.16
CA SER B 492 29.59 2.51 -3.81
C SER B 492 28.43 1.73 -3.18
N GLY B 493 27.45 1.33 -3.99
CA GLY B 493 26.35 0.56 -3.44
C GLY B 493 25.35 0.17 -4.51
N THR B 494 24.46 -0.79 -4.18
CA THR B 494 23.43 -1.28 -5.10
C THR B 494 22.12 -1.33 -4.30
N VAL B 495 21.03 -0.80 -4.86
CA VAL B 495 19.71 -1.00 -4.24
C VAL B 495 18.77 -1.51 -5.34
N TYR B 496 17.71 -2.22 -4.92
CA TYR B 496 16.81 -2.85 -5.86
C TYR B 496 15.44 -3.02 -5.19
N GLY B 497 14.41 -2.98 -6.02
CA GLY B 497 13.05 -2.78 -5.54
C GLY B 497 12.28 -4.09 -5.54
N THR B 498 10.94 -3.98 -5.48
CA THR B 498 10.06 -5.13 -5.57
C THR B 498 8.96 -4.80 -6.58
N LEU B 499 8.25 -5.84 -7.00
CA LEU B 499 7.14 -5.60 -7.91
C LEU B 499 6.21 -4.54 -7.32
N ASP B 500 5.94 -4.67 -6.01
CA ASP B 500 4.99 -3.80 -5.35
C ASP B 500 5.57 -2.39 -5.22
N ASN B 501 6.88 -2.31 -4.97
CA ASN B 501 7.52 -1.00 -4.83
C ASN B 501 8.81 -0.95 -5.64
N PRO B 502 8.73 -0.67 -6.96
CA PRO B 502 9.93 -0.59 -7.78
C PRO B 502 10.82 0.62 -7.53
N LYS B 503 10.33 1.63 -6.79
CA LYS B 503 11.12 2.86 -6.57
C LYS B 503 12.21 2.61 -5.52
N LEU B 504 13.30 3.41 -5.57
CA LEU B 504 14.52 3.08 -4.84
C LEU B 504 15.04 4.38 -4.23
N THR B 505 15.73 4.23 -3.11
CA THR B 505 16.56 5.29 -2.56
C THR B 505 17.90 4.70 -2.18
N TYR B 506 18.95 5.22 -2.80
CA TYR B 506 20.29 4.94 -2.32
C TYR B 506 20.64 6.09 -1.39
N SER B 507 21.23 5.78 -0.23
CA SER B 507 21.78 6.87 0.57
C SER B 507 22.99 6.37 1.34
N GLY B 508 24.06 7.17 1.31
CA GLY B 508 25.32 6.69 1.79
C GLY B 508 26.37 7.79 1.72
N ASN B 509 27.37 7.66 2.59
CA ASN B 509 28.52 8.54 2.52
C ASN B 509 29.35 8.12 1.31
N VAL B 510 29.91 9.10 0.61
CA VAL B 510 30.75 8.80 -0.55
C VAL B 510 32.02 9.64 -0.39
N LYS B 511 33.17 9.10 -0.80
CA LYS B 511 34.39 9.86 -0.67
C LYS B 511 34.59 10.69 -1.94
N LEU B 512 34.83 11.99 -1.77
CA LEU B 512 35.11 12.90 -2.89
C LEU B 512 36.39 13.66 -2.59
N ARG B 513 37.05 14.17 -3.64
CA ARG B 513 38.25 14.99 -3.50
C ARG B 513 37.96 16.38 -4.03
N ALA B 514 38.85 17.35 -3.76
CA ALA B 514 38.71 18.67 -4.37
C ALA B 514 38.80 18.50 -5.87
N GLY B 515 38.03 19.28 -6.66
CA GLY B 515 38.06 19.19 -8.11
C GLY B 515 36.91 18.36 -8.71
N ILE B 516 37.08 17.85 -9.93
CA ILE B 516 35.98 17.17 -10.61
C ILE B 516 35.91 15.72 -10.16
N ASN B 517 34.75 15.33 -9.61
CA ASN B 517 34.44 13.96 -9.26
C ASN B 517 33.46 13.42 -10.30
N LYS B 518 33.45 12.09 -10.44
CA LYS B 518 32.59 11.45 -11.41
C LYS B 518 31.52 10.66 -10.68
N ILE B 519 30.23 10.90 -11.02
CA ILE B 519 29.19 10.00 -10.53
C ILE B 519 28.60 9.32 -11.76
N SER B 520 28.57 7.97 -11.72
CA SER B 520 27.93 7.16 -12.76
C SER B 520 26.89 6.24 -12.13
N LEU B 521 25.66 6.31 -12.64
CA LEU B 521 24.58 5.50 -12.06
C LEU B 521 24.13 4.52 -13.12
N LEU B 522 24.21 3.21 -12.80
CA LEU B 522 23.70 2.21 -13.72
C LEU B 522 22.27 1.91 -13.26
N SER B 523 21.30 2.32 -14.08
CA SER B 523 19.88 2.12 -13.77
C SER B 523 19.38 0.99 -14.63
N VAL B 524 18.61 0.08 -14.03
CA VAL B 524 18.29 -1.16 -14.70
C VAL B 524 16.79 -1.40 -14.59
N SER B 525 16.18 -1.70 -15.73
CA SER B 525 14.80 -2.12 -15.68
C SER B 525 14.73 -3.64 -15.71
N VAL B 526 13.66 -4.16 -15.09
CA VAL B 526 13.51 -5.61 -14.95
C VAL B 526 12.14 -6.02 -15.45
N GLY B 527 11.94 -5.88 -16.78
CA GLY B 527 10.63 -5.96 -17.42
C GLY B 527 9.87 -4.65 -17.22
N LEU B 528 8.88 -4.38 -18.08
CA LEU B 528 8.10 -3.16 -17.94
C LEU B 528 6.69 -3.48 -17.40
N PRO B 529 6.10 -2.51 -16.66
CA PRO B 529 4.79 -2.69 -16.03
C PRO B 529 3.75 -3.16 -17.06
N ASN B 530 2.82 -4.01 -16.59
CA ASN B 530 1.94 -4.69 -17.53
C ASN B 530 0.50 -4.54 -17.11
N VAL B 531 0.26 -3.84 -15.99
CA VAL B 531 -1.11 -3.81 -15.49
C VAL B 531 -1.25 -2.57 -14.61
N GLY B 532 -2.48 -2.05 -14.48
CA GLY B 532 -2.75 -0.83 -13.72
C GLY B 532 -3.27 0.30 -14.62
N VAL B 533 -4.15 1.13 -14.09
CA VAL B 533 -4.61 2.31 -14.82
C VAL B 533 -3.41 3.25 -15.07
N HIS B 534 -3.23 3.66 -16.33
CA HIS B 534 -2.12 4.50 -16.77
C HIS B 534 -0.75 3.88 -16.48
N TYR B 535 -0.62 2.54 -16.45
CA TYR B 535 0.68 1.94 -16.12
C TYR B 535 1.78 2.37 -17.09
N ASP B 536 1.40 2.68 -18.35
CA ASP B 536 2.36 3.05 -19.37
C ASP B 536 2.96 4.44 -19.06
N THR B 537 2.37 5.19 -18.10
CA THR B 537 2.82 6.54 -17.78
C THR B 537 3.82 6.54 -16.62
N TRP B 538 3.98 5.39 -15.98
CA TRP B 538 4.84 5.28 -14.81
C TRP B 538 6.29 5.35 -15.26
N ASN B 539 7.13 5.92 -14.41
CA ASN B 539 8.50 6.15 -14.85
C ASN B 539 9.38 4.95 -14.54
N ALA B 540 10.51 4.87 -15.28
CA ALA B 540 11.65 4.07 -14.82
C ALA B 540 12.87 4.98 -14.82
N GLY B 541 13.86 4.62 -14.00
CA GLY B 541 15.16 5.29 -14.11
C GLY B 541 15.25 6.46 -13.13
N VAL B 542 16.43 7.07 -13.12
CA VAL B 542 16.76 8.05 -12.09
C VAL B 542 16.11 9.39 -12.46
N LEU B 543 15.01 9.73 -11.79
CA LEU B 543 14.43 11.05 -11.98
C LEU B 543 14.63 11.89 -10.73
N GLY B 544 15.29 11.31 -9.73
CA GLY B 544 15.64 12.11 -8.57
C GLY B 544 14.47 12.15 -7.59
N PRO B 545 14.53 12.99 -6.54
CA PRO B 545 15.68 13.86 -6.26
C PRO B 545 17.06 13.19 -6.13
N VAL B 546 18.10 13.93 -6.54
CA VAL B 546 19.49 13.50 -6.37
C VAL B 546 20.22 14.63 -5.60
N THR B 547 20.72 14.33 -4.41
CA THR B 547 21.19 15.39 -3.51
C THR B 547 22.55 15.00 -2.94
N LEU B 548 23.47 15.98 -2.90
CA LEU B 548 24.70 15.78 -2.15
C LEU B 548 24.70 16.73 -0.94
N SER B 549 24.73 16.12 0.27
CA SER B 549 24.69 16.88 1.51
C SER B 549 26.04 16.79 2.21
N GLY B 550 26.23 17.61 3.24
CA GLY B 550 27.51 17.60 3.93
C GLY B 550 28.45 18.68 3.38
N LEU B 551 27.91 19.60 2.59
CA LEU B 551 28.74 20.62 1.95
C LEU B 551 28.63 21.95 2.70
N ASN B 552 29.55 22.88 2.36
CA ASN B 552 29.49 24.24 2.89
C ASN B 552 28.12 24.85 2.58
N GLU B 553 27.61 24.60 1.36
CA GLU B 553 26.36 25.20 0.90
C GLU B 553 25.16 24.46 1.50
N GLY B 554 25.42 23.36 2.23
CA GLY B 554 24.34 22.54 2.76
C GLY B 554 24.16 21.30 1.89
N SER B 555 23.08 21.28 1.08
CA SER B 555 22.77 20.18 0.20
C SER B 555 22.76 20.74 -1.22
N ARG B 556 23.45 20.05 -2.15
CA ARG B 556 23.40 20.47 -3.54
C ARG B 556 22.42 19.59 -4.31
N ASN B 557 21.56 20.23 -5.13
CA ASN B 557 20.57 19.56 -5.95
C ASN B 557 21.23 19.12 -7.28
N LEU B 558 21.63 17.84 -7.35
CA LEU B 558 22.43 17.35 -8.47
C LEU B 558 21.58 17.18 -9.73
N ALA B 559 20.25 17.31 -9.58
CA ALA B 559 19.35 17.20 -10.72
C ALA B 559 19.47 18.44 -11.60
N LYS B 560 19.89 19.56 -11.01
CA LYS B 560 19.90 20.86 -11.66
C LYS B 560 21.29 21.15 -12.22
N GLN B 561 21.82 20.19 -12.96
CA GLN B 561 23.07 20.34 -13.67
C GLN B 561 23.04 19.40 -14.86
N LYS B 562 24.15 19.35 -15.61
CA LYS B 562 24.25 18.60 -16.86
C LYS B 562 24.48 17.11 -16.56
N TRP B 563 23.69 16.26 -17.23
CA TRP B 563 23.81 14.80 -17.16
C TRP B 563 24.07 14.27 -18.57
N SER B 564 24.91 13.24 -18.70
CA SER B 564 25.05 12.56 -19.98
C SER B 564 24.63 11.10 -19.83
N TYR B 565 24.39 10.47 -20.99
CA TYR B 565 23.67 9.21 -21.04
C TYR B 565 24.42 8.20 -21.88
N LYS B 566 24.40 6.95 -21.44
CA LYS B 566 24.85 5.91 -22.34
C LYS B 566 23.87 4.73 -22.24
N VAL B 567 23.26 4.39 -23.38
CA VAL B 567 22.28 3.32 -23.50
C VAL B 567 23.01 1.98 -23.62
N GLY B 568 22.65 1.02 -22.75
CA GLY B 568 23.02 -0.37 -22.93
C GLY B 568 24.48 -0.58 -22.52
N LEU B 569 24.97 -1.80 -22.76
CA LEU B 569 26.30 -2.23 -22.35
C LEU B 569 27.20 -2.34 -23.59
N LYS B 570 28.51 -2.20 -23.40
CA LYS B 570 29.44 -2.43 -24.50
C LYS B 570 29.25 -3.83 -25.14
N GLY B 571 29.16 -4.85 -24.30
CA GLY B 571 29.00 -6.20 -24.78
C GLY B 571 27.69 -6.40 -25.53
N GLU B 572 26.72 -5.48 -25.34
CA GLU B 572 25.49 -5.52 -26.11
C GLU B 572 25.76 -5.05 -27.53
N SER B 573 26.44 -3.90 -27.66
CA SER B 573 26.64 -3.43 -29.02
C SER B 573 27.68 -4.29 -29.75
N LEU B 574 28.50 -5.06 -29.02
CA LEU B 574 29.47 -6.00 -29.59
C LEU B 574 28.82 -7.32 -30.02
N SER B 575 27.60 -7.56 -29.55
CA SER B 575 26.87 -8.83 -29.64
C SER B 575 27.70 -9.98 -29.10
N LEU B 576 28.23 -9.81 -27.88
CA LEU B 576 29.01 -10.87 -27.27
C LEU B 576 28.17 -12.12 -27.07
N HIS B 577 26.84 -12.00 -27.13
CA HIS B 577 25.94 -13.12 -26.85
C HIS B 577 25.88 -14.09 -28.04
N SER B 578 26.31 -13.65 -29.23
CA SER B 578 26.18 -14.40 -30.48
C SER B 578 27.56 -14.92 -30.89
N LEU B 579 27.61 -15.95 -31.77
CA LEU B 579 28.87 -16.58 -32.14
C LEU B 579 29.80 -15.58 -32.82
N SER B 580 29.27 -14.84 -33.80
CA SER B 580 30.13 -13.95 -34.57
C SER B 580 30.53 -12.72 -33.75
N GLY B 581 29.62 -12.25 -32.87
CA GLY B 581 29.98 -11.18 -31.94
C GLY B 581 31.03 -11.60 -30.92
N SER B 582 30.84 -12.79 -30.34
CA SER B 582 31.67 -13.26 -29.24
C SER B 582 33.09 -13.50 -29.74
N SER B 583 33.19 -14.08 -30.95
CA SER B 583 34.46 -14.36 -31.61
C SER B 583 35.23 -13.07 -31.88
N SER B 584 34.51 -11.94 -31.98
CA SER B 584 34.99 -10.68 -32.52
C SER B 584 36.06 -10.02 -31.64
N VAL B 585 36.11 -10.38 -30.36
CA VAL B 585 37.06 -9.75 -29.44
C VAL B 585 37.73 -10.83 -28.59
N GLU B 586 38.79 -10.43 -27.87
CA GLU B 586 39.53 -11.31 -27.00
C GLU B 586 38.88 -11.37 -25.62
N TRP B 587 38.88 -12.58 -25.03
CA TRP B 587 38.40 -12.81 -23.68
C TRP B 587 39.58 -13.24 -22.83
N VAL B 588 39.44 -13.10 -21.52
CA VAL B 588 40.43 -13.47 -20.51
C VAL B 588 40.14 -14.93 -20.15
N ARG B 589 41.18 -15.66 -19.74
CA ARG B 589 41.03 -17.01 -19.22
C ARG B 589 42.29 -17.42 -18.46
N GLY B 590 42.09 -18.32 -17.51
CA GLY B 590 43.12 -18.82 -16.62
C GLY B 590 42.76 -18.44 -15.19
N SER B 591 43.78 -18.39 -14.33
CA SER B 591 43.61 -17.86 -12.98
C SER B 591 43.41 -16.34 -13.03
N LEU B 592 43.47 -15.78 -14.26
CA LEU B 592 43.26 -14.36 -14.52
C LEU B 592 41.76 -14.04 -14.46
N MET B 593 40.91 -15.07 -14.59
CA MET B 593 39.50 -14.87 -14.87
C MET B 593 38.77 -14.10 -13.75
N ALA B 594 37.97 -13.11 -14.15
CA ALA B 594 37.19 -12.26 -13.27
C ALA B 594 36.31 -13.11 -12.35
N GLN B 595 36.35 -12.80 -11.05
CA GLN B 595 35.77 -13.66 -10.03
C GLN B 595 34.95 -12.82 -9.06
N LYS B 596 33.67 -13.19 -8.90
CA LYS B 596 32.68 -12.41 -8.16
C LYS B 596 32.87 -10.92 -8.44
N GLN B 597 32.93 -10.52 -9.72
CA GLN B 597 33.00 -9.11 -10.07
C GLN B 597 31.76 -8.65 -10.85
N PRO B 598 31.22 -7.45 -10.53
CA PRO B 598 30.07 -6.89 -11.26
C PRO B 598 30.37 -6.62 -12.74
N LEU B 599 29.31 -6.75 -13.56
CA LEU B 599 29.32 -6.37 -14.97
C LEU B 599 30.41 -7.13 -15.72
N THR B 600 30.34 -8.46 -15.69
CA THR B 600 31.30 -9.32 -16.36
C THR B 600 30.57 -10.29 -17.29
N TRP B 601 31.06 -10.42 -18.55
CA TRP B 601 30.62 -11.46 -19.47
C TRP B 601 31.43 -12.73 -19.27
N TYR B 602 30.75 -13.89 -19.41
CA TYR B 602 31.33 -15.22 -19.38
C TYR B 602 30.90 -16.02 -20.63
N LYS B 603 31.85 -16.81 -21.20
CA LYS B 603 31.49 -17.69 -22.29
C LYS B 603 32.10 -19.07 -22.10
N ALA B 604 31.35 -20.10 -22.46
CA ALA B 604 31.81 -21.47 -22.50
C ALA B 604 31.14 -22.17 -23.67
N THR B 605 31.76 -23.26 -24.14
CA THR B 605 31.15 -24.10 -25.16
C THR B 605 30.94 -25.47 -24.55
N PHE B 606 29.88 -26.17 -24.97
CA PHE B 606 29.51 -27.43 -24.33
C PHE B 606 28.82 -28.36 -25.33
N ASN B 607 28.79 -29.63 -24.97
CA ASN B 607 28.12 -30.64 -25.76
C ASN B 607 26.70 -30.81 -25.24
N ALA B 608 25.75 -30.91 -26.17
CA ALA B 608 24.38 -31.24 -25.80
C ALA B 608 24.41 -32.57 -25.05
N PRO B 609 23.89 -32.66 -23.80
CA PRO B 609 23.81 -33.96 -23.13
C PRO B 609 22.83 -34.87 -23.87
N GLY B 610 22.92 -36.17 -23.58
CA GLY B 610 21.92 -37.11 -24.05
C GLY B 610 20.63 -37.00 -23.24
N GLY B 611 19.79 -38.04 -23.29
CA GLY B 611 18.42 -37.95 -22.81
C GLY B 611 17.54 -37.28 -23.86
N ASN B 612 16.23 -37.45 -23.68
CA ASN B 612 15.20 -36.68 -24.37
C ASN B 612 14.61 -35.69 -23.37
N ASP B 613 15.15 -35.77 -22.15
CA ASP B 613 14.74 -35.00 -21.00
C ASP B 613 14.94 -33.50 -21.26
N PRO B 614 14.05 -32.63 -20.72
CA PRO B 614 14.26 -31.19 -20.77
C PRO B 614 15.53 -30.82 -19.98
N LEU B 615 16.11 -29.65 -20.31
CA LEU B 615 17.39 -29.20 -19.77
C LEU B 615 17.22 -27.85 -19.09
N ALA B 616 18.01 -27.62 -18.03
CA ALA B 616 18.12 -26.31 -17.40
C ALA B 616 19.59 -25.98 -17.10
N LEU B 617 19.86 -24.68 -16.93
CA LEU B 617 21.11 -24.27 -16.32
C LEU B 617 20.86 -24.03 -14.84
N ASP B 618 21.73 -24.63 -13.99
CA ASP B 618 21.78 -24.31 -12.58
C ASP B 618 22.60 -23.04 -12.37
N MET B 619 21.97 -21.95 -11.91
CA MET B 619 22.66 -20.66 -11.84
C MET B 619 22.85 -20.20 -10.40
N ALA B 620 22.75 -21.13 -9.44
CA ALA B 620 22.86 -20.83 -8.02
C ALA B 620 24.17 -20.11 -7.69
N SER B 621 25.20 -20.28 -8.51
CA SER B 621 26.49 -19.68 -8.16
C SER B 621 26.65 -18.29 -8.77
N MET B 622 25.62 -17.82 -9.47
CA MET B 622 25.64 -16.54 -10.16
C MET B 622 24.72 -15.57 -9.43
N GLY B 623 24.53 -14.34 -9.96
CA GLY B 623 23.86 -13.30 -9.19
C GLY B 623 22.62 -12.75 -9.92
N LYS B 624 22.87 -12.04 -11.03
CA LYS B 624 21.80 -11.45 -11.82
C LYS B 624 22.35 -11.11 -13.21
N GLY B 625 21.58 -11.36 -14.27
CA GLY B 625 21.95 -10.86 -15.58
C GLY B 625 21.11 -11.54 -16.64
N GLN B 626 21.74 -11.95 -17.74
CA GLN B 626 21.06 -12.59 -18.86
C GLN B 626 21.90 -13.77 -19.38
N ILE B 627 21.19 -14.70 -20.03
CA ILE B 627 21.77 -15.91 -20.56
C ILE B 627 21.38 -16.04 -22.03
N TRP B 628 22.34 -16.50 -22.85
CA TRP B 628 22.10 -16.84 -24.24
C TRP B 628 22.74 -18.18 -24.58
N ILE B 629 22.09 -18.92 -25.50
CA ILE B 629 22.61 -20.21 -25.98
C ILE B 629 22.50 -20.20 -27.50
N ASN B 630 23.64 -20.33 -28.20
CA ASN B 630 23.69 -20.23 -29.65
C ASN B 630 23.05 -18.93 -30.11
N GLY B 631 23.24 -17.86 -29.33
CA GLY B 631 22.76 -16.53 -29.68
C GLY B 631 21.28 -16.35 -29.33
N GLU B 632 20.62 -17.39 -28.79
CA GLU B 632 19.20 -17.27 -28.49
C GLU B 632 19.03 -16.87 -27.03
N GLY B 633 18.21 -15.83 -26.75
CA GLY B 633 18.06 -15.34 -25.39
C GLY B 633 17.24 -16.30 -24.52
N VAL B 634 17.89 -16.89 -23.51
CA VAL B 634 17.30 -17.88 -22.64
C VAL B 634 16.45 -17.15 -21.58
N GLY B 635 16.85 -15.91 -21.28
CA GLY B 635 16.11 -15.03 -20.38
C GLY B 635 17.00 -14.39 -19.31
N ARG B 636 16.41 -13.56 -18.44
CA ARG B 636 17.09 -12.94 -17.30
C ARG B 636 17.31 -14.00 -16.22
N HIS B 637 18.45 -13.93 -15.53
CA HIS B 637 18.59 -14.70 -14.30
C HIS B 637 18.66 -13.74 -13.15
N TRP B 638 18.12 -14.16 -12.00
CA TRP B 638 18.29 -13.38 -10.79
C TRP B 638 18.28 -14.27 -9.55
N PRO B 639 19.12 -15.34 -9.50
CA PRO B 639 19.21 -16.19 -8.31
C PRO B 639 19.59 -15.38 -7.08
N GLY B 640 20.29 -14.24 -7.30
CA GLY B 640 20.70 -13.39 -6.20
C GLY B 640 19.52 -12.76 -5.47
N TYR B 641 18.32 -12.76 -6.08
CA TYR B 641 17.20 -12.17 -5.38
C TYR B 641 16.50 -13.28 -4.59
N ILE B 642 16.71 -13.28 -3.28
CA ILE B 642 16.19 -14.35 -2.43
C ILE B 642 14.68 -14.16 -2.31
N ALA B 643 13.93 -15.27 -2.43
CA ALA B 643 12.48 -15.27 -2.25
C ALA B 643 12.10 -14.75 -0.87
N GLN B 644 11.26 -13.72 -0.87
CA GLN B 644 10.67 -13.16 0.35
C GLN B 644 9.15 -13.37 0.30
N GLY B 645 8.57 -13.74 1.44
CA GLY B 645 7.14 -13.87 1.56
C GLY B 645 6.79 -14.75 2.76
N ASP B 646 5.53 -15.16 2.80
CA ASP B 646 5.03 -16.03 3.87
C ASP B 646 4.78 -17.42 3.28
N CYS B 647 5.62 -18.40 3.64
CA CYS B 647 5.41 -19.74 3.15
C CYS B 647 4.83 -20.57 4.29
N SER B 648 3.51 -20.52 4.43
CA SER B 648 2.84 -21.40 5.39
C SER B 648 2.42 -22.69 4.68
N LYS B 649 2.46 -23.82 5.41
CA LYS B 649 1.96 -25.07 4.88
C LYS B 649 0.44 -24.89 4.70
N CYS B 650 -0.15 -25.50 3.65
CA CYS B 650 -1.52 -25.14 3.29
C CYS B 650 -2.39 -26.38 3.05
N SER B 651 -3.69 -26.20 3.31
CA SER B 651 -4.75 -27.17 3.07
C SER B 651 -5.50 -26.80 1.80
N TYR B 652 -5.99 -27.81 1.05
CA TYR B 652 -6.77 -27.53 -0.16
C TYR B 652 -8.05 -26.82 0.23
N ALA B 653 -8.55 -27.06 1.46
CA ALA B 653 -9.93 -26.67 1.79
C ALA B 653 -10.01 -25.17 2.09
N GLY B 654 -11.11 -24.53 1.66
CA GLY B 654 -11.37 -23.15 1.93
C GLY B 654 -10.91 -22.20 0.82
N THR B 655 -11.37 -20.96 0.93
CA THR B 655 -11.09 -19.97 -0.11
C THR B 655 -9.58 -19.81 -0.31
N PHE B 656 -9.14 -20.02 -1.56
CA PHE B 656 -7.76 -19.87 -1.95
C PHE B 656 -7.49 -18.42 -2.37
N ASN B 657 -6.25 -17.97 -2.15
CA ASN B 657 -5.73 -16.75 -2.74
C ASN B 657 -4.28 -17.01 -3.10
N GLU B 658 -3.70 -16.13 -3.91
CA GLU B 658 -2.41 -16.52 -4.49
C GLU B 658 -1.32 -16.58 -3.42
N LYS B 659 -1.57 -16.12 -2.18
CA LYS B 659 -0.52 -16.19 -1.17
C LYS B 659 -0.71 -17.41 -0.25
N LYS B 660 -1.79 -18.18 -0.43
CA LYS B 660 -2.09 -19.27 0.49
C LYS B 660 -1.04 -20.39 0.51
N CYS B 661 -0.47 -20.78 -0.64
CA CYS B 661 0.35 -21.99 -0.68
C CYS B 661 1.71 -21.66 -1.30
N GLN B 662 2.44 -20.74 -0.67
CA GLN B 662 3.72 -20.28 -1.22
C GLN B 662 4.86 -21.13 -0.69
N THR B 663 5.88 -21.33 -1.53
CA THR B 663 7.00 -22.25 -1.27
C THR B 663 8.29 -21.53 -1.65
N ASN B 664 9.44 -22.06 -1.19
CA ASN B 664 10.75 -21.62 -1.65
C ASN B 664 11.18 -20.33 -0.94
N CYS B 665 10.48 -19.91 0.12
CA CYS B 665 10.90 -18.72 0.87
C CYS B 665 12.34 -18.92 1.35
N GLY B 666 13.17 -17.87 1.25
CA GLY B 666 14.54 -17.90 1.75
C GLY B 666 15.55 -18.50 0.77
N GLN B 667 15.11 -18.97 -0.40
CA GLN B 667 15.95 -19.61 -1.40
C GLN B 667 16.02 -18.68 -2.62
N PRO B 668 17.00 -18.80 -3.53
CA PRO B 668 16.99 -18.06 -4.80
C PRO B 668 15.58 -18.15 -5.40
N SER B 669 15.01 -16.97 -5.74
CA SER B 669 13.64 -16.90 -6.26
C SER B 669 13.55 -17.75 -7.54
N GLN B 670 14.64 -17.83 -8.31
CA GLN B 670 14.75 -18.77 -9.42
C GLN B 670 16.21 -19.16 -9.57
N ARG B 671 16.42 -20.48 -9.52
CA ARG B 671 17.76 -21.07 -9.55
C ARG B 671 18.01 -21.75 -10.88
N TRP B 672 16.98 -22.47 -11.41
CA TRP B 672 17.08 -23.21 -12.65
C TRP B 672 16.45 -22.43 -13.80
N TYR B 673 17.18 -22.38 -14.92
CA TYR B 673 16.82 -21.65 -16.14
C TYR B 673 16.70 -22.58 -17.33
N HIS B 674 15.45 -22.71 -17.79
CA HIS B 674 15.06 -23.57 -18.89
C HIS B 674 15.89 -23.34 -20.15
N VAL B 675 16.52 -24.42 -20.67
CA VAL B 675 17.17 -24.38 -21.96
C VAL B 675 16.40 -25.32 -22.88
N PRO B 676 15.60 -24.77 -23.83
CA PRO B 676 14.89 -25.63 -24.79
C PRO B 676 15.88 -26.50 -25.59
N ARG B 677 15.53 -27.78 -25.76
CA ARG B 677 16.43 -28.70 -26.45
C ARG B 677 16.59 -28.31 -27.91
N SER B 678 15.54 -27.68 -28.48
CA SER B 678 15.55 -27.36 -29.89
C SER B 678 16.56 -26.23 -30.17
N TRP B 679 17.14 -25.66 -29.09
CA TRP B 679 18.11 -24.58 -29.29
C TRP B 679 19.53 -25.11 -29.38
N LEU B 680 19.69 -26.42 -29.13
CA LEU B 680 21.00 -27.05 -29.13
C LEU B 680 21.30 -27.75 -30.45
N LYS B 681 22.59 -27.75 -30.82
CA LYS B 681 23.17 -28.70 -31.77
C LYS B 681 23.98 -29.73 -30.96
N PRO B 682 24.42 -30.88 -31.54
CA PRO B 682 25.07 -31.93 -30.75
C PRO B 682 26.35 -31.48 -30.05
N SER B 683 27.13 -30.65 -30.76
CA SER B 683 28.43 -30.18 -30.27
C SER B 683 28.63 -28.69 -30.56
N GLY B 684 29.49 -28.10 -29.72
CA GLY B 684 29.95 -26.73 -29.87
C GLY B 684 28.82 -25.73 -29.63
N ASN B 685 27.97 -26.00 -28.62
CA ASN B 685 26.97 -25.01 -28.25
C ASN B 685 27.66 -23.85 -27.52
N LEU B 686 27.30 -22.61 -27.87
CA LEU B 686 27.88 -21.45 -27.21
C LEU B 686 26.94 -20.97 -26.12
N LEU B 687 27.49 -20.95 -24.89
CA LEU B 687 26.79 -20.40 -23.74
C LEU B 687 27.47 -19.11 -23.30
N VAL B 688 26.72 -18.00 -23.36
CA VAL B 688 27.20 -16.71 -22.92
C VAL B 688 26.30 -16.28 -21.76
N VAL B 689 26.95 -15.79 -20.70
CA VAL B 689 26.25 -15.23 -19.56
C VAL B 689 26.73 -13.79 -19.37
N PHE B 690 25.80 -12.81 -19.33
CA PHE B 690 26.17 -11.53 -18.73
C PHE B 690 25.83 -11.53 -17.24
N GLU B 691 26.87 -11.36 -16.42
CA GLU B 691 26.69 -11.33 -14.97
C GLU B 691 26.76 -9.87 -14.47
N GLU B 692 25.60 -9.32 -14.08
CA GLU B 692 25.50 -7.92 -13.67
C GLU B 692 26.07 -7.72 -12.26
N TRP B 693 25.75 -8.64 -11.35
CA TRP B 693 26.03 -8.43 -9.94
C TRP B 693 27.38 -9.04 -9.56
N GLY B 694 27.60 -10.31 -9.94
CA GLY B 694 28.80 -11.01 -9.45
C GLY B 694 28.50 -12.48 -9.18
N GLY B 695 29.34 -13.36 -9.75
CA GLY B 695 29.10 -14.78 -9.62
C GLY B 695 30.39 -15.57 -9.82
N ASN B 696 30.30 -16.88 -9.61
CA ASN B 696 31.33 -17.81 -10.04
C ASN B 696 30.80 -18.73 -11.14
N PRO B 697 31.22 -18.55 -12.40
CA PRO B 697 30.68 -19.34 -13.50
C PRO B 697 31.02 -20.82 -13.42
N THR B 698 32.11 -21.14 -12.70
CA THR B 698 32.57 -22.52 -12.62
C THR B 698 31.47 -23.36 -11.97
N GLY B 699 30.65 -22.75 -11.11
CA GLY B 699 29.56 -23.43 -10.43
C GLY B 699 28.33 -23.65 -11.31
N ILE B 700 28.33 -23.16 -12.57
CA ILE B 700 27.22 -23.35 -13.50
C ILE B 700 27.28 -24.76 -14.13
N SER B 701 26.15 -25.48 -14.12
CA SER B 701 26.06 -26.77 -14.79
C SER B 701 24.76 -26.92 -15.59
N LEU B 702 24.77 -27.84 -16.56
CA LEU B 702 23.55 -28.29 -17.21
C LEU B 702 22.93 -29.34 -16.30
N VAL B 703 21.59 -29.32 -16.21
CA VAL B 703 20.85 -30.38 -15.52
C VAL B 703 19.77 -30.92 -16.46
N ARG B 704 19.47 -32.20 -16.27
CA ARG B 704 18.34 -32.88 -16.89
C ARG B 704 17.19 -32.82 -15.90
N ARG B 705 15.98 -32.48 -16.40
CA ARG B 705 14.83 -32.47 -15.52
C ARG B 705 13.98 -33.71 -15.74
N SER B 706 13.55 -34.30 -14.64
CA SER B 706 12.62 -35.41 -14.66
C SER B 706 11.66 -35.25 -13.50
N ARG B 707 10.48 -35.88 -13.61
CA ARG B 707 9.61 -35.96 -12.45
C ARG B 707 9.32 -37.41 -12.12
N SER B 708 9.05 -37.66 -10.84
CA SER B 708 8.86 -39.02 -10.36
C SER B 708 8.18 -39.03 -9.01
N ALA B 709 7.40 -40.10 -8.75
CA ALA B 709 6.95 -40.46 -7.42
C ALA B 709 8.18 -40.76 -6.54
C1 NAG C . -34.10 -2.35 20.21
C2 NAG C . -35.28 -1.51 20.63
C3 NAG C . -36.55 -2.24 20.19
C4 NAG C . -36.59 -2.47 18.68
C5 NAG C . -35.37 -3.27 18.26
C6 NAG C . -35.27 -3.38 16.75
C7 NAG C . -34.92 -0.37 22.72
C8 NAG C . -34.93 -0.48 24.21
N2 NAG C . -35.21 -1.46 22.05
O3 NAG C . -37.70 -1.52 20.59
O4 NAG C . -37.75 -3.21 18.28
O5 NAG C . -34.18 -2.67 18.80
O6 NAG C . -34.42 -2.32 16.28
O7 NAG C . -34.68 0.67 22.17
C1 NAG C . -38.67 -2.42 17.49
C2 NAG C . -39.46 -3.31 16.52
C3 NAG C . -40.17 -2.35 15.58
C4 NAG C . -41.15 -1.48 16.39
C5 NAG C . -40.34 -0.66 17.42
C6 NAG C . -41.19 0.24 18.32
C7 NAG C . -38.42 -5.55 16.04
C8 NAG C . -37.73 -6.35 14.98
N2 NAG C . -38.63 -4.24 15.76
O3 NAG C . -40.81 -3.03 14.50
O4 NAG C . -41.94 -0.67 15.50
O5 NAG C . -39.53 -1.53 18.25
O6 NAG C . -41.75 -0.53 19.39
O7 NAG C . -38.75 -6.09 17.08
C1 NAG D . -29.49 -22.09 -14.77
C2 NAG D . -30.06 -21.53 -13.49
C3 NAG D . -31.58 -21.50 -13.57
C4 NAG D . -32.02 -20.75 -14.85
C5 NAG D . -31.40 -21.42 -16.04
C6 NAG D . -31.81 -20.85 -17.40
C7 NAG D . -29.19 -21.99 -11.35
C8 NAG D . -28.80 -23.02 -10.33
N2 NAG D . -29.68 -22.46 -12.47
O3 NAG D . -31.99 -20.92 -12.34
O4 NAG D . -33.44 -20.75 -15.09
O5 NAG D . -29.98 -21.30 -15.88
O6 NAG D . -31.57 -19.44 -17.40
O7 NAG D . -29.06 -20.78 -11.25
C1 NAG D . -33.90 -19.40 -14.89
C2 NAG D . -35.16 -19.11 -15.74
C3 NAG D . -35.66 -17.70 -15.41
C4 NAG D . -35.88 -17.60 -13.90
C5 NAG D . -34.49 -17.74 -13.25
C6 NAG D . -34.44 -17.40 -11.75
C7 NAG D . -35.32 -20.35 -17.89
C8 NAG D . -34.82 -20.46 -19.30
N2 NAG D . -34.93 -19.27 -17.18
O3 NAG D . -36.87 -17.47 -16.13
O4 NAG D . -36.59 -16.39 -13.52
O5 NAG D . -34.03 -19.09 -13.49
O6 NAG D . -35.09 -18.44 -11.03
O7 NAG D . -36.06 -21.19 -17.42
C1 NAG E . 2.05 32.68 -3.18
C2 NAG E . 1.61 34.16 -3.06
C3 NAG E . 1.69 34.85 -4.43
C4 NAG E . 3.09 34.72 -5.04
C5 NAG E . 3.55 33.25 -5.05
C6 NAG E . 5.02 33.25 -5.46
C7 NAG E . -0.06 34.50 -1.19
C8 NAG E . 1.08 34.53 -0.24
N2 NAG E . 0.25 34.39 -2.51
O3 NAG E . 1.25 36.20 -4.24
O4 NAG E . 3.12 35.24 -6.39
O5 NAG E . 3.36 32.56 -3.79
O6 NAG E . 5.58 31.94 -5.42
O7 NAG E . -1.22 34.55 -0.75
C1 GAL F . -13.77 13.47 16.41
C2 GAL F . -12.95 13.24 15.12
C3 GAL F . -11.63 12.53 15.50
C4 GAL F . -10.94 13.33 16.60
C5 GAL F . -11.91 13.47 17.78
C6 GAL F . -11.30 14.27 18.92
O1 GAL F . -14.87 14.30 16.14
O2 GAL F . -13.67 12.43 14.17
O3 GAL F . -10.79 12.43 14.33
O4 GAL F . -10.55 14.66 16.12
O5 GAL F . -12.98 14.29 17.29
O6 GAL F . -10.05 13.68 19.38
C1 NAG G . 12.98 12.55 -23.60
C2 NAG G . 12.86 13.65 -22.52
C3 NAG G . 12.94 15.07 -23.13
C4 NAG G . 14.17 15.28 -24.04
C5 NAG G . 14.22 14.09 -25.00
C6 NAG G . 15.43 14.12 -25.89
C7 NAG G . 11.50 12.84 -20.56
C8 NAG G . 12.61 12.07 -19.98
N2 NAG G . 11.64 13.49 -21.74
O3 NAG G . 12.96 16.00 -22.04
O4 NAG G . 14.09 16.58 -24.71
O5 NAG G . 14.19 12.78 -24.34
O6 NAG G . 15.26 12.98 -26.73
O7 NAG G . 10.45 12.82 -19.91
C1 GAL H . -5.62 -11.55 -15.11
C2 GAL H . -5.09 -11.09 -16.49
C3 GAL H . -4.08 -12.11 -17.01
C4 GAL H . -2.96 -12.37 -15.96
C5 GAL H . -3.61 -12.82 -14.66
C6 GAL H . -2.61 -13.04 -13.50
O1 GAL H . -6.18 -10.44 -14.47
O2 GAL H . -6.19 -11.08 -17.39
O3 GAL H . -3.48 -11.56 -18.20
O4 GAL H . -2.20 -11.17 -15.74
O5 GAL H . -4.50 -11.77 -14.24
O6 GAL H . -1.70 -14.11 -13.87
#